data_6WZ4
#
_entry.id   6WZ4
#
_cell.length_a   78.034
_cell.length_b   129.754
_cell.length_c   81.409
_cell.angle_alpha   90.000
_cell.angle_beta   118.720
_cell.angle_gamma   90.000
#
_symmetry.space_group_name_H-M   'P 1 21 1'
#
loop_
_entity.id
_entity.type
_entity.pdbx_description
1 polymer Glutaminase-asparaginase
2 non-polymer 'ASPARTIC ACID'
3 water water
#
_entity_poly.entity_id   1
_entity_poly.type   'polypeptide(L)'
_entity_poly.pdbx_seq_one_letter_code
;KEAETQQKLANVVILATGGTIAGAGASAANSATYQAAKLGVDKLIAGVPELADIANVRGEQVMQIASESISNDDLLKLGK
RVAELAESKDVDGIVITHGTDTLEETAFFLNLVEKTDKPIVVVGSMRPGTAMSADGMLNLYNAVAVASDKQSRGKGVLVT
MNDEIQSGRDVSMAVNIKTEAFKSAWGPMGMVVEGKSYWFRLPAKRHTVNSEFDIKQISSLPQVDIAYGYGNVTDTAYKA
LAQNGAKALIHAGTGNGSVSSRVVPALQELRKNGVQIIRSSHVNQGGFVLRNAEQPDDKNDWVVAHDLNPQKARILAMVA
MTKTQDSKELQRIFWEY
;
_entity_poly.pdbx_strand_id   A,B,C,D
#
# COMPACT_ATOMS: atom_id res chain seq x y z
N LYS A 8 13.28 8.67 -37.31
CA LYS A 8 11.85 8.75 -37.76
C LYS A 8 10.94 8.68 -36.52
N LEU A 9 10.04 9.64 -36.35
CA LEU A 9 9.17 9.74 -35.16
C LEU A 9 7.89 8.94 -35.42
N ALA A 10 7.35 8.34 -34.39
CA ALA A 10 6.05 7.65 -34.46
C ALA A 10 4.94 8.65 -34.73
N ASN A 11 3.90 8.24 -35.46
CA ASN A 11 2.67 9.02 -35.68
C ASN A 11 1.66 8.61 -34.62
N VAL A 12 1.34 9.53 -33.74
CA VAL A 12 0.39 9.27 -32.63
C VAL A 12 -0.84 10.15 -32.84
N VAL A 13 -2.01 9.53 -32.75
CA VAL A 13 -3.27 10.29 -32.77
C VAL A 13 -3.79 10.41 -31.34
N ILE A 14 -4.13 11.61 -30.95
CA ILE A 14 -4.79 11.89 -29.65
C ILE A 14 -6.28 12.02 -29.91
N LEU A 15 -7.05 11.12 -29.32
CA LEU A 15 -8.52 11.16 -29.34
C LEU A 15 -9.04 11.74 -28.03
N ALA A 16 -9.57 12.94 -28.06
CA ALA A 16 -10.06 13.63 -26.86
C ALA A 16 -11.52 13.24 -26.58
N THR A 17 -11.86 12.97 -25.32
CA THR A 17 -13.25 12.64 -24.91
C THR A 17 -13.76 13.58 -23.83
N GLY A 18 -12.95 14.50 -23.31
CA GLY A 18 -13.31 15.41 -22.21
C GLY A 18 -12.49 15.19 -20.94
N GLY A 19 -13.16 15.27 -19.81
CA GLY A 19 -12.56 15.00 -18.49
C GLY A 19 -11.85 16.18 -17.87
N THR A 20 -11.33 15.91 -16.67
CA THR A 20 -10.58 16.89 -15.84
C THR A 20 -9.34 17.38 -16.61
N ILE A 21 -8.74 16.54 -17.43
CA ILE A 21 -7.48 16.87 -18.14
C ILE A 21 -7.81 18.01 -19.12
N ALA A 22 -9.05 18.10 -19.57
CA ALA A 22 -9.58 19.20 -20.43
C ALA A 22 -10.40 20.17 -19.61
N GLY A 23 -10.24 20.18 -18.29
CA GLY A 23 -11.09 20.93 -17.35
C GLY A 23 -10.52 22.30 -17.01
N ALA A 24 -11.32 23.12 -16.31
CA ALA A 24 -10.93 24.48 -15.91
C ALA A 24 -11.54 24.78 -14.54
N GLY A 25 -10.75 25.38 -13.67
CA GLY A 25 -11.22 25.88 -12.37
C GLY A 25 -11.09 27.40 -12.33
N ALA A 26 -11.65 28.00 -11.30
CA ALA A 26 -11.82 29.47 -11.21
C ALA A 26 -10.46 30.15 -10.94
N SER A 27 -9.51 29.45 -10.30
CA SER A 27 -8.21 30.08 -9.93
C SER A 27 -7.16 28.97 -9.82
N ALA A 28 -5.89 29.34 -9.70
CA ALA A 28 -4.78 28.35 -9.67
C ALA A 28 -4.88 27.50 -8.39
N ALA A 29 -5.55 27.95 -7.34
CA ALA A 29 -5.68 27.19 -6.07
C ALA A 29 -6.79 26.14 -6.17
N ASN A 30 -7.60 26.17 -7.23
CA ASN A 30 -8.69 25.17 -7.42
C ASN A 30 -8.16 23.88 -8.07
N SER A 31 -7.56 23.01 -7.26
CA SER A 31 -7.05 21.68 -7.74
C SER A 31 -8.17 20.63 -7.78
N ALA A 32 -9.27 20.81 -7.04
CA ALA A 32 -10.32 19.79 -6.79
C ALA A 32 -11.74 20.25 -7.17
N THR A 33 -11.97 21.57 -7.26
CA THR A 33 -13.28 22.17 -7.62
C THR A 33 -13.11 22.82 -9.00
N TYR A 34 -13.67 22.22 -10.05
CA TYR A 34 -13.47 22.68 -11.44
C TYR A 34 -14.66 22.18 -12.27
N GLN A 35 -14.67 22.55 -13.54
CA GLN A 35 -15.61 22.01 -14.56
C GLN A 35 -14.82 21.19 -15.58
N ALA A 36 -15.21 19.94 -15.80
CA ALA A 36 -14.54 19.04 -16.78
C ALA A 36 -14.91 19.46 -18.20
N ALA A 37 -14.14 19.04 -19.18
CA ALA A 37 -14.54 18.95 -20.60
C ALA A 37 -14.82 20.36 -21.15
N LYS A 38 -13.95 21.32 -20.86
CA LYS A 38 -14.06 22.71 -21.38
C LYS A 38 -13.08 22.94 -22.54
N LEU A 39 -11.89 22.35 -22.53
CA LEU A 39 -10.83 22.65 -23.53
C LEU A 39 -10.93 21.65 -24.67
N GLY A 40 -10.83 22.11 -25.91
CA GLY A 40 -10.75 21.26 -27.09
C GLY A 40 -9.35 20.67 -27.24
N VAL A 41 -9.27 19.63 -28.05
CA VAL A 41 -8.06 18.81 -28.24
C VAL A 41 -6.92 19.70 -28.78
N ASP A 42 -7.20 20.68 -29.63
CA ASP A 42 -6.09 21.49 -30.20
C ASP A 42 -5.44 22.32 -29.10
N LYS A 43 -6.20 22.88 -28.16
CA LYS A 43 -5.64 23.63 -27.02
C LYS A 43 -4.91 22.68 -26.06
N LEU A 44 -5.40 21.45 -25.88
CA LEU A 44 -4.72 20.50 -24.98
C LEU A 44 -3.33 20.24 -25.54
N ILE A 45 -3.25 19.94 -26.82
CA ILE A 45 -1.97 19.61 -27.50
C ILE A 45 -1.08 20.85 -27.46
N ALA A 46 -1.64 22.04 -27.69
CA ALA A 46 -0.83 23.28 -27.75
C ALA A 46 -0.21 23.56 -26.37
N GLY A 47 -0.82 23.08 -25.28
CA GLY A 47 -0.33 23.26 -23.91
C GLY A 47 0.88 22.41 -23.62
N VAL A 48 1.21 21.43 -24.47
CA VAL A 48 2.41 20.60 -24.30
C VAL A 48 3.20 20.60 -25.60
N PRO A 49 3.82 21.74 -25.95
CA PRO A 49 4.56 21.81 -27.20
C PRO A 49 5.74 20.86 -27.26
N GLU A 50 6.22 20.39 -26.11
CA GLU A 50 7.29 19.39 -26.06
C GLU A 50 6.85 18.05 -26.67
N LEU A 51 5.55 17.79 -26.94
CA LEU A 51 5.11 16.53 -27.57
C LEU A 51 5.84 16.33 -28.91
N ALA A 52 6.17 17.42 -29.60
CA ALA A 52 6.83 17.30 -30.93
C ALA A 52 8.21 16.67 -30.79
N ASP A 53 8.86 16.76 -29.64
CA ASP A 53 10.18 16.13 -29.42
C ASP A 53 10.06 14.59 -29.39
N ILE A 54 8.87 14.01 -29.13
CA ILE A 54 8.79 12.55 -28.96
C ILE A 54 7.89 11.89 -30.01
N ALA A 55 7.04 12.61 -30.72
CA ALA A 55 6.16 12.00 -31.74
C ALA A 55 5.60 13.07 -32.66
N ASN A 56 5.10 12.60 -33.80
CA ASN A 56 4.26 13.44 -34.70
C ASN A 56 2.82 13.23 -34.27
N VAL A 57 2.21 14.27 -33.70
CA VAL A 57 0.91 14.17 -33.01
C VAL A 57 -0.14 14.88 -33.83
N ARG A 58 -1.33 14.31 -33.92
CA ARG A 58 -2.52 15.08 -34.30
C ARG A 58 -3.69 14.70 -33.41
N GLY A 59 -4.59 15.65 -33.27
CA GLY A 59 -5.72 15.58 -32.33
C GLY A 59 -7.04 15.40 -33.04
N GLU A 60 -7.94 14.62 -32.48
CA GLU A 60 -9.37 14.60 -32.90
C GLU A 60 -10.27 14.73 -31.68
N GLN A 61 -11.36 15.44 -31.79
CA GLN A 61 -12.38 15.56 -30.72
C GLN A 61 -13.46 14.50 -30.97
N VAL A 62 -13.42 13.40 -30.24
CA VAL A 62 -14.42 12.32 -30.44
C VAL A 62 -15.70 12.74 -29.71
N MET A 63 -15.57 13.27 -28.51
CA MET A 63 -16.70 13.74 -27.69
C MET A 63 -16.14 14.70 -26.65
N GLN A 64 -17.00 15.32 -25.86
CA GLN A 64 -16.61 16.36 -24.88
C GLN A 64 -17.50 16.17 -23.67
N ILE A 65 -17.15 15.19 -22.80
CA ILE A 65 -18.02 14.82 -21.66
C ILE A 65 -17.22 14.74 -20.35
N ALA A 66 -17.97 14.87 -19.27
CA ALA A 66 -17.54 14.41 -17.94
C ALA A 66 -17.78 12.90 -17.92
N SER A 67 -16.72 12.12 -17.65
CA SER A 67 -16.78 10.66 -17.86
C SER A 67 -17.78 9.96 -16.93
N GLU A 68 -18.22 10.58 -15.83
CA GLU A 68 -19.29 9.94 -15.01
C GLU A 68 -20.57 9.80 -15.81
N SER A 69 -20.69 10.53 -16.92
CA SER A 69 -21.94 10.56 -17.72
C SER A 69 -21.79 9.79 -19.02
N ILE A 70 -20.73 8.98 -19.17
CA ILE A 70 -20.50 8.17 -20.40
C ILE A 70 -21.64 7.16 -20.58
N SER A 71 -21.92 6.86 -21.84
CA SER A 71 -22.94 5.87 -22.22
C SER A 71 -22.27 4.76 -23.02
N ASN A 72 -22.98 3.64 -23.18
CA ASN A 72 -22.58 2.53 -24.05
C ASN A 72 -22.47 3.03 -25.49
N ASP A 73 -23.32 3.95 -25.92
CA ASP A 73 -23.18 4.51 -27.29
C ASP A 73 -21.86 5.28 -27.44
N ASP A 74 -21.41 5.96 -26.39
CA ASP A 74 -20.09 6.65 -26.40
C ASP A 74 -18.95 5.65 -26.48
N LEU A 75 -19.00 4.55 -25.71
CA LEU A 75 -17.96 3.47 -25.81
C LEU A 75 -17.87 2.94 -27.24
N LEU A 76 -19.01 2.64 -27.85
CA LEU A 76 -19.04 2.09 -29.22
C LEU A 76 -18.44 3.09 -30.21
N LYS A 77 -18.78 4.35 -30.09
CA LYS A 77 -18.25 5.41 -30.98
C LYS A 77 -16.73 5.46 -30.84
N LEU A 78 -16.24 5.54 -29.60
CA LEU A 78 -14.79 5.61 -29.35
C LEU A 78 -14.12 4.33 -29.84
N GLY A 79 -14.69 3.17 -29.50
CA GLY A 79 -14.09 1.90 -29.91
C GLY A 79 -13.98 1.78 -31.42
N LYS A 80 -15.04 2.21 -32.10
CA LYS A 80 -15.03 2.12 -33.58
C LYS A 80 -14.00 3.07 -34.16
N ARG A 81 -13.87 4.28 -33.62
CA ARG A 81 -12.87 5.24 -34.15
C ARG A 81 -11.47 4.72 -33.89
N VAL A 82 -11.20 4.15 -32.69
CA VAL A 82 -9.89 3.54 -32.40
C VAL A 82 -9.57 2.48 -33.45
N ALA A 83 -10.53 1.65 -33.79
CA ALA A 83 -10.37 0.53 -34.72
C ALA A 83 -10.00 1.09 -36.11
N GLU A 84 -10.70 2.13 -36.55
CA GLU A 84 -10.41 2.78 -37.87
C GLU A 84 -8.97 3.30 -37.88
N LEU A 85 -8.51 3.89 -36.79
CA LEU A 85 -7.14 4.45 -36.76
C LEU A 85 -6.13 3.31 -36.71
N ALA A 86 -6.41 2.26 -35.94
CA ALA A 86 -5.49 1.15 -35.77
C ALA A 86 -5.28 0.43 -37.11
N GLU A 87 -6.29 0.44 -37.98
CA GLU A 87 -6.21 -0.18 -39.32
C GLU A 87 -5.42 0.72 -40.28
N SER A 88 -5.17 1.97 -39.93
CA SER A 88 -4.44 2.92 -40.82
C SER A 88 -2.93 2.70 -40.75
N LYS A 89 -2.27 2.51 -41.90
CA LYS A 89 -0.79 2.41 -41.96
C LYS A 89 -0.13 3.72 -41.47
N ASP A 90 -0.83 4.86 -41.44
CA ASP A 90 -0.30 6.20 -41.06
C ASP A 90 -0.37 6.39 -39.54
N VAL A 91 -0.87 5.39 -38.79
CA VAL A 91 -1.02 5.55 -37.32
C VAL A 91 -0.15 4.51 -36.64
N ASP A 92 0.75 4.94 -35.72
CA ASP A 92 1.64 4.03 -34.97
C ASP A 92 1.07 3.78 -33.57
N GLY A 93 0.43 4.78 -32.99
CA GLY A 93 -0.06 4.68 -31.60
C GLY A 93 -1.21 5.61 -31.39
N ILE A 94 -2.04 5.33 -30.36
CA ILE A 94 -3.25 6.09 -30.08
C ILE A 94 -3.26 6.45 -28.58
N VAL A 95 -3.50 7.70 -28.29
CA VAL A 95 -3.73 8.18 -26.92
C VAL A 95 -5.17 8.64 -26.82
N ILE A 96 -5.85 8.28 -25.75
CA ILE A 96 -7.22 8.74 -25.49
C ILE A 96 -7.18 9.63 -24.24
N THR A 97 -7.60 10.89 -24.29
CA THR A 97 -7.66 11.74 -23.09
C THR A 97 -9.07 11.58 -22.56
N HIS A 98 -9.21 11.41 -21.25
CA HIS A 98 -10.46 10.88 -20.65
C HIS A 98 -10.61 11.36 -19.24
N GLY A 99 -11.85 11.53 -18.80
CA GLY A 99 -12.13 11.79 -17.40
C GLY A 99 -11.70 10.62 -16.55
N THR A 100 -11.40 10.87 -15.29
CA THR A 100 -10.92 9.78 -14.39
C THR A 100 -12.06 8.86 -13.97
N ASP A 101 -13.26 9.37 -13.79
CA ASP A 101 -14.32 8.60 -13.12
C ASP A 101 -14.53 7.22 -13.74
N THR A 102 -14.58 7.14 -15.07
CA THR A 102 -14.82 5.87 -15.77
C THR A 102 -13.67 5.51 -16.70
N LEU A 103 -12.52 6.10 -16.49
CA LEU A 103 -11.31 5.83 -17.30
C LEU A 103 -11.06 4.32 -17.28
N GLU A 104 -11.18 3.70 -16.13
CA GLU A 104 -10.84 2.28 -15.94
C GLU A 104 -11.81 1.38 -16.74
N GLU A 105 -13.04 1.85 -16.99
CA GLU A 105 -14.07 1.10 -17.72
C GLU A 105 -13.72 1.17 -19.22
N THR A 106 -13.47 2.37 -19.71
CA THR A 106 -13.06 2.56 -21.11
C THR A 106 -11.76 1.78 -21.40
N ALA A 107 -10.75 1.86 -20.54
CA ALA A 107 -9.47 1.18 -20.81
C ALA A 107 -9.68 -0.33 -20.90
N PHE A 108 -10.51 -0.90 -20.01
CA PHE A 108 -10.77 -2.36 -20.04
C PHE A 108 -11.57 -2.71 -21.29
N PHE A 109 -12.57 -1.89 -21.61
CA PHE A 109 -13.40 -2.15 -22.82
C PHE A 109 -12.50 -2.24 -24.06
N LEU A 110 -11.63 -1.27 -24.22
CA LEU A 110 -10.73 -1.25 -25.40
C LEU A 110 -9.79 -2.44 -25.37
N ASN A 111 -9.32 -2.84 -24.19
CA ASN A 111 -8.42 -3.99 -24.05
C ASN A 111 -9.08 -5.28 -24.56
N LEU A 112 -10.40 -5.35 -24.51
CA LEU A 112 -11.17 -6.56 -24.88
C LEU A 112 -11.50 -6.55 -26.37
N VAL A 113 -11.68 -5.40 -26.98
CA VAL A 113 -12.38 -5.35 -28.31
C VAL A 113 -11.46 -4.84 -29.41
N GLU A 114 -10.27 -4.33 -29.11
CA GLU A 114 -9.39 -3.74 -30.17
C GLU A 114 -8.35 -4.79 -30.55
N LYS A 115 -8.49 -5.41 -31.73
CA LYS A 115 -7.62 -6.54 -32.10
C LYS A 115 -6.40 -5.97 -32.81
N THR A 116 -5.53 -5.30 -32.08
CA THR A 116 -4.35 -4.59 -32.63
C THR A 116 -3.20 -4.73 -31.63
N ASP A 117 -1.99 -4.80 -32.12
CA ASP A 117 -0.78 -4.73 -31.27
C ASP A 117 -0.31 -3.28 -31.21
N LYS A 118 -0.93 -2.35 -31.93
CA LYS A 118 -0.48 -0.94 -31.86
C LYS A 118 -0.80 -0.41 -30.46
N PRO A 119 0.11 0.38 -29.85
CA PRO A 119 -0.14 0.89 -28.50
C PRO A 119 -1.40 1.74 -28.43
N ILE A 120 -2.18 1.51 -27.38
CA ILE A 120 -3.37 2.32 -27.04
C ILE A 120 -3.21 2.74 -25.58
N VAL A 121 -3.20 4.02 -25.36
CA VAL A 121 -2.95 4.55 -24.00
C VAL A 121 -4.14 5.44 -23.64
N VAL A 122 -4.68 5.26 -22.42
CA VAL A 122 -5.76 6.11 -21.91
C VAL A 122 -5.17 6.94 -20.78
N VAL A 123 -5.47 8.24 -20.73
CA VAL A 123 -4.83 9.12 -19.75
C VAL A 123 -5.81 10.21 -19.31
N GLY A 124 -5.75 10.58 -18.05
CA GLY A 124 -6.51 11.68 -17.45
C GLY A 124 -5.64 12.48 -16.53
N SER A 125 -6.29 13.26 -15.71
CA SER A 125 -5.59 14.05 -14.68
C SER A 125 -6.53 14.23 -13.49
N MET A 126 -5.93 14.38 -12.33
CA MET A 126 -6.68 14.61 -11.08
C MET A 126 -6.91 16.12 -10.85
N ARG A 127 -6.11 16.97 -11.47
CA ARG A 127 -6.23 18.45 -11.36
C ARG A 127 -6.46 18.99 -12.76
N PRO A 128 -7.26 20.07 -12.87
CA PRO A 128 -7.40 20.73 -14.18
C PRO A 128 -6.13 21.48 -14.58
N GLY A 129 -5.93 21.73 -15.87
CA GLY A 129 -4.71 22.38 -16.34
C GLY A 129 -4.60 23.84 -15.89
N THR A 130 -5.67 24.41 -15.29
CA THR A 130 -5.67 25.77 -14.69
C THR A 130 -5.00 25.79 -13.32
N ALA A 131 -4.86 24.62 -12.69
CA ALA A 131 -4.44 24.49 -11.27
C ALA A 131 -2.93 24.63 -11.15
N MET A 132 -2.48 25.18 -10.03
CA MET A 132 -1.09 25.02 -9.56
C MET A 132 -0.71 23.53 -9.60
N SER A 133 0.44 23.21 -10.16
CA SER A 133 1.00 21.85 -10.11
C SER A 133 0.05 20.87 -10.78
N ALA A 134 -0.62 21.31 -11.83
CA ALA A 134 -1.50 20.42 -12.61
C ALA A 134 -0.70 19.22 -13.14
N ASP A 135 -1.31 18.04 -13.08
CA ASP A 135 -0.66 16.75 -13.42
C ASP A 135 -0.84 16.41 -14.90
N GLY A 136 -1.79 17.06 -15.59
CA GLY A 136 -2.21 16.66 -16.94
C GLY A 136 -1.11 16.82 -17.97
N MET A 137 -0.25 17.81 -17.83
CA MET A 137 0.73 18.04 -18.92
C MET A 137 1.72 16.88 -18.98
N LEU A 138 2.34 16.52 -17.84
CA LEU A 138 3.28 15.40 -17.85
C LEU A 138 2.53 14.08 -18.11
N ASN A 139 1.30 13.93 -17.64
CA ASN A 139 0.56 12.69 -17.94
C ASN A 139 0.39 12.56 -19.47
N LEU A 140 0.08 13.64 -20.16
CA LEU A 140 -0.15 13.57 -21.61
C LEU A 140 1.16 13.32 -22.33
N TYR A 141 2.23 13.99 -21.88
CA TYR A 141 3.57 13.74 -22.43
C TYR A 141 3.95 12.27 -22.31
N ASN A 142 3.73 11.71 -21.11
CA ASN A 142 4.04 10.30 -20.85
C ASN A 142 3.16 9.38 -21.66
N ALA A 143 1.91 9.71 -21.87
CA ALA A 143 1.02 8.88 -22.68
C ALA A 143 1.52 8.82 -24.13
N VAL A 144 1.89 9.99 -24.67
CA VAL A 144 2.44 9.99 -26.05
C VAL A 144 3.78 9.28 -26.09
N ALA A 145 4.62 9.41 -25.05
CA ALA A 145 5.90 8.68 -25.00
C ALA A 145 5.65 7.18 -25.06
N VAL A 146 4.75 6.69 -24.24
CA VAL A 146 4.45 5.26 -24.19
C VAL A 146 3.77 4.84 -25.50
N ALA A 147 2.90 5.66 -26.07
CA ALA A 147 2.20 5.26 -27.32
C ALA A 147 3.22 5.22 -28.46
N SER A 148 4.35 5.90 -28.34
CA SER A 148 5.36 6.01 -29.42
C SER A 148 6.44 4.95 -29.25
N ASP A 149 6.39 4.15 -28.19
CA ASP A 149 7.51 3.26 -27.81
C ASP A 149 7.26 1.85 -28.32
N LYS A 150 8.25 1.29 -29.00
CA LYS A 150 8.16 -0.09 -29.52
C LYS A 150 7.90 -1.07 -28.36
N GLN A 151 8.38 -0.78 -27.13
CA GLN A 151 8.15 -1.69 -25.99
C GLN A 151 6.67 -1.78 -25.66
N SER A 152 5.84 -0.84 -26.10
CA SER A 152 4.39 -0.83 -25.77
C SER A 152 3.63 -1.78 -26.70
N ARG A 153 4.21 -2.16 -27.83
CA ARG A 153 3.49 -3.05 -28.78
C ARG A 153 3.16 -4.38 -28.14
N GLY A 154 1.91 -4.81 -28.26
CA GLY A 154 1.45 -6.14 -27.84
C GLY A 154 1.22 -6.23 -26.34
N LYS A 155 1.25 -5.11 -25.62
CA LYS A 155 1.15 -5.12 -24.14
C LYS A 155 -0.29 -4.86 -23.68
N GLY A 156 -1.20 -4.65 -24.63
CA GLY A 156 -2.58 -4.32 -24.32
C GLY A 156 -2.73 -2.85 -24.01
N VAL A 157 -3.93 -2.47 -23.63
CA VAL A 157 -4.20 -1.05 -23.36
C VAL A 157 -3.48 -0.67 -22.09
N LEU A 158 -2.93 0.53 -22.07
CA LEU A 158 -2.10 1.04 -20.97
C LEU A 158 -2.67 2.34 -20.47
N VAL A 159 -2.42 2.61 -19.19
CA VAL A 159 -2.81 3.89 -18.55
C VAL A 159 -1.56 4.50 -17.93
N THR A 160 -1.26 5.76 -18.23
CA THR A 160 0.04 6.36 -17.87
C THR A 160 -0.11 7.61 -17.01
N MET A 161 -0.55 7.45 -15.78
CA MET A 161 -0.61 8.54 -14.80
C MET A 161 0.39 8.28 -13.67
N ASN A 162 0.81 9.33 -12.95
CA ASN A 162 1.68 9.18 -11.74
C ASN A 162 2.99 8.51 -12.14
N ASP A 163 3.50 8.78 -13.36
CA ASP A 163 4.79 8.25 -13.85
C ASP A 163 4.74 6.73 -13.99
N GLU A 164 3.56 6.10 -13.98
CA GLU A 164 3.45 4.63 -14.04
C GLU A 164 2.94 4.17 -15.40
N ILE A 165 3.22 2.92 -15.72
CA ILE A 165 2.57 2.18 -16.84
C ILE A 165 1.70 1.15 -16.15
N GLN A 166 0.39 1.38 -16.17
CA GLN A 166 -0.58 0.47 -15.58
C GLN A 166 -1.33 -0.27 -16.68
N SER A 167 -1.67 -1.53 -16.40
CA SER A 167 -2.55 -2.30 -17.31
C SER A 167 -3.97 -1.74 -17.28
N GLY A 168 -4.51 -1.47 -18.47
CA GLY A 168 -5.92 -1.09 -18.58
C GLY A 168 -6.87 -2.14 -18.07
N ARG A 169 -6.46 -3.40 -18.05
CA ARG A 169 -7.31 -4.48 -17.51
C ARG A 169 -7.72 -4.15 -16.07
N ASP A 170 -6.75 -3.95 -15.18
CA ASP A 170 -7.07 -4.07 -13.73
C ASP A 170 -6.61 -2.84 -12.96
N VAL A 171 -6.17 -1.81 -13.65
CA VAL A 171 -6.02 -0.51 -12.94
C VAL A 171 -7.42 0.04 -12.61
N SER A 172 -7.54 0.67 -11.47
CA SER A 172 -8.81 1.26 -11.03
C SER A 172 -8.57 2.59 -10.35
N MET A 173 -9.55 3.46 -10.38
CA MET A 173 -9.50 4.70 -9.59
C MET A 173 -9.76 4.31 -8.13
N ALA A 174 -8.68 4.32 -7.33
CA ALA A 174 -8.63 3.76 -5.97
C ALA A 174 -8.47 4.85 -4.92
N VAL A 175 -7.84 5.95 -5.25
CA VAL A 175 -7.61 7.04 -4.27
C VAL A 175 -8.23 8.31 -4.83
N ASN A 176 -9.07 8.97 -4.05
CA ASN A 176 -9.64 10.27 -4.48
C ASN A 176 -8.64 11.40 -4.22
N ILE A 177 -8.79 12.45 -5.02
CA ILE A 177 -8.10 13.76 -4.96
C ILE A 177 -6.66 13.64 -5.45
N LYS A 178 -5.88 12.71 -4.88
CA LYS A 178 -4.42 12.65 -5.08
C LYS A 178 -4.05 12.18 -6.48
N THR A 179 -2.86 12.55 -6.95
CA THR A 179 -2.42 12.20 -8.32
C THR A 179 -2.07 10.70 -8.46
N GLU A 180 -1.93 9.96 -7.37
CA GLU A 180 -1.66 8.50 -7.36
C GLU A 180 -2.98 7.72 -7.40
N ALA A 181 -4.06 8.34 -7.85
CA ALA A 181 -5.41 7.77 -7.84
C ALA A 181 -5.49 6.37 -8.45
N PHE A 182 -4.80 6.11 -9.55
CA PHE A 182 -4.97 4.84 -10.31
C PHE A 182 -4.01 3.77 -9.80
N LYS A 183 -4.55 2.68 -9.29
CA LYS A 183 -3.76 1.55 -8.74
C LYS A 183 -4.30 0.25 -9.26
N SER A 184 -3.43 -0.75 -9.27
CA SER A 184 -3.81 -2.14 -9.57
C SER A 184 -3.45 -3.01 -8.38
N ALA A 185 -4.29 -4.00 -8.09
CA ALA A 185 -3.96 -5.04 -7.10
C ALA A 185 -2.69 -5.78 -7.50
N TRP A 186 -2.37 -5.79 -8.78
CA TRP A 186 -1.27 -6.64 -9.29
C TRP A 186 -0.08 -5.76 -9.63
N GLY A 187 -0.11 -4.51 -9.18
CA GLY A 187 1.03 -3.59 -9.29
C GLY A 187 1.05 -2.89 -10.64
N PRO A 188 1.86 -1.81 -10.72
CA PRO A 188 2.17 -1.22 -12.00
C PRO A 188 3.04 -2.23 -12.80
N MET A 189 2.96 -2.15 -14.11
CA MET A 189 3.79 -3.02 -14.95
C MET A 189 5.12 -2.32 -15.25
N GLY A 190 5.16 -1.01 -15.11
CA GLY A 190 6.36 -0.25 -15.43
C GLY A 190 6.25 1.19 -15.02
N MET A 191 7.24 1.97 -15.43
CA MET A 191 7.26 3.41 -15.19
C MET A 191 7.70 4.12 -16.48
N VAL A 192 7.30 5.38 -16.59
CA VAL A 192 7.74 6.25 -17.70
C VAL A 192 8.33 7.51 -17.07
N VAL A 193 9.60 7.78 -17.36
CA VAL A 193 10.38 8.86 -16.75
C VAL A 193 11.21 9.49 -17.88
N GLU A 194 11.15 10.80 -17.98
CA GLU A 194 11.92 11.58 -18.99
C GLU A 194 11.82 10.90 -20.37
N GLY A 195 10.61 10.54 -20.73
CA GLY A 195 10.28 9.97 -22.06
C GLY A 195 10.60 8.51 -22.27
N LYS A 196 11.19 7.82 -21.30
CA LYS A 196 11.68 6.46 -21.46
C LYS A 196 10.77 5.53 -20.63
N SER A 197 10.53 4.36 -21.16
CA SER A 197 9.67 3.33 -20.58
C SER A 197 10.54 2.28 -19.96
N TYR A 198 10.22 1.92 -18.72
CA TYR A 198 10.94 0.92 -17.92
C TYR A 198 9.95 -0.16 -17.48
N TRP A 199 10.09 -1.36 -18.00
CA TRP A 199 9.13 -2.46 -17.79
C TRP A 199 9.64 -3.43 -16.73
N PHE A 200 8.76 -3.94 -15.86
CA PHE A 200 9.11 -4.88 -14.77
C PHE A 200 8.18 -6.10 -14.75
N ARG A 201 7.01 -6.01 -15.39
CA ARG A 201 6.02 -7.12 -15.47
C ARG A 201 5.37 -7.08 -16.86
N LEU A 202 4.81 -8.21 -17.27
CA LEU A 202 4.00 -8.36 -18.49
C LEU A 202 2.62 -8.80 -18.08
N PRO A 203 1.61 -8.52 -18.92
CA PRO A 203 0.27 -9.05 -18.72
C PRO A 203 0.25 -10.57 -18.87
N ALA A 204 -0.62 -11.18 -18.07
CA ALA A 204 -0.87 -12.64 -18.11
C ALA A 204 -2.22 -12.89 -18.81
N LYS A 205 -3.14 -11.96 -18.78
CA LYS A 205 -4.53 -12.24 -19.20
C LYS A 205 -4.69 -11.96 -20.69
N ARG A 206 -5.76 -12.49 -21.27
CA ARG A 206 -6.04 -12.31 -22.73
C ARG A 206 -6.40 -10.86 -22.99
N HIS A 207 -5.87 -10.30 -24.08
CA HIS A 207 -6.20 -8.93 -24.48
C HIS A 207 -5.95 -8.76 -25.99
N THR A 208 -6.47 -7.64 -26.48
CA THR A 208 -6.27 -7.10 -27.84
C THR A 208 -6.11 -8.21 -28.88
N VAL A 209 -4.90 -8.43 -29.39
CA VAL A 209 -4.77 -9.36 -30.55
C VAL A 209 -5.13 -10.79 -30.19
N ASN A 210 -5.12 -11.20 -28.92
CA ASN A 210 -5.45 -12.59 -28.52
C ASN A 210 -6.87 -12.64 -27.94
N SER A 211 -7.65 -11.58 -28.11
CA SER A 211 -9.04 -11.53 -27.64
C SER A 211 -9.97 -12.24 -28.64
N GLU A 212 -10.99 -12.90 -28.11
CA GLU A 212 -12.03 -13.54 -28.98
C GLU A 212 -13.03 -12.49 -29.41
N PHE A 213 -12.96 -11.26 -28.90
CA PHE A 213 -13.96 -10.22 -29.15
C PHE A 213 -13.35 -9.21 -30.09
N ASP A 214 -14.19 -8.56 -30.89
CA ASP A 214 -13.71 -7.62 -31.91
C ASP A 214 -14.76 -6.56 -32.10
N ILE A 215 -14.41 -5.31 -31.81
CA ILE A 215 -15.32 -4.16 -32.03
C ILE A 215 -15.90 -4.16 -33.47
N LYS A 216 -15.18 -4.73 -34.42
CA LYS A 216 -15.65 -4.70 -35.84
C LYS A 216 -16.96 -5.49 -35.95
N GLN A 217 -17.20 -6.46 -35.04
CA GLN A 217 -18.37 -7.36 -35.06
C GLN A 217 -19.41 -6.92 -34.03
N ILE A 218 -19.17 -5.86 -33.28
CA ILE A 218 -20.12 -5.42 -32.24
C ILE A 218 -20.84 -4.16 -32.71
N SER A 219 -22.16 -4.21 -32.82
CA SER A 219 -22.99 -3.03 -33.21
C SER A 219 -23.83 -2.56 -32.04
N SER A 220 -23.99 -3.38 -31.01
CA SER A 220 -24.74 -2.97 -29.79
C SER A 220 -24.21 -3.75 -28.59
N LEU A 221 -24.50 -3.24 -27.42
CA LEU A 221 -24.06 -3.84 -26.15
C LEU A 221 -25.29 -4.15 -25.34
N PRO A 222 -25.35 -5.37 -24.78
CA PRO A 222 -26.39 -5.74 -23.85
C PRO A 222 -26.36 -4.84 -22.62
N GLN A 223 -27.54 -4.53 -22.11
CA GLN A 223 -27.68 -3.77 -20.85
C GLN A 223 -27.22 -4.65 -19.67
N VAL A 224 -26.32 -4.10 -18.85
CA VAL A 224 -25.82 -4.77 -17.63
C VAL A 224 -25.82 -3.73 -16.52
N ASP A 225 -26.34 -4.11 -15.36
CA ASP A 225 -26.43 -3.16 -14.23
C ASP A 225 -25.75 -3.77 -12.99
N ILE A 226 -25.54 -2.91 -12.00
CA ILE A 226 -24.77 -3.27 -10.77
C ILE A 226 -25.62 -2.95 -9.54
N ALA A 227 -25.68 -3.88 -8.61
CA ALA A 227 -26.38 -3.69 -7.32
C ALA A 227 -25.43 -3.99 -6.16
N TYR A 228 -25.53 -3.23 -5.10
CA TYR A 228 -24.56 -3.24 -3.97
C TYR A 228 -25.06 -4.12 -2.83
N GLY A 229 -24.13 -4.81 -2.17
CA GLY A 229 -24.40 -5.64 -0.98
C GLY A 229 -23.87 -5.00 0.30
N TYR A 230 -24.64 -5.07 1.39
CA TYR A 230 -24.39 -4.35 2.65
C TYR A 230 -25.32 -4.96 3.70
N GLY A 231 -25.16 -4.61 4.97
CA GLY A 231 -26.12 -5.00 6.01
C GLY A 231 -27.55 -4.60 5.72
N ASN A 232 -28.46 -5.57 5.89
CA ASN A 232 -29.91 -5.36 5.69
C ASN A 232 -30.25 -5.03 4.25
N VAL A 233 -29.40 -5.37 3.30
CA VAL A 233 -29.77 -5.18 1.87
C VAL A 233 -30.97 -6.08 1.56
N THR A 234 -31.83 -5.58 0.68
CA THR A 234 -32.99 -6.36 0.20
C THR A 234 -32.81 -6.67 -1.28
N ASP A 235 -33.76 -7.39 -1.87
CA ASP A 235 -33.70 -7.78 -3.29
C ASP A 235 -34.22 -6.63 -4.17
N THR A 236 -34.57 -5.46 -3.62
CA THR A 236 -35.25 -4.39 -4.41
C THR A 236 -34.42 -3.96 -5.60
N ALA A 237 -33.16 -3.57 -5.43
CA ALA A 237 -32.43 -2.98 -6.56
C ALA A 237 -32.29 -4.03 -7.66
N TYR A 238 -32.02 -5.27 -7.29
CA TYR A 238 -31.78 -6.37 -8.24
C TYR A 238 -33.00 -6.53 -9.14
N LYS A 239 -34.18 -6.65 -8.50
CA LYS A 239 -35.43 -6.88 -9.25
C LYS A 239 -35.75 -5.66 -10.10
N ALA A 240 -35.59 -4.44 -9.58
CA ALA A 240 -35.86 -3.20 -10.33
C ALA A 240 -34.95 -3.10 -11.56
N LEU A 241 -33.67 -3.41 -11.39
CA LEU A 241 -32.74 -3.29 -12.51
C LEU A 241 -33.12 -4.28 -13.63
N ALA A 242 -33.47 -5.50 -13.27
CA ALA A 242 -33.90 -6.52 -14.25
C ALA A 242 -35.21 -6.08 -14.92
N GLN A 243 -36.12 -5.51 -14.17
CA GLN A 243 -37.45 -5.08 -14.68
C GLN A 243 -37.25 -3.95 -15.69
N ASN A 244 -36.15 -3.21 -15.63
CA ASN A 244 -35.87 -2.07 -16.52
C ASN A 244 -34.78 -2.43 -17.53
N GLY A 245 -34.54 -3.71 -17.73
CA GLY A 245 -33.86 -4.26 -18.91
C GLY A 245 -32.51 -4.90 -18.66
N ALA A 246 -32.05 -5.06 -17.42
CA ALA A 246 -30.70 -5.64 -17.24
C ALA A 246 -30.67 -7.09 -17.69
N LYS A 247 -29.72 -7.45 -18.56
CA LYS A 247 -29.54 -8.83 -19.07
C LYS A 247 -28.58 -9.62 -18.17
N ALA A 248 -27.77 -8.90 -17.41
CA ALA A 248 -26.93 -9.46 -16.35
C ALA A 248 -26.90 -8.46 -15.22
N LEU A 249 -26.75 -8.97 -14.02
CA LEU A 249 -26.59 -8.16 -12.82
C LEU A 249 -25.22 -8.50 -12.25
N ILE A 250 -24.44 -7.44 -12.01
CA ILE A 250 -23.19 -7.55 -11.24
C ILE A 250 -23.59 -7.34 -9.78
N HIS A 251 -23.36 -8.36 -8.97
CA HIS A 251 -23.55 -8.27 -7.51
C HIS A 251 -22.24 -7.77 -6.90
N ALA A 252 -22.25 -6.58 -6.34
CA ALA A 252 -21.07 -5.97 -5.68
C ALA A 252 -21.18 -6.40 -4.23
N GLY A 253 -20.84 -7.66 -3.96
CA GLY A 253 -21.06 -8.24 -2.63
C GLY A 253 -20.10 -7.72 -1.56
N THR A 254 -20.46 -7.96 -0.32
CA THR A 254 -19.51 -7.95 0.82
C THR A 254 -18.55 -9.13 0.68
N GLY A 255 -17.37 -9.03 1.26
CA GLY A 255 -16.43 -10.15 1.35
C GLY A 255 -16.20 -10.83 0.01
N ASN A 256 -16.20 -12.15 0.04
CA ASN A 256 -15.85 -12.95 -1.16
C ASN A 256 -17.11 -13.08 -2.03
N GLY A 257 -17.66 -11.98 -2.49
CA GLY A 257 -18.88 -11.95 -3.31
C GLY A 257 -20.09 -12.51 -2.57
N SER A 258 -20.09 -12.46 -1.25
CA SER A 258 -21.17 -13.06 -0.42
C SER A 258 -22.54 -12.43 -0.74
N VAL A 259 -23.57 -13.26 -0.61
CA VAL A 259 -24.97 -12.86 -0.88
C VAL A 259 -25.81 -13.05 0.38
N SER A 260 -26.53 -12.01 0.76
CA SER A 260 -27.46 -12.08 1.90
C SER A 260 -28.49 -13.22 1.65
N SER A 261 -28.85 -13.93 2.72
CA SER A 261 -29.98 -14.89 2.66
C SER A 261 -31.27 -14.19 2.23
N ARG A 262 -31.42 -12.88 2.40
CA ARG A 262 -32.60 -12.09 1.97
C ARG A 262 -32.60 -11.88 0.46
N VAL A 263 -31.47 -12.07 -0.20
CA VAL A 263 -31.28 -11.74 -1.64
C VAL A 263 -31.11 -13.02 -2.47
N VAL A 264 -30.61 -14.11 -1.90
CA VAL A 264 -30.44 -15.39 -2.65
C VAL A 264 -31.71 -15.78 -3.40
N PRO A 265 -32.92 -15.80 -2.79
CA PRO A 265 -34.08 -16.31 -3.54
C PRO A 265 -34.37 -15.47 -4.79
N ALA A 266 -34.29 -14.14 -4.68
CA ALA A 266 -34.52 -13.25 -5.83
C ALA A 266 -33.51 -13.58 -6.92
N LEU A 267 -32.24 -13.79 -6.56
CA LEU A 267 -31.20 -14.08 -7.57
C LEU A 267 -31.47 -15.42 -8.26
N GLN A 268 -31.94 -16.43 -7.52
CA GLN A 268 -32.34 -17.71 -8.15
C GLN A 268 -33.50 -17.45 -9.12
N GLU A 269 -34.53 -16.69 -8.75
CA GLU A 269 -35.69 -16.40 -9.62
C GLU A 269 -35.23 -15.62 -10.84
N LEU A 270 -34.35 -14.63 -10.63
CA LEU A 270 -33.84 -13.84 -11.76
C LEU A 270 -33.03 -14.72 -12.73
N ARG A 271 -32.20 -15.62 -12.23
CA ARG A 271 -31.41 -16.52 -13.08
C ARG A 271 -32.37 -17.40 -13.90
N LYS A 272 -33.44 -17.90 -13.29
CA LYS A 272 -34.40 -18.77 -14.02
C LYS A 272 -35.10 -17.95 -15.09
N ASN A 273 -35.28 -16.65 -14.86
CA ASN A 273 -35.86 -15.68 -15.82
C ASN A 273 -34.87 -15.29 -16.89
N GLY A 274 -33.62 -15.77 -16.84
CA GLY A 274 -32.65 -15.58 -17.90
C GLY A 274 -31.65 -14.44 -17.63
N VAL A 275 -31.64 -13.90 -16.42
CA VAL A 275 -30.66 -12.82 -16.10
C VAL A 275 -29.37 -13.47 -15.62
N GLN A 276 -28.23 -13.17 -16.21
CA GLN A 276 -26.98 -13.74 -15.69
C GLN A 276 -26.66 -13.06 -14.34
N ILE A 277 -26.15 -13.83 -13.41
CA ILE A 277 -25.82 -13.34 -12.04
C ILE A 277 -24.31 -13.49 -11.84
N ILE A 278 -23.62 -12.36 -11.70
CA ILE A 278 -22.14 -12.36 -11.62
C ILE A 278 -21.74 -11.81 -10.27
N ARG A 279 -21.08 -12.63 -9.47
CA ARG A 279 -20.66 -12.21 -8.10
C ARG A 279 -19.30 -11.53 -8.15
N SER A 280 -19.31 -10.21 -7.97
CA SER A 280 -18.08 -9.41 -7.74
C SER A 280 -18.10 -9.00 -6.27
N SER A 281 -17.35 -7.97 -5.89
CA SER A 281 -17.32 -7.53 -4.49
C SER A 281 -16.94 -6.06 -4.42
N HIS A 282 -17.12 -5.47 -3.25
CA HIS A 282 -16.55 -4.14 -2.93
C HIS A 282 -15.35 -4.30 -2.00
N VAL A 283 -14.57 -5.31 -2.28
CA VAL A 283 -13.32 -5.59 -1.57
C VAL A 283 -12.25 -5.57 -2.65
N ASN A 284 -11.68 -4.39 -2.92
CA ASN A 284 -11.11 -4.08 -4.25
C ASN A 284 -9.60 -3.92 -4.20
N GLN A 285 -8.92 -4.04 -3.05
CA GLN A 285 -7.45 -3.82 -2.98
CA GLN A 285 -7.46 -3.80 -2.98
C GLN A 285 -6.67 -5.09 -3.28
N GLY A 286 -7.26 -6.27 -3.18
CA GLY A 286 -6.54 -7.49 -3.56
C GLY A 286 -7.43 -8.70 -3.42
N GLY A 287 -6.90 -9.87 -3.77
CA GLY A 287 -7.62 -11.14 -3.71
C GLY A 287 -8.62 -11.24 -4.85
N PHE A 288 -9.52 -12.21 -4.75
CA PHE A 288 -10.49 -12.49 -5.82
C PHE A 288 -11.68 -13.24 -5.22
N VAL A 289 -12.75 -13.28 -6.00
CA VAL A 289 -13.98 -14.02 -5.64
C VAL A 289 -13.86 -15.46 -6.17
N LEU A 290 -13.90 -16.41 -5.24
CA LEU A 290 -13.70 -17.87 -5.49
C LEU A 290 -15.02 -18.56 -5.81
N ARG A 291 -15.06 -19.29 -6.90
CA ARG A 291 -16.29 -20.00 -7.32
C ARG A 291 -16.62 -21.09 -6.29
N ASN A 292 -17.89 -21.22 -5.98
CA ASN A 292 -18.44 -22.25 -5.08
C ASN A 292 -18.00 -22.03 -3.64
N ALA A 293 -17.37 -20.92 -3.27
CA ALA A 293 -16.97 -20.71 -1.86
C ALA A 293 -18.12 -20.11 -1.07
N GLU A 294 -18.50 -18.86 -1.31
CA GLU A 294 -19.56 -18.22 -0.50
C GLU A 294 -20.94 -18.67 -0.98
N GLN A 295 -21.10 -19.06 -2.24
CA GLN A 295 -22.42 -19.44 -2.77
C GLN A 295 -22.21 -20.63 -3.69
N PRO A 296 -23.25 -21.48 -3.83
CA PRO A 296 -23.14 -22.65 -4.71
C PRO A 296 -23.41 -22.28 -6.15
N ASP A 297 -22.40 -21.73 -6.81
CA ASP A 297 -22.51 -21.18 -8.17
C ASP A 297 -22.92 -22.30 -9.16
N ASP A 298 -22.36 -23.50 -9.02
CA ASP A 298 -22.72 -24.57 -9.96
C ASP A 298 -24.21 -24.89 -9.81
N LYS A 299 -24.72 -25.07 -8.61
CA LYS A 299 -26.16 -25.39 -8.37
C LYS A 299 -27.04 -24.27 -8.92
N ASN A 300 -26.69 -22.99 -8.69
CA ASN A 300 -27.54 -21.84 -9.07
C ASN A 300 -27.29 -21.36 -10.50
N ASP A 301 -26.26 -21.85 -11.17
CA ASP A 301 -25.82 -21.42 -12.51
C ASP A 301 -25.45 -19.94 -12.50
N TRP A 302 -24.65 -19.58 -11.51
CA TRP A 302 -24.11 -18.20 -11.42
C TRP A 302 -22.66 -18.19 -11.88
N VAL A 303 -22.06 -16.99 -11.91
CA VAL A 303 -20.70 -16.75 -12.38
C VAL A 303 -19.99 -15.92 -11.30
N VAL A 304 -18.71 -16.15 -11.07
CA VAL A 304 -17.90 -15.25 -10.22
C VAL A 304 -17.01 -14.38 -11.11
N ALA A 305 -16.80 -13.13 -10.69
CA ALA A 305 -16.05 -12.11 -11.45
C ALA A 305 -14.55 -12.23 -11.17
N HIS A 306 -14.09 -13.25 -10.44
CA HIS A 306 -12.63 -13.42 -10.22
C HIS A 306 -12.11 -12.18 -9.51
N ASP A 307 -11.05 -11.54 -9.98
CA ASP A 307 -10.50 -10.36 -9.26
C ASP A 307 -11.18 -9.07 -9.72
N LEU A 308 -12.10 -9.11 -10.68
CA LEU A 308 -12.56 -7.86 -11.30
C LEU A 308 -13.58 -7.15 -10.41
N ASN A 309 -13.36 -5.86 -10.22
CA ASN A 309 -14.28 -5.02 -9.40
C ASN A 309 -15.61 -4.89 -10.17
N PRO A 310 -16.66 -4.32 -9.54
CA PRO A 310 -18.01 -4.40 -10.12
C PRO A 310 -18.10 -3.73 -11.49
N GLN A 311 -17.52 -2.55 -11.63
CA GLN A 311 -17.61 -1.79 -12.90
C GLN A 311 -16.81 -2.49 -14.00
N LYS A 312 -15.67 -3.10 -13.66
CA LYS A 312 -14.88 -3.90 -14.64
C LYS A 312 -15.68 -5.14 -15.04
N ALA A 313 -16.29 -5.78 -14.06
CA ALA A 313 -17.07 -7.01 -14.33
C ALA A 313 -18.22 -6.64 -15.27
N ARG A 314 -18.86 -5.51 -15.05
CA ARG A 314 -19.92 -5.04 -15.96
C ARG A 314 -19.41 -4.96 -17.40
N ILE A 315 -18.28 -4.32 -17.61
CA ILE A 315 -17.70 -4.21 -18.98
C ILE A 315 -17.46 -5.60 -19.56
N LEU A 316 -16.85 -6.52 -18.83
CA LEU A 316 -16.53 -7.85 -19.39
C LEU A 316 -17.85 -8.58 -19.67
N ALA A 317 -18.81 -8.51 -18.78
CA ALA A 317 -20.11 -9.19 -19.00
C ALA A 317 -20.76 -8.66 -20.28
N MET A 318 -20.78 -7.36 -20.46
CA MET A 318 -21.47 -6.73 -21.60
C MET A 318 -20.77 -7.15 -22.88
N VAL A 319 -19.43 -7.16 -22.92
CA VAL A 319 -18.70 -7.58 -24.13
C VAL A 319 -18.92 -9.06 -24.35
N ALA A 320 -18.83 -9.87 -23.31
CA ALA A 320 -18.96 -11.32 -23.44
C ALA A 320 -20.35 -11.68 -23.96
N MET A 321 -21.37 -10.95 -23.53
CA MET A 321 -22.77 -11.33 -23.90
C MET A 321 -23.08 -10.86 -25.34
N THR A 322 -22.17 -10.16 -26.03
CA THR A 322 -22.32 -9.95 -27.50
C THR A 322 -22.13 -11.30 -28.22
N LYS A 323 -21.49 -12.26 -27.60
CA LYS A 323 -21.05 -13.54 -28.19
C LYS A 323 -21.77 -14.72 -27.54
N THR A 324 -21.94 -14.76 -26.21
CA THR A 324 -22.52 -15.94 -25.55
C THR A 324 -23.39 -15.56 -24.36
N GLN A 325 -24.40 -16.37 -24.09
CA GLN A 325 -25.18 -16.26 -22.84
C GLN A 325 -25.03 -17.56 -22.08
N ASP A 326 -24.09 -18.41 -22.47
CA ASP A 326 -23.84 -19.68 -21.77
C ASP A 326 -23.05 -19.38 -20.48
N SER A 327 -23.62 -19.68 -19.32
CA SER A 327 -22.97 -19.32 -18.03
C SER A 327 -21.59 -19.99 -17.86
N LYS A 328 -21.36 -21.20 -18.38
CA LYS A 328 -20.05 -21.87 -18.27
C LYS A 328 -19.04 -21.09 -19.15
N GLU A 329 -19.48 -20.66 -20.32
CA GLU A 329 -18.63 -19.87 -21.23
C GLU A 329 -18.29 -18.55 -20.53
N LEU A 330 -19.30 -17.91 -19.93
CA LEU A 330 -19.04 -16.62 -19.24
C LEU A 330 -18.04 -16.83 -18.09
N GLN A 331 -18.12 -17.95 -17.39
CA GLN A 331 -17.17 -18.21 -16.30
C GLN A 331 -15.76 -18.41 -16.88
N ARG A 332 -15.63 -19.10 -18.00
CA ARG A 332 -14.33 -19.25 -18.66
C ARG A 332 -13.76 -17.86 -18.99
N ILE A 333 -14.59 -17.00 -19.56
CA ILE A 333 -14.19 -15.62 -19.96
C ILE A 333 -13.73 -14.87 -18.72
N PHE A 334 -14.47 -14.96 -17.61
CA PHE A 334 -14.06 -14.28 -16.37
C PHE A 334 -12.75 -14.83 -15.81
N TRP A 335 -12.34 -16.02 -16.21
CA TRP A 335 -11.10 -16.66 -15.76
C TRP A 335 -9.96 -16.42 -16.75
N GLU A 336 -10.20 -15.92 -17.97
CA GLU A 336 -9.13 -15.76 -18.98
C GLU A 336 -8.81 -14.29 -19.28
N TYR A 337 -9.73 -13.37 -19.04
CA TYR A 337 -9.58 -11.95 -19.38
C TYR A 337 -9.41 -11.09 -18.11
N LYS B 8 -4.49 -9.70 39.65
CA LYS B 8 -5.89 -9.96 39.29
C LYS B 8 -6.12 -9.59 37.82
N LEU B 9 -6.77 -10.48 37.10
CA LEU B 9 -6.97 -10.36 35.64
C LEU B 9 -8.25 -9.56 35.36
N ALA B 10 -8.29 -8.84 34.24
CA ALA B 10 -9.51 -8.16 33.76
C ALA B 10 -10.59 -9.20 33.45
N ASN B 11 -11.84 -8.81 33.66
CA ASN B 11 -13.05 -9.60 33.31
C ASN B 11 -13.45 -9.17 31.89
N VAL B 12 -13.31 -10.08 30.96
CA VAL B 12 -13.70 -9.82 29.55
C VAL B 12 -14.86 -10.74 29.18
N VAL B 13 -15.87 -10.19 28.51
CA VAL B 13 -16.99 -10.99 27.99
C VAL B 13 -16.83 -11.06 26.47
N ILE B 14 -16.86 -12.26 25.96
CA ILE B 14 -16.88 -12.55 24.49
C ILE B 14 -18.33 -12.73 24.05
N LEU B 15 -18.79 -11.82 23.21
CA LEU B 15 -20.13 -11.91 22.57
C LEU B 15 -19.98 -12.49 21.18
N ALA B 16 -20.46 -13.70 20.96
CA ALA B 16 -20.31 -14.43 19.67
C ALA B 16 -21.51 -14.12 18.79
N THR B 17 -21.24 -13.83 17.53
CA THR B 17 -22.29 -13.58 16.53
C THR B 17 -22.23 -14.54 15.34
N GLY B 18 -21.22 -15.37 15.21
CA GLY B 18 -21.02 -16.28 14.08
C GLY B 18 -19.75 -15.99 13.30
N GLY B 19 -19.88 -16.03 11.99
CA GLY B 19 -18.73 -15.78 11.10
C GLY B 19 -17.83 -16.95 10.82
N THR B 20 -16.81 -16.66 10.00
CA THR B 20 -15.76 -17.60 9.61
C THR B 20 -14.96 -18.03 10.85
N ILE B 21 -14.75 -17.12 11.79
CA ILE B 21 -13.98 -17.45 13.02
C ILE B 21 -14.66 -18.63 13.73
N ALA B 22 -15.97 -18.78 13.54
CA ALA B 22 -16.76 -19.90 14.13
C ALA B 22 -17.07 -20.93 13.05
N GLY B 23 -16.38 -20.89 11.92
CA GLY B 23 -16.71 -21.70 10.74
C GLY B 23 -16.02 -23.03 10.74
N ALA B 24 -16.34 -23.84 9.75
CA ALA B 24 -15.71 -25.17 9.59
C ALA B 24 -15.62 -25.51 8.11
N GLY B 25 -14.47 -26.01 7.68
CA GLY B 25 -14.25 -26.53 6.33
C GLY B 25 -14.14 -28.04 6.38
N ALA B 26 -14.10 -28.69 5.23
CA ALA B 26 -14.15 -30.17 5.07
C ALA B 26 -12.77 -30.79 5.41
N SER B 27 -11.69 -30.05 5.21
CA SER B 27 -10.33 -30.54 5.52
C SER B 27 -9.42 -29.37 5.88
N ALA B 28 -8.22 -29.69 6.36
CA ALA B 28 -7.19 -28.71 6.80
C ALA B 28 -6.79 -27.83 5.61
N ALA B 29 -6.88 -28.29 4.36
CA ALA B 29 -6.46 -27.47 3.19
C ALA B 29 -7.58 -26.53 2.76
N ASN B 30 -8.79 -26.64 3.36
CA ASN B 30 -9.94 -25.72 3.09
C ASN B 30 -9.79 -24.41 3.91
N SER B 31 -8.96 -23.50 3.41
CA SER B 31 -8.75 -22.17 4.03
C SER B 31 -9.79 -21.17 3.53
N ALA B 32 -10.42 -21.40 2.36
CA ALA B 32 -11.26 -20.40 1.66
C ALA B 32 -12.69 -20.90 1.40
N THR B 33 -12.90 -22.21 1.38
CA THR B 33 -14.21 -22.85 1.13
C THR B 33 -14.67 -23.52 2.43
N TYR B 34 -15.70 -22.96 3.08
CA TYR B 34 -16.11 -23.44 4.43
C TYR B 34 -17.56 -23.01 4.69
N GLN B 35 -18.12 -23.45 5.80
CA GLN B 35 -19.43 -22.97 6.32
C GLN B 35 -19.18 -22.09 7.55
N ALA B 36 -19.69 -20.88 7.55
CA ALA B 36 -19.61 -19.93 8.68
C ALA B 36 -20.57 -20.36 9.79
N ALA B 37 -20.32 -19.90 11.01
CA ALA B 37 -21.34 -19.83 12.08
C ALA B 37 -21.75 -21.26 12.49
N LYS B 38 -20.77 -22.15 12.68
CA LYS B 38 -21.01 -23.57 13.03
C LYS B 38 -20.68 -23.82 14.51
N LEU B 39 -19.69 -23.13 15.08
CA LEU B 39 -19.14 -23.42 16.43
C LEU B 39 -19.69 -22.41 17.43
N GLY B 40 -20.17 -22.87 18.59
CA GLY B 40 -20.62 -22.00 19.67
C GLY B 40 -19.46 -21.35 20.41
N VAL B 41 -19.79 -20.28 21.12
CA VAL B 41 -18.81 -19.44 21.86
C VAL B 41 -17.98 -20.31 22.81
N ASP B 42 -18.56 -21.34 23.47
CA ASP B 42 -17.76 -22.18 24.42
C ASP B 42 -16.65 -22.94 23.67
N LYS B 43 -16.92 -23.42 22.46
CA LYS B 43 -15.88 -24.13 21.66
C LYS B 43 -14.82 -23.14 21.20
N LEU B 44 -15.20 -21.93 20.82
CA LEU B 44 -14.19 -20.92 20.42
C LEU B 44 -13.25 -20.69 21.58
N ILE B 45 -13.80 -20.46 22.78
CA ILE B 45 -12.99 -20.17 23.99
C ILE B 45 -12.13 -21.40 24.32
N ALA B 46 -12.69 -22.60 24.22
CA ALA B 46 -11.94 -23.86 24.46
C ALA B 46 -10.78 -24.01 23.48
N GLY B 47 -10.90 -23.49 22.25
CA GLY B 47 -9.83 -23.60 21.25
C GLY B 47 -8.64 -22.68 21.52
N VAL B 48 -8.74 -21.76 22.48
CA VAL B 48 -7.63 -20.86 22.89
C VAL B 48 -7.49 -20.97 24.41
N PRO B 49 -6.90 -22.08 24.91
CA PRO B 49 -6.76 -22.25 26.35
C PRO B 49 -5.86 -21.18 26.99
N GLU B 50 -5.00 -20.55 26.19
CA GLU B 50 -4.10 -19.45 26.64
C GLU B 50 -4.89 -18.20 27.05
N LEU B 51 -6.18 -18.06 26.70
CA LEU B 51 -6.98 -16.89 27.14
C LEU B 51 -6.94 -16.78 28.66
N ALA B 52 -6.89 -17.93 29.35
CA ALA B 52 -6.96 -17.93 30.83
C ALA B 52 -5.73 -17.23 31.44
N ASP B 53 -4.62 -17.14 30.71
CA ASP B 53 -3.38 -16.48 31.16
C ASP B 53 -3.55 -14.96 31.14
N ILE B 54 -4.48 -14.40 30.34
CA ILE B 54 -4.48 -12.93 30.14
C ILE B 54 -5.76 -12.29 30.65
N ALA B 55 -6.83 -13.04 30.86
CA ALA B 55 -8.07 -12.47 31.38
C ALA B 55 -8.95 -13.57 31.98
N ASN B 56 -9.94 -13.13 32.74
CA ASN B 56 -11.10 -13.97 33.16
C ASN B 56 -12.16 -13.81 32.08
N VAL B 57 -12.32 -14.82 31.26
CA VAL B 57 -13.20 -14.73 30.06
C VAL B 57 -14.50 -15.46 30.33
N ARG B 58 -15.63 -14.88 29.92
CA ARG B 58 -16.83 -15.72 29.75
C ARG B 58 -17.46 -15.41 28.41
N GLY B 59 -18.20 -16.38 27.87
CA GLY B 59 -18.78 -16.27 26.53
C GLY B 59 -20.30 -16.24 26.57
N GLU B 60 -20.91 -15.51 25.63
CA GLU B 60 -22.36 -15.53 25.40
C GLU B 60 -22.58 -15.64 23.89
N GLN B 61 -23.55 -16.43 23.52
CA GLN B 61 -23.99 -16.55 22.11
C GLN B 61 -25.10 -15.54 21.80
N VAL B 62 -24.81 -14.42 21.17
CA VAL B 62 -25.83 -13.38 20.90
C VAL B 62 -26.64 -13.81 19.68
N MET B 63 -25.97 -14.33 18.69
CA MET B 63 -26.62 -14.85 17.48
C MET B 63 -25.62 -15.75 16.80
N GLN B 64 -26.01 -16.41 15.71
CA GLN B 64 -25.13 -17.39 15.06
C GLN B 64 -25.34 -17.27 13.56
N ILE B 65 -24.77 -16.23 12.97
CA ILE B 65 -25.07 -15.90 11.57
C ILE B 65 -23.78 -15.75 10.75
N ALA B 66 -23.98 -15.88 9.45
CA ALA B 66 -23.02 -15.40 8.43
C ALA B 66 -23.27 -13.90 8.26
N SER B 67 -22.23 -13.05 8.43
CA SER B 67 -22.44 -11.61 8.65
C SER B 67 -22.98 -10.95 7.38
N GLU B 68 -22.80 -11.52 6.20
CA GLU B 68 -23.44 -10.94 5.00
C GLU B 68 -24.97 -10.88 5.12
N SER B 69 -25.56 -11.60 6.06
CA SER B 69 -27.04 -11.67 6.21
C SER B 69 -27.47 -10.91 7.45
N ILE B 70 -26.58 -10.12 8.07
CA ILE B 70 -26.97 -9.30 9.25
C ILE B 70 -28.11 -8.33 8.93
N SER B 71 -28.95 -8.06 9.91
CA SER B 71 -30.02 -7.05 9.79
C SER B 71 -29.79 -5.90 10.76
N ASN B 72 -30.55 -4.83 10.58
CA ASN B 72 -30.61 -3.69 11.50
C ASN B 72 -31.06 -4.19 12.88
N ASP B 73 -32.00 -5.14 12.94
CA ASP B 73 -32.45 -5.60 14.28
C ASP B 73 -31.34 -6.39 14.99
N ASP B 74 -30.49 -7.08 14.24
CA ASP B 74 -29.31 -7.78 14.79
C ASP B 74 -28.34 -6.75 15.35
N LEU B 75 -28.07 -5.66 14.62
CA LEU B 75 -27.19 -4.59 15.16
C LEU B 75 -27.74 -4.08 16.50
N LEU B 76 -29.05 -3.84 16.55
CA LEU B 76 -29.63 -3.28 17.78
C LEU B 76 -29.51 -4.31 18.90
N LYS B 77 -29.78 -5.59 18.65
CA LYS B 77 -29.72 -6.64 19.69
C LYS B 77 -28.30 -6.71 20.24
N LEU B 78 -27.31 -6.73 19.35
CA LEU B 78 -25.89 -6.74 19.81
C LEU B 78 -25.51 -5.45 20.54
N GLY B 79 -25.91 -4.30 20.01
CA GLY B 79 -25.60 -2.99 20.59
C GLY B 79 -26.19 -2.85 21.98
N LYS B 80 -27.41 -3.35 22.14
CA LYS B 80 -28.09 -3.25 23.47
C LYS B 80 -27.44 -4.20 24.46
N ARG B 81 -27.00 -5.39 24.03
CA ARG B 81 -26.30 -6.30 24.94
C ARG B 81 -24.94 -5.69 25.33
N VAL B 82 -24.22 -5.12 24.38
CA VAL B 82 -22.93 -4.45 24.70
C VAL B 82 -23.16 -3.37 25.74
N ALA B 83 -24.21 -2.57 25.59
CA ALA B 83 -24.56 -1.48 26.53
C ALA B 83 -24.81 -2.03 27.92
N GLU B 84 -25.55 -3.14 28.03
CA GLU B 84 -25.86 -3.74 29.37
C GLU B 84 -24.56 -4.19 30.04
N LEU B 85 -23.66 -4.79 29.26
CA LEU B 85 -22.40 -5.31 29.81
C LEU B 85 -21.49 -4.14 30.18
N ALA B 86 -21.44 -3.09 29.38
CA ALA B 86 -20.60 -1.91 29.65
C ALA B 86 -21.06 -1.26 30.96
N GLU B 87 -22.35 -1.30 31.26
CA GLU B 87 -22.93 -0.66 32.48
C GLU B 87 -22.63 -1.52 33.72
N SER B 88 -22.12 -2.75 33.58
CA SER B 88 -21.87 -3.67 34.71
C SER B 88 -20.49 -3.43 35.31
N LYS B 89 -20.40 -3.33 36.64
CA LYS B 89 -19.10 -3.22 37.34
C LYS B 89 -18.24 -4.47 37.15
N ASP B 90 -18.84 -5.62 36.87
CA ASP B 90 -18.17 -6.92 36.75
C ASP B 90 -17.56 -7.10 35.34
N VAL B 91 -17.66 -6.10 34.48
CA VAL B 91 -17.13 -6.23 33.08
C VAL B 91 -16.08 -5.15 32.86
N ASP B 92 -14.88 -5.52 32.45
CA ASP B 92 -13.77 -4.54 32.19
C ASP B 92 -13.63 -4.30 30.67
N GLY B 93 -13.97 -5.32 29.89
CA GLY B 93 -13.75 -5.27 28.43
C GLY B 93 -14.69 -6.21 27.70
N ILE B 94 -14.96 -5.91 26.42
CA ILE B 94 -15.92 -6.70 25.60
C ILE B 94 -15.26 -7.05 24.27
N VAL B 95 -15.33 -8.28 23.89
CA VAL B 95 -14.90 -8.76 22.55
C VAL B 95 -16.10 -9.33 21.81
N ILE B 96 -16.25 -8.96 20.54
CA ILE B 96 -17.36 -9.47 19.69
C ILE B 96 -16.72 -10.31 18.58
N THR B 97 -17.02 -11.60 18.50
CA THR B 97 -16.55 -12.44 17.38
C THR B 97 -17.60 -12.31 16.27
N HIS B 98 -17.13 -12.08 15.03
CA HIS B 98 -18.04 -11.58 13.97
C HIS B 98 -17.54 -12.13 12.63
N GLY B 99 -18.44 -12.32 11.69
CA GLY B 99 -18.09 -12.51 10.29
C GLY B 99 -17.34 -11.33 9.71
N THR B 100 -16.44 -11.56 8.74
CA THR B 100 -15.66 -10.46 8.15
C THR B 100 -16.51 -9.57 7.25
N ASP B 101 -17.51 -10.12 6.56
CA ASP B 101 -18.21 -9.39 5.47
C ASP B 101 -18.76 -8.04 5.90
N THR B 102 -19.41 -7.98 7.06
CA THR B 102 -19.94 -6.70 7.56
C THR B 102 -19.36 -6.33 8.93
N LEU B 103 -18.20 -6.89 9.28
CA LEU B 103 -17.48 -6.53 10.52
C LEU B 103 -17.30 -5.02 10.58
N GLU B 104 -16.95 -4.40 9.46
CA GLU B 104 -16.63 -2.96 9.44
C GLU B 104 -17.88 -2.12 9.74
N GLU B 105 -19.05 -2.63 9.42
CA GLU B 105 -20.33 -1.92 9.62
C GLU B 105 -20.68 -2.02 11.10
N THR B 106 -20.59 -3.21 11.65
CA THR B 106 -20.86 -3.40 13.11
C THR B 106 -19.89 -2.55 13.95
N ALA B 107 -18.59 -2.60 13.61
CA ALA B 107 -17.61 -1.85 14.40
C ALA B 107 -17.90 -0.37 14.36
N PHE B 108 -18.29 0.18 13.24
CA PHE B 108 -18.53 1.63 13.14
C PHE B 108 -19.81 1.94 13.91
N PHE B 109 -20.82 1.08 13.74
CA PHE B 109 -22.09 1.33 14.46
C PHE B 109 -21.80 1.43 15.97
N LEU B 110 -21.13 0.44 16.52
CA LEU B 110 -20.85 0.43 17.98
C LEU B 110 -20.06 1.69 18.36
N ASN B 111 -19.13 2.12 17.53
CA ASN B 111 -18.29 3.30 17.78
C ASN B 111 -19.15 4.55 17.93
N LEU B 112 -20.30 4.62 17.26
CA LEU B 112 -21.20 5.77 17.27
C LEU B 112 -22.17 5.73 18.46
N VAL B 113 -22.59 4.54 18.92
CA VAL B 113 -23.78 4.45 19.81
C VAL B 113 -23.45 3.93 21.21
N GLU B 114 -22.25 3.43 21.49
CA GLU B 114 -21.90 2.90 22.84
C GLU B 114 -21.22 4.03 23.63
N LYS B 115 -21.90 4.60 24.60
CA LYS B 115 -21.37 5.75 25.36
C LYS B 115 -20.57 5.20 26.53
N THR B 116 -19.47 4.51 26.27
CA THR B 116 -18.59 3.92 27.31
C THR B 116 -17.13 4.13 26.91
N ASP B 117 -16.25 4.18 27.89
CA ASP B 117 -14.79 4.21 27.63
C ASP B 117 -14.24 2.80 27.80
N LYS B 118 -15.05 1.80 28.19
CA LYS B 118 -14.57 0.41 28.36
C LYS B 118 -14.20 -0.13 26.98
N PRO B 119 -13.12 -0.90 26.88
CA PRO B 119 -12.70 -1.40 25.58
C PRO B 119 -13.75 -2.29 24.94
N ILE B 120 -13.96 -2.07 23.63
CA ILE B 120 -14.86 -2.89 22.81
C ILE B 120 -14.04 -3.29 21.55
N VAL B 121 -13.87 -4.57 21.36
CA VAL B 121 -13.04 -5.10 20.25
C VAL B 121 -13.90 -5.98 19.40
N VAL B 122 -13.84 -5.79 18.09
CA VAL B 122 -14.58 -6.68 17.15
C VAL B 122 -13.52 -7.46 16.39
N VAL B 123 -13.70 -8.76 16.27
CA VAL B 123 -12.66 -9.62 15.68
C VAL B 123 -13.31 -10.72 14.82
N GLY B 124 -12.66 -11.07 13.72
CA GLY B 124 -13.06 -12.19 12.88
C GLY B 124 -11.84 -12.94 12.39
N SER B 125 -12.02 -13.80 11.42
CA SER B 125 -10.90 -14.51 10.79
C SER B 125 -11.19 -14.69 9.30
N MET B 126 -10.14 -14.82 8.52
CA MET B 126 -10.25 -15.08 7.07
C MET B 126 -10.26 -16.58 6.79
N ARG B 127 -9.79 -17.41 7.72
CA ARG B 127 -9.73 -18.87 7.58
C ARG B 127 -10.54 -19.47 8.70
N PRO B 128 -11.26 -20.58 8.45
CA PRO B 128 -11.93 -21.27 9.54
C PRO B 128 -10.89 -21.95 10.45
N GLY B 129 -11.28 -22.28 11.70
CA GLY B 129 -10.43 -22.88 12.72
C GLY B 129 -9.99 -24.28 12.35
N THR B 130 -10.67 -24.91 11.39
CA THR B 130 -10.34 -26.23 10.84
C THR B 130 -9.18 -26.18 9.85
N ALA B 131 -8.77 -24.99 9.37
CA ALA B 131 -7.77 -24.88 8.31
C ALA B 131 -6.37 -24.95 8.91
N MET B 132 -5.44 -25.41 8.09
CA MET B 132 -4.01 -25.22 8.31
C MET B 132 -3.76 -23.72 8.50
N SER B 133 -2.96 -23.33 9.49
CA SER B 133 -2.54 -21.94 9.66
C SER B 133 -3.75 -21.04 9.82
N ALA B 134 -4.80 -21.50 10.50
CA ALA B 134 -6.00 -20.67 10.82
C ALA B 134 -5.62 -19.44 11.63
N ASP B 135 -6.13 -18.25 11.28
CA ASP B 135 -5.74 -16.96 11.89
C ASP B 135 -6.59 -16.64 13.13
N GLY B 136 -7.70 -17.34 13.34
CA GLY B 136 -8.66 -16.92 14.36
C GLY B 136 -8.13 -17.10 15.75
N MET B 137 -7.34 -18.13 16.00
CA MET B 137 -6.86 -18.36 17.39
C MET B 137 -6.09 -17.13 17.90
N LEU B 138 -5.04 -16.69 17.18
CA LEU B 138 -4.26 -15.52 17.61
C LEU B 138 -5.08 -14.23 17.50
N ASN B 139 -6.01 -14.13 16.54
CA ASN B 139 -6.83 -12.92 16.50
C ASN B 139 -7.69 -12.82 17.76
N LEU B 140 -8.25 -13.93 18.20
CA LEU B 140 -9.11 -13.93 19.41
C LEU B 140 -8.24 -13.67 20.65
N TYR B 141 -7.06 -14.27 20.73
CA TYR B 141 -6.14 -14.00 21.85
C TYR B 141 -5.81 -12.50 21.92
N ASN B 142 -5.47 -11.91 20.76
CA ASN B 142 -5.14 -10.50 20.64
C ASN B 142 -6.33 -9.63 21.01
N ALA B 143 -7.55 -9.98 20.60
CA ALA B 143 -8.75 -9.22 20.93
C ALA B 143 -8.92 -9.14 22.47
N VAL B 144 -8.76 -10.29 23.11
CA VAL B 144 -8.88 -10.35 24.58
C VAL B 144 -7.74 -9.57 25.20
N ALA B 145 -6.53 -9.65 24.68
CA ALA B 145 -5.40 -8.87 25.22
C ALA B 145 -5.71 -7.38 25.14
N VAL B 146 -6.17 -6.89 23.98
CA VAL B 146 -6.51 -5.48 23.78
C VAL B 146 -7.71 -5.11 24.67
N ALA B 147 -8.73 -5.96 24.79
CA ALA B 147 -9.91 -5.65 25.62
C ALA B 147 -9.54 -5.56 27.11
N SER B 148 -8.44 -6.15 27.50
CA SER B 148 -8.00 -6.23 28.93
C SER B 148 -6.95 -5.16 29.22
N ASP B 149 -6.56 -4.36 28.22
CA ASP B 149 -5.44 -3.39 28.35
C ASP B 149 -5.96 -2.02 28.72
N LYS B 150 -5.38 -1.41 29.77
CA LYS B 150 -5.72 -0.03 30.16
C LYS B 150 -5.52 0.95 28.99
N GLN B 151 -4.58 0.68 28.11
CA GLN B 151 -4.29 1.60 26.99
C GLN B 151 -5.48 1.66 26.04
N SER B 152 -6.33 0.65 26.02
CA SER B 152 -7.50 0.60 25.11
C SER B 152 -8.65 1.49 25.59
N ARG B 153 -8.65 1.88 26.87
CA ARG B 153 -9.78 2.68 27.40
C ARG B 153 -9.86 4.02 26.66
N GLY B 154 -11.04 4.43 26.20
CA GLY B 154 -11.25 5.75 25.61
C GLY B 154 -10.80 5.86 24.17
N LYS B 155 -10.45 4.73 23.55
CA LYS B 155 -9.89 4.75 22.16
C LYS B 155 -10.98 4.50 21.12
N GLY B 156 -12.21 4.25 21.55
CA GLY B 156 -13.29 3.87 20.63
C GLY B 156 -13.20 2.39 20.33
N VAL B 157 -14.06 1.93 19.45
CA VAL B 157 -14.16 0.51 19.07
C VAL B 157 -12.92 0.16 18.23
N LEU B 158 -12.34 -0.97 18.54
CA LEU B 158 -11.09 -1.47 17.91
C LEU B 158 -11.33 -2.78 17.20
N VAL B 159 -10.52 -3.01 16.17
CA VAL B 159 -10.51 -4.28 15.42
C VAL B 159 -9.09 -4.83 15.47
N THR B 160 -8.92 -6.09 15.86
CA THR B 160 -7.57 -6.65 16.16
C THR B 160 -7.22 -7.86 15.33
N MET B 161 -7.12 -7.71 14.04
CA MET B 161 -6.73 -8.77 13.12
C MET B 161 -5.33 -8.47 12.58
N ASN B 162 -4.60 -9.50 12.18
CA ASN B 162 -3.32 -9.30 11.44
C ASN B 162 -2.31 -8.58 12.35
N ASP B 163 -2.39 -8.81 13.69
CA ASP B 163 -1.44 -8.20 14.66
C ASP B 163 -1.64 -6.69 14.78
N GLU B 164 -2.70 -6.16 14.18
CA GLU B 164 -2.90 -4.69 14.17
C GLU B 164 -3.97 -4.30 15.19
N ILE B 165 -3.91 -3.06 15.57
CA ILE B 165 -5.01 -2.37 16.26
C ILE B 165 -5.56 -1.36 15.25
N GLN B 166 -6.76 -1.60 14.73
CA GLN B 166 -7.41 -0.72 13.74
C GLN B 166 -8.59 -0.03 14.38
N SER B 167 -8.84 1.22 13.97
CA SER B 167 -10.05 1.94 14.39
C SER B 167 -11.27 1.30 13.76
N GLY B 168 -12.28 1.00 14.55
CA GLY B 168 -13.58 0.57 14.05
C GLY B 168 -14.23 1.60 13.17
N ARG B 169 -13.88 2.89 13.26
CA ARG B 169 -14.50 3.91 12.42
C ARG B 169 -14.23 3.60 10.95
N ASP B 170 -12.95 3.46 10.59
CA ASP B 170 -12.59 3.57 9.16
C ASP B 170 -11.81 2.36 8.67
N VAL B 171 -11.64 1.35 9.49
CA VAL B 171 -11.12 0.06 8.95
C VAL B 171 -12.19 -0.54 8.03
N SER B 172 -11.75 -1.15 6.93
CA SER B 172 -12.66 -1.77 5.94
C SER B 172 -12.10 -3.10 5.50
N MET B 173 -12.97 -4.00 5.08
CA MET B 173 -12.51 -5.26 4.45
C MET B 173 -12.06 -4.83 3.05
N ALA B 174 -10.77 -4.86 2.79
CA ALA B 174 -10.17 -4.28 1.58
C ALA B 174 -9.50 -5.35 0.70
N VAL B 175 -9.06 -6.44 1.28
CA VAL B 175 -8.37 -7.51 0.51
C VAL B 175 -9.14 -8.80 0.74
N ASN B 176 -9.54 -9.46 -0.31
CA ASN B 176 -10.16 -10.80 -0.17
C ASN B 176 -9.10 -11.87 0.05
N ILE B 177 -9.54 -12.92 0.72
CA ILE B 177 -8.82 -14.20 0.98
C ILE B 177 -7.71 -14.05 2.01
N LYS B 178 -6.86 -13.05 1.88
CA LYS B 178 -5.64 -12.93 2.72
C LYS B 178 -5.93 -12.44 4.13
N THR B 179 -5.09 -12.81 5.08
CA THR B 179 -5.32 -12.46 6.51
C THR B 179 -5.13 -10.95 6.78
N GLU B 180 -4.50 -10.20 5.88
CA GLU B 180 -4.34 -8.73 5.95
C GLU B 180 -5.58 -8.01 5.38
N ALA B 181 -6.71 -8.70 5.30
CA ALA B 181 -7.94 -8.15 4.69
C ALA B 181 -8.32 -6.75 5.19
N PHE B 182 -8.18 -6.45 6.49
CA PHE B 182 -8.74 -5.23 7.12
C PHE B 182 -7.72 -4.11 7.06
N LYS B 183 -8.06 -3.04 6.36
CA LYS B 183 -7.15 -1.91 6.19
C LYS B 183 -7.91 -0.59 6.40
N SER B 184 -7.18 0.44 6.81
CA SER B 184 -7.71 1.82 6.89
C SER B 184 -6.87 2.73 6.02
N ALA B 185 -7.54 3.63 5.31
CA ALA B 185 -6.85 4.71 4.55
C ALA B 185 -5.92 5.51 5.47
N TRP B 186 -6.27 5.57 6.76
CA TRP B 186 -5.54 6.44 7.72
C TRP B 186 -4.55 5.60 8.54
N GLY B 187 -4.36 4.34 8.16
CA GLY B 187 -3.37 3.46 8.79
C GLY B 187 -3.89 2.74 10.03
N PRO B 188 -3.15 1.74 10.48
CA PRO B 188 -3.43 1.13 11.77
C PRO B 188 -3.07 2.16 12.85
N MET B 189 -3.74 2.10 13.99
CA MET B 189 -3.36 2.99 15.11
C MET B 189 -2.29 2.33 15.96
N GLY B 190 -2.19 1.01 15.92
CA GLY B 190 -1.24 0.30 16.75
C GLY B 190 -1.00 -1.12 16.29
N MET B 191 -0.28 -1.88 17.12
CA MET B 191 -0.09 -3.30 16.92
C MET B 191 -0.23 -4.00 18.27
N VAL B 192 -0.56 -5.27 18.19
CA VAL B 192 -0.64 -6.15 19.38
C VAL B 192 0.26 -7.34 19.10
N VAL B 193 1.27 -7.51 19.96
CA VAL B 193 2.31 -8.56 19.76
C VAL B 193 2.62 -9.21 21.12
N GLU B 194 2.51 -10.55 21.16
CA GLU B 194 2.75 -11.31 22.44
C GLU B 194 1.99 -10.67 23.60
N GLY B 195 0.72 -10.36 23.36
CA GLY B 195 -0.20 -9.88 24.40
C GLY B 195 -0.05 -8.40 24.72
N LYS B 196 0.89 -7.69 24.13
CA LYS B 196 1.18 -6.29 24.47
C LYS B 196 0.76 -5.38 23.32
N SER B 197 0.21 -4.26 23.69
CA SER B 197 -0.30 -3.21 22.76
C SER B 197 0.72 -2.09 22.62
N TYR B 198 0.93 -1.71 21.36
CA TYR B 198 1.88 -0.65 20.97
C TYR B 198 1.12 0.34 20.15
N TRP B 199 0.99 1.55 20.66
CA TRP B 199 0.19 2.61 20.01
C TRP B 199 1.08 3.60 19.27
N PHE B 200 0.63 4.03 18.10
CA PHE B 200 1.35 5.02 17.29
C PHE B 200 0.49 6.21 16.85
N ARG B 201 -0.84 6.08 16.85
CA ARG B 201 -1.78 7.15 16.52
C ARG B 201 -2.97 7.05 17.47
N LEU B 202 -3.70 8.14 17.57
CA LEU B 202 -4.98 8.22 18.30
C LEU B 202 -6.06 8.62 17.33
N PRO B 203 -7.32 8.29 17.64
CA PRO B 203 -8.44 8.81 16.85
C PRO B 203 -8.58 10.32 16.90
N ALA B 204 -9.03 10.92 15.80
CA ALA B 204 -9.34 12.36 15.77
C ALA B 204 -10.85 12.57 15.78
N LYS B 205 -11.63 11.59 15.35
CA LYS B 205 -13.09 11.82 15.13
C LYS B 205 -13.87 11.48 16.38
N ARG B 206 -15.10 11.99 16.47
CA ARG B 206 -15.96 11.72 17.65
C ARG B 206 -16.36 10.25 17.74
N HIS B 207 -16.38 9.72 18.95
CA HIS B 207 -16.75 8.30 19.20
C HIS B 207 -17.17 8.12 20.65
N THR B 208 -17.82 6.99 20.88
CA THR B 208 -18.24 6.43 22.18
C THR B 208 -18.65 7.54 23.15
N VAL B 209 -17.81 7.80 24.16
CA VAL B 209 -18.21 8.72 25.26
C VAL B 209 -18.42 10.13 24.74
N ASN B 210 -17.83 10.56 23.63
CA ASN B 210 -18.02 11.93 23.12
C ASN B 210 -19.07 11.97 22.00
N SER B 211 -19.78 10.87 21.78
CA SER B 211 -20.81 10.79 20.73
C SER B 211 -22.09 11.45 21.24
N GLU B 212 -22.81 12.09 20.33
CA GLU B 212 -24.17 12.63 20.60
C GLU B 212 -25.23 11.55 20.47
N PHE B 213 -24.88 10.34 20.06
CA PHE B 213 -25.85 9.23 19.88
C PHE B 213 -25.69 8.22 20.99
N ASP B 214 -26.76 7.48 21.26
CA ASP B 214 -26.77 6.49 22.35
C ASP B 214 -27.72 5.36 22.00
N ILE B 215 -27.22 4.13 21.99
CA ILE B 215 -27.97 2.89 21.71
C ILE B 215 -29.20 2.81 22.63
N LYS B 216 -29.12 3.33 23.85
CA LYS B 216 -30.23 3.22 24.85
C LYS B 216 -31.49 3.90 24.32
N GLN B 217 -31.39 4.82 23.39
CA GLN B 217 -32.56 5.62 22.89
C GLN B 217 -33.12 5.03 21.61
N ILE B 218 -32.37 4.20 20.89
CA ILE B 218 -32.79 3.73 19.55
C ILE B 218 -33.63 2.45 19.66
N SER B 219 -34.85 2.48 19.16
CA SER B 219 -35.76 1.32 19.13
C SER B 219 -35.75 0.59 17.79
N SER B 220 -35.68 1.32 16.70
CA SER B 220 -35.61 0.75 15.33
C SER B 220 -34.86 1.75 14.46
N LEU B 221 -33.96 1.27 13.61
CA LEU B 221 -33.17 2.18 12.77
C LEU B 221 -33.93 2.51 11.51
N PRO B 222 -33.75 3.72 10.97
CA PRO B 222 -34.41 4.07 9.72
C PRO B 222 -33.83 3.31 8.53
N GLN B 223 -34.64 3.11 7.54
CA GLN B 223 -34.22 2.36 6.32
C GLN B 223 -33.30 3.24 5.49
N VAL B 224 -32.12 2.71 5.12
CA VAL B 224 -31.17 3.45 4.24
C VAL B 224 -30.62 2.41 3.26
N ASP B 225 -30.55 2.80 1.99
CA ASP B 225 -30.06 1.86 0.96
C ASP B 225 -28.95 2.51 0.15
N ILE B 226 -28.29 1.70 -0.65
CA ILE B 226 -27.10 2.11 -1.42
C ILE B 226 -27.33 1.78 -2.88
N ALA B 227 -26.97 2.71 -3.76
CA ALA B 227 -27.02 2.52 -5.22
C ALA B 227 -25.62 2.80 -5.77
N TYR B 228 -25.26 2.07 -6.79
CA TYR B 228 -23.91 2.16 -7.37
C TYR B 228 -23.90 3.02 -8.62
N GLY B 229 -22.80 3.72 -8.82
CA GLY B 229 -22.53 4.57 -10.00
C GLY B 229 -21.48 3.96 -10.91
N TYR B 230 -21.72 3.99 -12.22
CA TYR B 230 -20.89 3.31 -13.24
C TYR B 230 -21.30 3.84 -14.61
N GLY B 231 -20.55 3.53 -15.64
CA GLY B 231 -20.91 3.91 -17.01
C GLY B 231 -22.32 3.47 -17.36
N ASN B 232 -23.08 4.37 -17.99
CA ASN B 232 -24.45 4.10 -18.48
C ASN B 232 -25.40 3.75 -17.34
N VAL B 233 -25.08 4.10 -16.09
CA VAL B 233 -26.04 3.92 -15.00
C VAL B 233 -27.28 4.79 -15.27
N THR B 234 -28.42 4.30 -14.81
CA THR B 234 -29.69 5.03 -14.88
C THR B 234 -30.19 5.34 -13.49
N ASP B 235 -31.32 6.03 -13.42
CA ASP B 235 -31.93 6.34 -12.11
C ASP B 235 -32.73 5.18 -11.50
N THR B 236 -32.81 4.05 -12.15
CA THR B 236 -33.71 2.96 -11.74
C THR B 236 -33.48 2.53 -10.30
N ALA B 237 -32.25 2.21 -9.91
CA ALA B 237 -32.06 1.65 -8.55
C ALA B 237 -32.42 2.70 -7.49
N TYR B 238 -32.12 3.98 -7.73
CA TYR B 238 -32.35 5.05 -6.75
C TYR B 238 -33.85 5.15 -6.50
N LYS B 239 -34.60 5.24 -7.60
CA LYS B 239 -36.07 5.39 -7.50
C LYS B 239 -36.68 4.17 -6.82
N ALA B 240 -36.31 2.97 -7.24
CA ALA B 240 -36.88 1.75 -6.67
C ALA B 240 -36.59 1.62 -5.18
N LEU B 241 -35.37 1.97 -4.75
CA LEU B 241 -35.03 1.87 -3.33
C LEU B 241 -35.87 2.87 -2.51
N ALA B 242 -36.08 4.06 -3.04
CA ALA B 242 -36.90 5.07 -2.36
C ALA B 242 -38.37 4.61 -2.33
N GLN B 243 -38.86 4.08 -3.43
CA GLN B 243 -40.26 3.58 -3.53
C GLN B 243 -40.46 2.49 -2.49
N ASN B 244 -39.41 1.73 -2.12
CA ASN B 244 -39.52 0.58 -1.20
C ASN B 244 -39.06 0.95 0.22
N GLY B 245 -38.95 2.24 0.51
CA GLY B 245 -38.88 2.80 1.86
C GLY B 245 -37.57 3.49 2.22
N ALA B 246 -36.59 3.67 1.33
CA ALA B 246 -35.33 4.32 1.77
C ALA B 246 -35.59 5.75 2.23
N LYS B 247 -35.15 6.10 3.44
CA LYS B 247 -35.24 7.48 3.98
C LYS B 247 -33.99 8.25 3.58
N ALA B 248 -32.91 7.52 3.25
CA ALA B 248 -31.71 8.14 2.65
C ALA B 248 -31.17 7.15 1.62
N LEU B 249 -30.54 7.70 0.60
CA LEU B 249 -29.83 6.93 -0.43
C LEU B 249 -28.36 7.29 -0.32
N ILE B 250 -27.56 6.27 -0.16
CA ILE B 250 -26.10 6.42 -0.30
C ILE B 250 -25.79 6.18 -1.78
N HIS B 251 -25.25 7.19 -2.43
CA HIS B 251 -24.79 7.14 -3.82
C HIS B 251 -23.33 6.71 -3.80
N ALA B 252 -23.05 5.52 -4.30
CA ALA B 252 -21.67 4.99 -4.38
C ALA B 252 -21.11 5.38 -5.74
N GLY B 253 -20.74 6.65 -5.85
CA GLY B 253 -20.40 7.23 -7.16
C GLY B 253 -19.02 6.82 -7.64
N THR B 254 -18.82 7.03 -8.91
CA THR B 254 -17.46 7.07 -9.51
C THR B 254 -16.72 8.29 -8.94
N GLY B 255 -15.40 8.23 -8.97
CA GLY B 255 -14.56 9.38 -8.62
C GLY B 255 -14.98 10.06 -7.35
N ASN B 256 -15.02 11.40 -7.37
CA ASN B 256 -15.24 12.18 -6.14
C ASN B 256 -16.76 12.29 -5.90
N GLY B 257 -17.41 11.14 -5.78
CA GLY B 257 -18.86 11.02 -5.58
C GLY B 257 -19.64 11.56 -6.76
N SER B 258 -19.09 11.50 -7.95
CA SER B 258 -19.72 12.12 -9.16
C SER B 258 -21.06 11.45 -9.47
N VAL B 259 -21.97 12.20 -10.07
CA VAL B 259 -23.34 11.72 -10.41
C VAL B 259 -23.53 11.91 -11.91
N SER B 260 -23.92 10.85 -12.58
CA SER B 260 -24.28 10.91 -14.01
C SER B 260 -25.34 12.00 -14.24
N SER B 261 -25.24 12.69 -15.36
CA SER B 261 -26.31 13.62 -15.81
C SER B 261 -27.64 12.86 -16.02
N ARG B 262 -27.64 11.54 -16.18
CA ARG B 262 -28.88 10.71 -16.28
C ARG B 262 -29.55 10.49 -14.93
N VAL B 263 -28.83 10.75 -13.84
CA VAL B 263 -29.28 10.43 -12.48
C VAL B 263 -29.59 11.70 -11.70
N VAL B 264 -28.89 12.81 -11.97
CA VAL B 264 -29.07 14.06 -11.18
C VAL B 264 -30.57 14.41 -11.06
N PRO B 265 -31.36 14.43 -12.15
CA PRO B 265 -32.75 14.89 -12.02
C PRO B 265 -33.56 14.06 -11.02
N ALA B 266 -33.40 12.74 -11.03
CA ALA B 266 -34.11 11.85 -10.10
C ALA B 266 -33.68 12.18 -8.68
N LEU B 267 -32.41 12.47 -8.46
CA LEU B 267 -31.93 12.71 -7.07
C LEU B 267 -32.44 14.07 -6.59
N GLN B 268 -32.59 15.05 -7.49
CA GLN B 268 -33.22 16.34 -7.11
C GLN B 268 -34.67 16.08 -6.70
N GLU B 269 -35.39 15.28 -7.45
CA GLU B 269 -36.81 14.96 -7.17
C GLU B 269 -36.90 14.20 -5.84
N LEU B 270 -36.03 13.20 -5.62
CA LEU B 270 -36.08 12.44 -4.35
C LEU B 270 -35.80 13.37 -3.17
N ARG B 271 -34.84 14.28 -3.30
CA ARG B 271 -34.54 15.19 -2.18
C ARG B 271 -35.76 16.06 -1.92
N LYS B 272 -36.37 16.61 -2.96
CA LYS B 272 -37.57 17.47 -2.80
C LYS B 272 -38.66 16.69 -2.08
N ASN B 273 -38.76 15.39 -2.28
CA ASN B 273 -39.74 14.50 -1.62
C ASN B 273 -39.26 13.97 -0.26
N GLY B 274 -38.14 14.45 0.27
CA GLY B 274 -37.75 14.24 1.66
C GLY B 274 -36.68 13.14 1.82
N VAL B 275 -36.18 12.55 0.74
CA VAL B 275 -35.13 11.48 0.84
C VAL B 275 -33.77 12.16 0.92
N GLN B 276 -32.97 11.88 1.95
CA GLN B 276 -31.61 12.43 2.03
C GLN B 276 -30.74 11.77 0.96
N ILE B 277 -29.88 12.57 0.33
CA ILE B 277 -28.99 12.14 -0.77
C ILE B 277 -27.55 12.32 -0.28
N ILE B 278 -26.82 11.21 -0.07
CA ILE B 278 -25.45 11.26 0.51
C ILE B 278 -24.48 10.73 -0.54
N ARG B 279 -23.55 11.57 -0.98
CA ARG B 279 -22.58 11.19 -2.02
C ARG B 279 -21.37 10.53 -1.35
N SER B 280 -21.22 9.24 -1.56
CA SER B 280 -20.02 8.45 -1.21
C SER B 280 -19.36 8.07 -2.54
N SER B 281 -18.50 7.07 -2.53
CA SER B 281 -17.82 6.66 -3.77
C SER B 281 -17.39 5.21 -3.64
N HIS B 282 -17.03 4.63 -4.77
CA HIS B 282 -16.33 3.33 -4.80
C HIS B 282 -14.84 3.56 -5.06
N VAL B 283 -14.29 4.62 -4.50
CA VAL B 283 -12.87 4.99 -4.60
C VAL B 283 -12.37 4.98 -3.15
N ASN B 284 -12.01 3.80 -2.64
CA ASN B 284 -12.05 3.52 -1.18
C ASN B 284 -10.67 3.36 -0.55
N GLN B 285 -9.57 3.50 -1.29
CA GLN B 285 -8.23 3.33 -0.67
CA GLN B 285 -8.23 3.33 -0.69
C GLN B 285 -7.74 4.61 -0.02
N GLY B 286 -8.22 5.80 -0.42
CA GLY B 286 -7.78 7.03 0.21
C GLY B 286 -8.51 8.22 -0.36
N GLY B 287 -8.26 9.39 0.21
CA GLY B 287 -8.97 10.62 -0.20
C GLY B 287 -10.34 10.69 0.42
N PHE B 288 -11.14 11.62 -0.05
CA PHE B 288 -12.51 11.82 0.45
C PHE B 288 -13.32 12.57 -0.60
N VAL B 289 -14.63 12.61 -0.39
CA VAL B 289 -15.60 13.29 -1.29
C VAL B 289 -15.76 14.71 -0.75
N LEU B 290 -15.43 15.67 -1.60
CA LEU B 290 -15.41 17.13 -1.28
C LEU B 290 -16.75 17.78 -1.60
N ARG B 291 -17.30 18.50 -0.64
CA ARG B 291 -18.62 19.15 -0.79
C ARG B 291 -18.50 20.21 -1.89
N ASN B 292 -19.51 20.27 -2.75
CA ASN B 292 -19.67 21.27 -3.83
C ASN B 292 -18.63 21.12 -4.93
N ALA B 293 -17.84 20.05 -4.97
CA ALA B 293 -16.81 19.89 -6.01
C ALA B 293 -17.48 19.27 -7.25
N GLU B 294 -17.87 18.00 -7.22
CA GLU B 294 -18.45 17.32 -8.39
C GLU B 294 -19.92 17.73 -8.58
N GLN B 295 -20.63 18.07 -7.51
CA GLN B 295 -22.07 18.43 -7.60
C GLN B 295 -22.33 19.64 -6.72
N PRO B 296 -23.37 20.43 -7.05
CA PRO B 296 -23.72 21.60 -6.23
C PRO B 296 -24.59 21.17 -5.04
N ASP B 297 -23.93 20.66 -3.99
CA ASP B 297 -24.61 20.09 -2.83
C ASP B 297 -25.45 21.15 -2.12
N ASP B 298 -24.92 22.38 -2.02
CA ASP B 298 -25.66 23.49 -1.34
C ASP B 298 -26.94 23.75 -2.12
N LYS B 299 -26.86 23.86 -3.43
CA LYS B 299 -28.05 24.18 -4.26
C LYS B 299 -29.07 23.05 -4.12
N ASN B 300 -28.61 21.80 -4.10
CA ASN B 300 -29.47 20.59 -4.17
C ASN B 300 -29.89 20.12 -2.77
N ASP B 301 -29.29 20.68 -1.71
CA ASP B 301 -29.42 20.22 -0.30
C ASP B 301 -29.04 18.73 -0.17
N TRP B 302 -27.90 18.40 -0.74
CA TRP B 302 -27.33 17.03 -0.62
C TRP B 302 -26.23 17.05 0.44
N VAL B 303 -25.71 15.87 0.76
CA VAL B 303 -24.67 15.68 1.81
C VAL B 303 -23.53 14.92 1.16
N VAL B 304 -22.28 15.22 1.53
CA VAL B 304 -21.15 14.33 1.12
C VAL B 304 -20.73 13.47 2.30
N ALA B 305 -20.33 12.24 1.98
CA ALA B 305 -19.96 11.24 2.99
C ALA B 305 -18.49 11.40 3.44
N HIS B 306 -17.80 12.44 3.00
CA HIS B 306 -16.39 12.67 3.47
C HIS B 306 -15.56 11.47 3.02
N ASP B 307 -14.82 10.85 3.93
CA ASP B 307 -13.95 9.70 3.56
C ASP B 307 -14.71 8.37 3.65
N LEU B 308 -15.96 8.36 4.11
CA LEU B 308 -16.64 7.12 4.49
C LEU B 308 -17.09 6.38 3.22
N ASN B 309 -16.75 5.09 3.16
CA ASN B 309 -17.20 4.21 2.06
C ASN B 309 -18.71 4.04 2.15
N PRO B 310 -19.35 3.48 1.11
CA PRO B 310 -20.81 3.51 1.06
C PRO B 310 -21.46 2.81 2.26
N GLN B 311 -20.97 1.63 2.63
CA GLN B 311 -21.59 0.83 3.73
C GLN B 311 -21.35 1.54 5.07
N LYS B 312 -20.22 2.21 5.25
CA LYS B 312 -20.00 3.01 6.48
C LYS B 312 -20.92 4.23 6.46
N ALA B 313 -21.05 4.89 5.32
CA ALA B 313 -21.91 6.10 5.20
C ALA B 313 -23.35 5.70 5.54
N ARG B 314 -23.77 4.51 5.13
CA ARG B 314 -25.14 4.03 5.44
C ARG B 314 -25.32 3.93 6.95
N ILE B 315 -24.36 3.34 7.65
CA ILE B 315 -24.41 3.19 9.12
C ILE B 315 -24.52 4.59 9.75
N LEU B 316 -23.67 5.55 9.36
CA LEU B 316 -23.74 6.89 9.98
C LEU B 316 -25.06 7.57 9.64
N ALA B 317 -25.54 7.43 8.41
CA ALA B 317 -26.81 8.08 8.00
C ALA B 317 -27.94 7.52 8.84
N MET B 318 -28.01 6.20 9.04
CA MET B 318 -29.08 5.60 9.87
C MET B 318 -29.03 6.18 11.27
N VAL B 319 -27.85 6.21 11.88
CA VAL B 319 -27.75 6.70 13.26
C VAL B 319 -28.10 8.18 13.29
N ALA B 320 -27.57 8.98 12.38
CA ALA B 320 -27.79 10.43 12.34
C ALA B 320 -29.29 10.71 12.23
N MET B 321 -30.01 9.94 11.44
CA MET B 321 -31.43 10.28 11.16
C MET B 321 -32.31 9.85 12.34
N THR B 322 -31.78 9.13 13.31
CA THR B 322 -32.53 8.97 14.60
C THR B 322 -32.60 10.30 15.35
N LYS B 323 -31.82 11.30 14.96
CA LYS B 323 -31.80 12.61 15.64
C LYS B 323 -32.30 13.74 14.76
N THR B 324 -32.01 13.75 13.46
CA THR B 324 -32.22 14.95 12.63
C THR B 324 -32.66 14.56 11.23
N GLN B 325 -33.43 15.41 10.58
CA GLN B 325 -33.68 15.39 9.12
C GLN B 325 -33.14 16.66 8.47
N ASP B 326 -32.36 17.48 9.19
CA ASP B 326 -31.76 18.72 8.65
C ASP B 326 -30.46 18.35 7.92
N SER B 327 -30.40 18.59 6.63
CA SER B 327 -29.24 18.20 5.77
C SER B 327 -27.98 18.94 6.23
N LYS B 328 -28.10 20.15 6.79
CA LYS B 328 -26.90 20.84 7.35
C LYS B 328 -26.37 20.10 8.59
N GLU B 329 -27.24 19.61 9.48
CA GLU B 329 -26.85 18.84 10.65
C GLU B 329 -26.26 17.50 10.16
N LEU B 330 -26.88 16.86 9.17
CA LEU B 330 -26.33 15.58 8.64
C LEU B 330 -24.91 15.83 8.09
N GLN B 331 -24.71 16.93 7.42
CA GLN B 331 -23.35 17.21 6.87
C GLN B 331 -22.38 17.44 8.02
N ARG B 332 -22.77 18.18 9.07
CA ARG B 332 -21.89 18.34 10.24
C ARG B 332 -21.51 16.99 10.81
N ILE B 333 -22.46 16.09 10.93
CA ILE B 333 -22.23 14.74 11.49
C ILE B 333 -21.20 14.00 10.59
N PHE B 334 -21.37 14.07 9.29
CA PHE B 334 -20.46 13.42 8.31
C PHE B 334 -19.04 14.02 8.37
N TRP B 335 -18.90 15.22 8.90
CA TRP B 335 -17.60 15.89 9.09
C TRP B 335 -17.03 15.70 10.49
N GLU B 336 -17.78 15.22 11.48
CA GLU B 336 -17.25 15.08 12.84
C GLU B 336 -17.02 13.64 13.25
N TYR B 337 -17.72 12.65 12.66
CA TYR B 337 -17.70 11.24 13.06
C TYR B 337 -16.96 10.36 12.03
N LYS C 8 -5.66 39.96 10.08
CA LYS C 8 -6.54 38.82 9.78
C LYS C 8 -5.68 37.61 9.38
N LEU C 9 -4.76 37.77 8.43
CA LEU C 9 -3.98 36.61 7.95
C LEU C 9 -2.87 36.27 8.96
N ALA C 10 -2.56 34.99 9.11
CA ALA C 10 -1.45 34.50 9.93
C ALA C 10 -0.13 35.05 9.37
N ASN C 11 0.82 35.26 10.24
CA ASN C 11 2.21 35.60 9.86
C ASN C 11 3.02 34.29 9.75
N VAL C 12 3.43 33.95 8.55
CA VAL C 12 4.21 32.71 8.31
C VAL C 12 5.60 33.08 7.81
N VAL C 13 6.62 32.48 8.39
CA VAL C 13 7.99 32.65 7.87
C VAL C 13 8.37 31.37 7.14
N ILE C 14 8.88 31.54 5.95
CA ILE C 14 9.46 30.42 5.14
C ILE C 14 10.97 30.44 5.32
N LEU C 15 11.51 29.39 5.89
CA LEU C 15 12.96 29.18 6.02
C LEU C 15 13.43 28.24 4.90
N ALA C 16 14.18 28.76 3.95
CA ALA C 16 14.66 27.97 2.82
C ALA C 16 16.00 27.33 3.13
N THR C 17 16.15 26.05 2.74
CA THR C 17 17.41 25.33 2.93
C THR C 17 17.98 24.75 1.64
N GLY C 18 17.29 24.89 0.52
CA GLY C 18 17.72 24.30 -0.76
C GLY C 18 16.75 23.25 -1.28
N GLY C 19 17.31 22.21 -1.81
CA GLY C 19 16.54 21.06 -2.29
C GLY C 19 16.05 21.18 -3.73
N THR C 20 15.37 20.12 -4.17
CA THR C 20 14.72 20.02 -5.48
C THR C 20 13.65 21.10 -5.65
N ILE C 21 12.93 21.45 -4.58
CA ILE C 21 11.86 22.48 -4.66
C ILE C 21 12.49 23.81 -5.12
N ALA C 22 13.79 23.99 -4.88
CA ALA C 22 14.59 25.17 -5.29
C ALA C 22 15.49 24.81 -6.46
N GLY C 23 15.18 23.73 -7.14
CA GLY C 23 16.07 23.17 -8.15
C GLY C 23 15.75 23.70 -9.56
N ALA C 24 16.59 23.32 -10.50
CA ALA C 24 16.34 23.68 -11.91
C ALA C 24 16.91 22.60 -12.78
N GLY C 25 16.12 22.20 -13.78
CA GLY C 25 16.59 21.28 -14.82
C GLY C 25 16.65 21.93 -16.21
N ALA C 26 17.21 21.20 -17.17
CA ALA C 26 17.57 21.79 -18.49
C ALA C 26 16.32 21.94 -19.36
N SER C 27 15.28 21.16 -19.13
CA SER C 27 14.07 21.20 -20.00
C SER C 27 12.81 20.89 -19.20
N ALA C 28 11.67 21.23 -19.75
CA ALA C 28 10.37 20.95 -19.10
C ALA C 28 10.18 19.44 -18.91
N ALA C 29 10.78 18.57 -19.71
CA ALA C 29 10.60 17.11 -19.57
C ALA C 29 11.59 16.55 -18.56
N ASN C 30 12.45 17.39 -18.00
CA ASN C 30 13.45 16.94 -16.99
C ASN C 30 12.82 17.01 -15.61
N SER C 31 12.01 16.02 -15.32
CA SER C 31 11.34 15.91 -14.00
C SER C 31 12.23 15.22 -12.97
N ALA C 32 13.24 14.47 -13.42
CA ALA C 32 14.09 13.65 -12.52
C ALA C 32 15.57 14.01 -12.57
N THR C 33 16.06 14.71 -13.61
CA THR C 33 17.48 15.02 -13.81
C THR C 33 17.60 16.54 -13.71
N TYR C 34 18.14 17.07 -12.62
CA TYR C 34 18.15 18.52 -12.34
C TYR C 34 19.29 18.81 -11.37
N GLN C 35 19.48 20.08 -11.05
CA GLN C 35 20.41 20.54 -10.00
C GLN C 35 19.57 21.11 -8.86
N ALA C 36 19.78 20.63 -7.65
CA ALA C 36 19.06 21.18 -6.49
C ALA C 36 19.64 22.54 -6.09
N ALA C 37 18.89 23.28 -5.30
CA ALA C 37 19.38 24.41 -4.46
C ALA C 37 19.93 25.54 -5.34
N LYS C 38 19.20 25.90 -6.39
CA LYS C 38 19.60 26.97 -7.35
C LYS C 38 18.82 28.26 -7.10
N LEU C 39 17.57 28.19 -6.69
CA LEU C 39 16.65 29.33 -6.54
C LEU C 39 16.66 29.81 -5.08
N GLY C 40 16.70 31.13 -4.89
CA GLY C 40 16.57 31.73 -3.56
C GLY C 40 15.13 31.75 -3.09
N VAL C 41 14.94 31.95 -1.79
CA VAL C 41 13.59 31.92 -1.17
C VAL C 41 12.67 32.98 -1.78
N ASP C 42 13.20 34.14 -2.19
CA ASP C 42 12.30 35.18 -2.77
C ASP C 42 11.76 34.70 -4.11
N LYS C 43 12.54 33.98 -4.90
CA LYS C 43 12.03 33.40 -6.18
C LYS C 43 10.98 32.32 -5.91
N LEU C 44 11.18 31.47 -4.90
CA LEU C 44 10.16 30.46 -4.55
C LEU C 44 8.85 31.14 -4.19
N ILE C 45 8.91 32.16 -3.34
CA ILE C 45 7.68 32.88 -2.90
C ILE C 45 7.02 33.54 -4.13
N ALA C 46 7.83 34.16 -4.99
CA ALA C 46 7.29 34.86 -6.18
C ALA C 46 6.63 33.86 -7.13
N GLY C 47 7.02 32.58 -7.11
CA GLY C 47 6.45 31.54 -7.97
C GLY C 47 5.07 31.11 -7.51
N VAL C 48 4.62 31.52 -6.33
CA VAL C 48 3.28 31.16 -5.80
C VAL C 48 2.62 32.45 -5.34
N PRO C 49 2.15 33.32 -6.26
CA PRO C 49 1.60 34.61 -5.84
C PRO C 49 0.35 34.43 -4.98
N GLU C 50 -0.29 33.27 -5.09
CA GLU C 50 -1.49 32.97 -4.30
C GLU C 50 -1.16 32.84 -2.82
N LEU C 51 0.10 32.70 -2.40
CA LEU C 51 0.43 32.66 -0.95
C LEU C 51 -0.16 33.90 -0.28
N ALA C 52 -0.19 35.03 -0.99
CA ALA C 52 -0.63 36.32 -0.39
C ALA C 52 -2.10 36.24 0.02
N ASP C 53 -2.89 35.37 -0.63
CA ASP C 53 -4.31 35.15 -0.29
C ASP C 53 -4.46 34.45 1.06
N ILE C 54 -3.47 33.66 1.51
CA ILE C 54 -3.72 32.76 2.68
C ILE C 54 -2.88 33.13 3.88
N ALA C 55 -1.84 33.96 3.74
CA ALA C 55 -0.97 34.31 4.86
C ALA C 55 -0.13 35.53 4.48
N ASN C 56 0.42 36.16 5.50
CA ASN C 56 1.45 37.21 5.35
C ASN C 56 2.78 36.47 5.41
N VAL C 57 3.42 36.28 4.27
CA VAL C 57 4.64 35.44 4.20
C VAL C 57 5.90 36.31 4.10
N ARG C 58 6.94 35.88 4.77
CA ARG C 58 8.30 36.44 4.66
C ARG C 58 9.26 35.27 4.48
N GLY C 59 10.30 35.44 3.68
CA GLY C 59 11.29 34.37 3.40
C GLY C 59 12.64 34.67 3.99
N GLU C 60 13.32 33.67 4.52
CA GLU C 60 14.74 33.78 4.91
C GLU C 60 15.50 32.62 4.29
N GLN C 61 16.72 32.88 3.86
CA GLN C 61 17.63 31.84 3.32
C GLN C 61 18.56 31.36 4.43
N VAL C 62 18.28 30.21 5.00
CA VAL C 62 19.08 29.67 6.11
C VAL C 62 20.33 29.01 5.54
N MET C 63 20.18 28.26 4.46
CA MET C 63 21.29 27.61 3.76
C MET C 63 20.79 27.28 2.35
N GLN C 64 21.67 26.80 1.50
CA GLN C 64 21.34 26.55 0.08
C GLN C 64 22.04 25.24 -0.29
N ILE C 65 21.48 24.11 0.13
CA ILE C 65 22.15 22.80 -0.03
C ILE C 65 21.22 21.78 -0.70
N ALA C 66 21.88 20.82 -1.31
CA ALA C 66 21.27 19.51 -1.63
C ALA C 66 21.25 18.71 -0.32
N SER C 67 20.04 18.27 0.10
CA SER C 67 19.87 17.74 1.47
C SER C 67 20.64 16.46 1.73
N GLU C 68 21.09 15.73 0.70
CA GLU C 68 21.94 14.55 0.92
C GLU C 68 23.27 14.95 1.58
N SER C 69 23.67 16.21 1.49
CA SER C 69 24.96 16.72 2.03
C SER C 69 24.78 17.47 3.36
N ILE C 70 23.60 17.40 3.98
CA ILE C 70 23.35 18.09 5.27
C ILE C 70 24.29 17.56 6.34
N SER C 71 24.63 18.43 7.27
CA SER C 71 25.46 18.10 8.44
C SER C 71 24.69 18.33 9.74
N ASN C 72 25.22 17.79 10.82
CA ASN C 72 24.67 18.05 12.16
C ASN C 72 24.73 19.56 12.48
N ASP C 73 25.78 20.26 12.05
CA ASP C 73 25.84 21.72 12.31
C ASP C 73 24.74 22.46 11.55
N ASP C 74 24.37 21.97 10.35
CA ASP C 74 23.22 22.52 9.59
C ASP C 74 21.93 22.30 10.37
N LEU C 75 21.72 21.10 10.92
CA LEU C 75 20.52 20.85 11.74
C LEU C 75 20.44 21.83 12.91
N LEU C 76 21.57 22.04 13.57
CA LEU C 76 21.57 22.96 14.72
C LEU C 76 21.30 24.39 14.27
N LYS C 77 21.87 24.86 13.16
CA LYS C 77 21.63 26.24 12.67
C LYS C 77 20.13 26.40 12.38
N LEU C 78 19.58 25.42 11.67
CA LEU C 78 18.15 25.49 11.32
C LEU C 78 17.30 25.43 12.58
N GLY C 79 17.58 24.49 13.47
CA GLY C 79 16.78 24.32 14.69
C GLY C 79 16.82 25.55 15.57
N LYS C 80 17.99 26.19 15.68
CA LYS C 80 18.10 27.42 16.51
C LYS C 80 17.37 28.61 15.87
N ARG C 81 17.33 28.73 14.55
CA ARG C 81 16.56 29.79 13.87
C ARG C 81 15.07 29.53 14.07
N VAL C 82 14.64 28.27 13.93
CA VAL C 82 13.22 27.94 14.19
C VAL C 82 12.82 28.36 15.62
N ALA C 83 13.68 28.09 16.60
CA ALA C 83 13.43 28.37 18.04
C ALA C 83 13.29 29.88 18.23
N GLU C 84 14.14 30.66 17.59
CA GLU C 84 14.11 32.15 17.68
C GLU C 84 12.80 32.65 17.10
N LEU C 85 12.38 32.09 15.96
CA LEU C 85 11.15 32.56 15.31
C LEU C 85 9.96 32.14 16.15
N ALA C 86 9.93 30.90 16.68
CA ALA C 86 8.81 30.41 17.50
C ALA C 86 8.64 31.31 18.73
N GLU C 87 9.75 31.82 19.28
CA GLU C 87 9.67 32.68 20.51
C GLU C 87 9.12 34.07 20.17
N SER C 88 8.98 34.45 18.90
CA SER C 88 8.57 35.82 18.46
C SER C 88 7.06 35.93 18.43
N LYS C 89 6.51 36.98 19.05
CA LYS C 89 5.06 37.28 19.00
C LYS C 89 4.60 37.48 17.55
N ASP C 90 5.48 37.91 16.65
CA ASP C 90 5.15 38.31 15.27
C ASP C 90 5.12 37.09 14.32
N VAL C 91 5.37 35.89 14.83
CA VAL C 91 5.38 34.65 13.99
C VAL C 91 4.27 33.72 14.47
N ASP C 92 3.37 33.32 13.57
CA ASP C 92 2.26 32.38 13.90
C ASP C 92 2.62 30.94 13.45
N GLY C 93 3.39 30.82 12.38
CA GLY C 93 3.76 29.49 11.84
C GLY C 93 5.01 29.54 11.03
N ILE C 94 5.65 28.38 10.83
CA ILE C 94 6.97 28.29 10.18
C ILE C 94 6.91 27.19 9.13
N VAL C 95 7.38 27.51 7.95
CA VAL C 95 7.51 26.53 6.84
C VAL C 95 9.00 26.44 6.53
N ILE C 96 9.50 25.24 6.35
CA ILE C 96 10.89 25.00 5.95
C ILE C 96 10.87 24.31 4.58
N THR C 97 11.48 24.89 3.57
CA THR C 97 11.61 24.25 2.24
C THR C 97 12.93 23.49 2.25
N HIS C 98 12.91 22.23 1.80
CA HIS C 98 14.01 21.29 2.08
C HIS C 98 14.10 20.27 0.96
N GLY C 99 15.30 19.80 0.70
CA GLY C 99 15.48 18.64 -0.18
C GLY C 99 14.75 17.42 0.36
N THR C 100 14.37 16.50 -0.51
CA THR C 100 13.64 15.30 -0.08
C THR C 100 14.55 14.29 0.64
N ASP C 101 15.80 14.19 0.21
CA ASP C 101 16.66 13.06 0.62
C ASP C 101 16.73 12.90 2.14
N THR C 102 16.90 13.98 2.88
CA THR C 102 16.98 13.89 4.34
C THR C 102 15.87 14.70 5.01
N LEU C 103 14.83 15.07 4.24
CA LEU C 103 13.65 15.78 4.81
C LEU C 103 13.15 15.06 6.06
N GLU C 104 13.06 13.74 6.01
CA GLU C 104 12.47 12.96 7.13
C GLU C 104 13.34 13.10 8.38
N GLU C 105 14.62 13.31 8.22
CA GLU C 105 15.59 13.40 9.35
C GLU C 105 15.42 14.76 10.00
N THR C 106 15.41 15.81 9.20
CA THR C 106 15.16 17.18 9.70
C THR C 106 13.80 17.26 10.40
N ALA C 107 12.77 16.70 9.78
CA ALA C 107 11.42 16.82 10.36
C ALA C 107 11.38 16.14 11.73
N PHE C 108 11.97 14.97 11.86
CA PHE C 108 11.98 14.26 13.15
C PHE C 108 12.83 15.04 14.14
N PHE C 109 14.00 15.48 13.75
CA PHE C 109 14.85 16.27 14.66
C PHE C 109 14.03 17.44 15.25
N LEU C 110 13.41 18.26 14.43
CA LEU C 110 12.64 19.45 14.91
C LEU C 110 11.50 18.99 15.79
N ASN C 111 10.92 17.83 15.52
CA ASN C 111 9.80 17.30 16.33
C ASN C 111 10.28 17.00 17.75
N LEU C 112 11.56 16.68 17.91
CA LEU C 112 12.13 16.30 19.22
C LEU C 112 12.60 17.52 20.00
N VAL C 113 13.06 18.57 19.34
CA VAL C 113 13.86 19.62 20.02
C VAL C 113 13.16 20.98 20.05
N GLU C 114 12.07 21.19 19.33
CA GLU C 114 11.38 22.51 19.32
C GLU C 114 10.26 22.49 20.35
N LYS C 115 10.38 23.26 21.41
CA LYS C 115 9.40 23.21 22.51
C LYS C 115 8.38 24.31 22.24
N THR C 116 7.58 24.15 21.20
CA THR C 116 6.58 25.14 20.77
C THR C 116 5.34 24.39 20.27
N ASP C 117 4.17 24.97 20.45
CA ASP C 117 2.93 24.46 19.80
C ASP C 117 2.66 25.20 18.49
N LYS C 118 3.47 26.16 18.08
CA LYS C 118 3.32 26.87 16.82
C LYS C 118 3.53 25.87 15.70
N PRO C 119 2.73 25.91 14.63
CA PRO C 119 2.93 24.94 13.54
C PRO C 119 4.30 25.11 12.88
N ILE C 120 4.93 23.96 12.63
CA ILE C 120 6.20 23.85 11.92
C ILE C 120 5.93 22.81 10.82
N VAL C 121 6.17 23.24 9.60
CA VAL C 121 5.86 22.39 8.42
C VAL C 121 7.13 22.29 7.59
N VAL C 122 7.52 21.07 7.22
CA VAL C 122 8.70 20.82 6.33
C VAL C 122 8.15 20.34 4.99
N VAL C 123 8.65 20.90 3.90
CA VAL C 123 8.08 20.61 2.57
C VAL C 123 9.19 20.57 1.55
N GLY C 124 9.04 19.70 0.58
CA GLY C 124 9.92 19.60 -0.56
C GLY C 124 9.13 19.31 -1.81
N SER C 125 9.83 18.93 -2.87
CA SER C 125 9.17 18.50 -4.12
C SER C 125 10.01 17.39 -4.74
N MET C 126 9.36 16.57 -5.53
CA MET C 126 10.04 15.51 -6.29
C MET C 126 10.47 15.99 -7.67
N ARG C 127 9.87 17.05 -8.18
CA ARG C 127 10.23 17.62 -9.49
C ARG C 127 10.67 19.06 -9.26
N PRO C 128 11.64 19.56 -10.05
CA PRO C 128 12.02 20.94 -9.97
C PRO C 128 10.98 21.84 -10.65
N GLY C 129 10.95 23.14 -10.29
CA GLY C 129 9.98 24.13 -10.77
C GLY C 129 10.04 24.36 -12.26
N THR C 130 11.12 23.94 -12.90
CA THR C 130 11.31 24.02 -14.37
C THR C 130 10.59 22.91 -15.09
N ALA C 131 10.14 21.86 -14.39
CA ALA C 131 9.54 20.68 -15.04
C ALA C 131 8.06 20.94 -15.34
N MET C 132 7.57 20.33 -16.39
CA MET C 132 6.13 20.18 -16.60
C MET C 132 5.53 19.53 -15.33
N SER C 133 4.38 20.02 -14.90
CA SER C 133 3.61 19.42 -13.79
C SER C 133 4.46 19.37 -12.54
N ALA C 134 5.27 20.39 -12.30
CA ALA C 134 6.06 20.47 -11.05
C ALA C 134 5.15 20.51 -9.82
N ASP C 135 5.50 19.73 -8.79
CA ASP C 135 4.68 19.56 -7.56
C ASP C 135 4.97 20.63 -6.52
N GLY C 136 6.05 21.39 -6.65
CA GLY C 136 6.49 22.26 -5.55
C GLY C 136 5.55 23.42 -5.30
N MET C 137 4.92 23.95 -6.34
CA MET C 137 4.06 25.16 -6.15
C MET C 137 2.92 24.83 -5.19
N LEU C 138 2.17 23.76 -5.50
CA LEU C 138 1.04 23.40 -4.62
C LEU C 138 1.54 22.86 -3.26
N ASN C 139 2.66 22.16 -3.25
CA ASN C 139 3.22 21.71 -1.95
C ASN C 139 3.52 22.91 -1.04
N LEU C 140 4.10 23.98 -1.60
CA LEU C 140 4.45 25.17 -0.81
C LEU C 140 3.16 25.87 -0.38
N TYR C 141 2.23 26.05 -1.30
CA TYR C 141 0.90 26.65 -0.91
C TYR C 141 0.27 25.88 0.24
N ASN C 142 0.27 24.54 0.14
CA ASN C 142 -0.30 23.69 1.18
C ASN C 142 0.46 23.81 2.49
N ALA C 143 1.77 23.88 2.44
CA ALA C 143 2.60 24.02 3.65
C ALA C 143 2.20 25.33 4.36
N VAL C 144 2.06 26.40 3.59
CA VAL C 144 1.70 27.73 4.16
C VAL C 144 0.28 27.64 4.69
N ALA C 145 -0.62 27.00 3.96
CA ALA C 145 -2.01 26.82 4.46
C ALA C 145 -2.01 26.07 5.79
N VAL C 146 -1.28 24.97 5.91
CA VAL C 146 -1.24 24.17 7.15
C VAL C 146 -0.55 25.00 8.24
N ALA C 147 0.52 25.72 7.92
CA ALA C 147 1.25 26.49 8.95
C ALA C 147 0.38 27.63 9.47
N SER C 148 -0.63 28.06 8.71
CA SER C 148 -1.51 29.20 9.09
C SER C 148 -2.78 28.70 9.79
N ASP C 149 -2.99 27.39 9.90
CA ASP C 149 -4.26 26.82 10.41
C ASP C 149 -4.20 26.56 11.90
N LYS C 150 -5.18 27.06 12.66
CA LYS C 150 -5.25 26.78 14.11
C LYS C 150 -5.30 25.27 14.35
N GLN C 151 -5.80 24.44 13.41
CA GLN C 151 -5.87 22.98 13.68
C GLN C 151 -4.46 22.37 13.78
N SER C 152 -3.45 23.06 13.26
CA SER C 152 -2.07 22.54 13.23
C SER C 152 -1.35 22.75 14.57
N ARG C 153 -1.88 23.66 15.40
CA ARG C 153 -1.22 23.95 16.68
C ARG C 153 -1.21 22.67 17.53
N GLY C 154 -0.06 22.39 18.13
CA GLY C 154 0.10 21.27 19.05
C GLY C 154 0.17 19.90 18.40
N LYS C 155 0.31 19.83 17.06
CA LYS C 155 0.28 18.52 16.35
C LYS C 155 1.69 17.98 16.11
N GLY C 156 2.70 18.71 16.55
CA GLY C 156 4.10 18.40 16.22
C GLY C 156 4.41 18.82 14.80
N VAL C 157 5.61 18.50 14.36
CA VAL C 157 6.10 18.89 13.04
C VAL C 157 5.37 18.10 11.99
N LEU C 158 4.95 18.78 10.93
CA LEU C 158 4.12 18.21 9.84
C LEU C 158 4.89 18.30 8.54
N VAL C 159 4.54 17.39 7.62
CA VAL C 159 5.10 17.38 6.27
C VAL C 159 3.91 17.39 5.32
N THR C 160 3.87 18.30 4.35
CA THR C 160 2.67 18.50 3.53
C THR C 160 2.93 18.32 2.03
N MET C 161 3.24 17.13 1.61
CA MET C 161 3.41 16.81 0.20
C MET C 161 2.26 15.90 -0.27
N ASN C 162 1.97 15.92 -1.55
CA ASN C 162 1.00 14.93 -2.14
C ASN C 162 -0.39 15.15 -1.51
N ASP C 163 -0.73 16.40 -1.14
CA ASP C 163 -2.07 16.72 -0.55
C ASP C 163 -2.25 16.09 0.82
N GLU C 164 -1.19 15.60 1.44
CA GLU C 164 -1.32 14.90 2.73
C GLU C 164 -0.77 15.77 3.84
N ILE C 165 -1.22 15.50 5.05
CA ILE C 165 -0.59 16.00 6.29
C ILE C 165 0.03 14.78 6.93
N GLN C 166 1.35 14.68 6.91
CA GLN C 166 2.08 13.55 7.49
C GLN C 166 2.78 13.99 8.76
N SER C 167 2.93 13.10 9.71
CA SER C 167 3.73 13.36 10.93
C SER C 167 5.21 13.39 10.60
N GLY C 168 5.90 14.43 11.02
CA GLY C 168 7.36 14.49 10.84
C GLY C 168 8.06 13.39 11.61
N ARG C 169 7.43 12.81 12.61
CA ARG C 169 8.05 11.69 13.35
C ARG C 169 8.39 10.54 12.41
N ASP C 170 7.40 10.02 11.70
CA ASP C 170 7.56 8.67 11.10
C ASP C 170 7.27 8.69 9.61
N VAL C 171 7.01 9.83 9.01
CA VAL C 171 7.01 9.90 7.53
C VAL C 171 8.44 9.68 7.04
N SER C 172 8.56 8.94 5.95
CA SER C 172 9.87 8.63 5.35
C SER C 172 9.76 8.73 3.85
N MET C 173 10.88 8.99 3.21
CA MET C 173 10.94 8.92 1.75
C MET C 173 10.98 7.44 1.37
N ALA C 174 9.90 6.95 0.81
CA ALA C 174 9.61 5.51 0.62
C ALA C 174 9.53 5.17 -0.87
N VAL C 175 9.14 6.11 -1.71
CA VAL C 175 9.02 5.82 -3.16
C VAL C 175 9.89 6.82 -3.93
N ASN C 176 10.77 6.34 -4.78
CA ASN C 176 11.59 7.21 -5.63
C ASN C 176 10.77 7.71 -6.82
N ILE C 177 11.14 8.91 -7.29
CA ILE C 177 10.65 9.58 -8.55
C ILE C 177 9.24 10.17 -8.37
N LYS C 178 8.29 9.37 -7.91
CA LYS C 178 6.86 9.77 -7.85
C LYS C 178 6.56 10.81 -6.78
N THR C 179 5.53 11.63 -6.99
CA THR C 179 5.20 12.72 -6.03
C THR C 179 4.63 12.16 -4.71
N GLU C 180 4.22 10.90 -4.68
CA GLU C 180 3.72 10.22 -3.46
C GLU C 180 4.90 9.63 -2.65
N ALA C 181 6.12 10.08 -2.85
CA ALA C 181 7.33 9.57 -2.18
C ALA C 181 7.20 9.42 -0.68
N PHE C 182 6.56 10.35 0.03
CA PHE C 182 6.60 10.39 1.51
C PHE C 182 5.44 9.61 2.08
N LYS C 183 5.75 8.56 2.83
CA LYS C 183 4.75 7.69 3.41
C LYS C 183 5.11 7.36 4.86
N SER C 184 4.07 7.04 5.63
CA SER C 184 4.26 6.55 7.02
C SER C 184 3.62 5.18 7.14
N ALA C 185 4.26 4.28 7.86
CA ALA C 185 3.67 2.97 8.23
C ALA C 185 2.32 3.17 8.97
N TRP C 186 2.14 4.29 9.65
CA TRP C 186 0.96 4.53 10.50
C TRP C 186 -0.01 5.45 9.78
N GLY C 187 0.21 5.72 8.50
CA GLY C 187 -0.72 6.46 7.63
C GLY C 187 -0.53 7.96 7.74
N PRO C 188 -1.13 8.69 6.79
CA PRO C 188 -1.23 10.13 6.91
C PRO C 188 -2.17 10.46 8.08
N MET C 189 -1.93 11.60 8.71
CA MET C 189 -2.84 12.07 9.78
C MET C 189 -3.97 12.88 9.18
N GLY C 190 -3.82 13.40 7.97
CA GLY C 190 -4.83 14.28 7.39
C GLY C 190 -4.55 14.53 5.93
N MET C 191 -5.31 15.45 5.38
CA MET C 191 -5.11 15.92 4.01
C MET C 191 -5.30 17.45 3.99
N VAL C 192 -4.70 18.09 3.02
CA VAL C 192 -4.89 19.53 2.78
C VAL C 192 -5.36 19.69 1.34
N VAL C 193 -6.52 20.29 1.17
CA VAL C 193 -7.16 20.43 -0.14
C VAL C 193 -7.77 21.83 -0.25
N GLU C 194 -7.41 22.56 -1.30
CA GLU C 194 -7.93 23.94 -1.56
C GLU C 194 -7.83 24.78 -0.28
N GLY C 195 -6.66 24.72 0.32
CA GLY C 195 -6.30 25.54 1.48
C GLY C 195 -6.81 25.02 2.80
N LYS C 196 -7.63 23.96 2.84
CA LYS C 196 -8.32 23.49 4.05
C LYS C 196 -7.67 22.20 4.52
N SER C 197 -7.55 22.08 5.83
CA SER C 197 -6.99 20.90 6.50
C SER C 197 -8.09 20.01 7.01
N TYR C 198 -7.96 18.72 6.73
CA TYR C 198 -8.91 17.67 7.16
C TYR C 198 -8.15 16.64 7.95
N TRP C 199 -8.46 16.51 9.22
CA TRP C 199 -7.72 15.62 10.15
C TRP C 199 -8.50 14.31 10.37
N PHE C 200 -7.78 13.20 10.45
CA PHE C 200 -8.35 11.86 10.69
C PHE C 200 -7.67 11.10 11.82
N ARG C 201 -6.43 11.47 12.20
CA ARG C 201 -5.66 10.84 13.30
C ARG C 201 -4.87 11.93 14.03
N LEU C 202 -4.49 11.65 15.27
CA LEU C 202 -3.60 12.49 16.08
C LEU C 202 -2.35 11.73 16.41
N PRO C 203 -1.24 12.44 16.67
CA PRO C 203 -0.04 11.77 17.15
C PRO C 203 -0.24 11.10 18.50
N ALA C 204 0.44 10.00 18.74
CA ALA C 204 0.42 9.32 20.04
C ALA C 204 1.74 9.55 20.77
N LYS C 205 2.82 9.80 20.05
CA LYS C 205 4.17 9.81 20.66
C LYS C 205 4.51 11.23 21.14
N ARG C 206 5.52 11.32 22.01
CA ARG C 206 5.93 12.64 22.60
C ARG C 206 6.58 13.51 21.53
N HIS C 207 6.28 14.78 21.58
CA HIS C 207 6.84 15.75 20.63
C HIS C 207 6.75 17.14 21.20
N THR C 208 7.52 18.00 20.58
CA THR C 208 7.55 19.47 20.74
C THR C 208 7.32 19.86 22.22
N VAL C 209 6.14 20.41 22.55
CA VAL C 209 5.92 20.99 23.91
C VAL C 209 6.03 19.93 24.99
N ASN C 210 5.78 18.66 24.69
CA ASN C 210 5.85 17.56 25.68
C ASN C 210 7.22 16.85 25.63
N SER C 211 8.18 17.33 24.85
CA SER C 211 9.51 16.70 24.77
C SER C 211 10.37 17.09 25.97
N GLU C 212 11.20 16.16 26.39
CA GLU C 212 12.22 16.41 27.44
C GLU C 212 13.45 17.08 26.83
N PHE C 213 13.51 17.23 25.51
CA PHE C 213 14.70 17.78 24.83
C PHE C 213 14.40 19.19 24.36
N ASP C 214 15.44 20.00 24.24
CA ASP C 214 15.29 21.41 23.86
C ASP C 214 16.52 21.85 23.08
N ILE C 215 16.31 22.34 21.88
CA ILE C 215 17.38 22.80 20.96
C ILE C 215 18.21 23.87 21.71
N LYS C 216 17.59 24.65 22.60
CA LYS C 216 18.31 25.80 23.24
C LYS C 216 19.50 25.28 24.05
N GLN C 217 19.50 24.01 24.46
CA GLN C 217 20.55 23.43 25.37
C GLN C 217 21.66 22.77 24.56
N ILE C 218 21.44 22.47 23.28
CA ILE C 218 22.39 21.65 22.51
C ILE C 218 23.39 22.52 21.76
N SER C 219 24.68 22.32 22.01
CA SER C 219 25.78 23.06 21.36
C SER C 219 26.37 22.28 20.19
N SER C 220 26.52 20.98 20.31
CA SER C 220 27.07 20.11 19.25
C SER C 220 26.47 18.72 19.45
N LEU C 221 26.02 18.10 18.39
CA LEU C 221 25.44 16.77 18.52
C LEU C 221 26.50 15.70 18.59
N PRO C 222 26.24 14.61 19.32
CA PRO C 222 27.16 13.48 19.38
C PRO C 222 27.20 12.77 18.03
N GLN C 223 28.35 12.21 17.72
CA GLN C 223 28.56 11.49 16.45
C GLN C 223 27.83 10.12 16.54
N VAL C 224 26.96 9.85 15.55
CA VAL C 224 26.27 8.53 15.47
C VAL C 224 26.30 8.07 14.01
N ASP C 225 26.61 6.81 13.82
CA ASP C 225 26.73 6.28 12.45
C ASP C 225 25.85 5.03 12.29
N ILE C 226 25.72 4.62 11.03
CA ILE C 226 24.80 3.54 10.63
C ILE C 226 25.57 2.50 9.83
N ALA C 227 25.38 1.23 10.16
CA ALA C 227 25.96 0.09 9.41
C ALA C 227 24.86 -0.85 8.99
N TYR C 228 24.99 -1.39 7.80
CA TYR C 228 23.96 -2.24 7.17
C TYR C 228 24.19 -3.73 7.41
N GLY C 229 23.08 -4.46 7.55
CA GLY C 229 23.04 -5.94 7.65
C GLY C 229 22.51 -6.59 6.38
N TYR C 230 23.19 -7.66 5.98
CA TYR C 230 22.98 -8.37 4.71
C TYR C 230 23.69 -9.70 4.78
N GLY C 231 23.46 -10.59 3.82
CA GLY C 231 24.20 -11.86 3.70
C GLY C 231 25.71 -11.63 3.70
N ASN C 232 26.41 -12.44 4.49
CA ASN C 232 27.91 -12.42 4.55
C ASN C 232 28.46 -11.08 5.03
N VAL C 233 27.68 -10.26 5.74
CA VAL C 233 28.22 -9.03 6.36
C VAL C 233 29.26 -9.44 7.41
N THR C 234 30.26 -8.58 7.57
CA THR C 234 31.27 -8.75 8.63
C THR C 234 31.17 -7.58 9.60
N ASP C 235 32.00 -7.60 10.64
CA ASP C 235 32.06 -6.52 11.62
C ASP C 235 32.83 -5.29 11.16
N THR C 236 33.37 -5.28 9.95
CA THR C 236 34.28 -4.23 9.50
C THR C 236 33.67 -2.83 9.60
N ALA C 237 32.48 -2.59 9.06
CA ALA C 237 31.96 -1.22 9.08
C ALA C 237 31.73 -0.75 10.52
N TYR C 238 31.20 -1.63 11.36
CA TYR C 238 30.84 -1.30 12.76
C TYR C 238 32.10 -0.86 13.50
N LYS C 239 33.17 -1.65 13.35
CA LYS C 239 34.44 -1.31 14.04
C LYS C 239 35.04 -0.03 13.50
N ALA C 240 35.06 0.15 12.20
CA ALA C 240 35.67 1.33 11.59
C ALA C 240 34.88 2.58 12.00
N LEU C 241 33.54 2.52 12.00
CA LEU C 241 32.78 3.71 12.40
C LEU C 241 33.06 4.07 13.86
N ALA C 242 33.14 3.08 14.75
CA ALA C 242 33.45 3.34 16.17
C ALA C 242 34.88 3.89 16.26
N GLN C 243 35.82 3.36 15.49
CA GLN C 243 37.24 3.80 15.57
C GLN C 243 37.29 5.27 15.19
N ASN C 244 36.39 5.72 14.30
CA ASN C 244 36.40 7.09 13.74
C ASN C 244 35.39 7.97 14.44
N GLY C 245 34.96 7.57 15.66
CA GLY C 245 34.27 8.50 16.57
C GLY C 245 32.82 8.17 16.84
N ALA C 246 32.21 7.11 16.32
CA ALA C 246 30.78 6.86 16.62
C ALA C 246 30.57 6.61 18.12
N LYS C 247 29.68 7.37 18.75
CA LYS C 247 29.26 7.20 20.17
C LYS C 247 28.07 6.24 20.27
N ALA C 248 27.36 6.10 19.16
CA ALA C 248 26.35 5.04 19.01
C ALA C 248 26.43 4.54 17.58
N LEU C 249 26.06 3.28 17.42
CA LEU C 249 25.94 2.63 16.09
C LEU C 249 24.49 2.21 15.94
N ILE C 250 23.87 2.68 14.86
CA ILE C 250 22.57 2.15 14.41
C ILE C 250 22.87 0.96 13.49
N HIS C 251 22.43 -0.19 13.93
CA HIS C 251 22.45 -1.43 13.16
C HIS C 251 21.21 -1.50 12.28
N ALA C 252 21.35 -1.40 10.98
CA ALA C 252 20.23 -1.51 10.01
C ALA C 252 20.12 -2.98 9.61
N GLY C 253 19.56 -3.76 10.50
CA GLY C 253 19.55 -5.22 10.39
C GLY C 253 18.57 -5.70 9.34
N THR C 254 18.78 -6.92 8.89
CA THR C 254 17.74 -7.73 8.24
C THR C 254 16.60 -7.99 9.24
N GLY C 255 15.42 -8.28 8.73
CA GLY C 255 14.30 -8.73 9.56
C GLY C 255 14.09 -7.90 10.80
N ASN C 256 13.87 -8.59 11.92
CA ASN C 256 13.51 -7.89 13.18
C ASN C 256 14.80 -7.43 13.87
N GLY C 257 15.57 -6.59 13.19
CA GLY C 257 16.82 -6.06 13.71
C GLY C 257 17.83 -7.17 13.94
N SER C 258 17.78 -8.24 13.18
CA SER C 258 18.63 -9.44 13.44
C SER C 258 20.11 -9.09 13.21
N VAL C 259 21.01 -9.77 13.92
CA VAL C 259 22.48 -9.54 13.88
C VAL C 259 23.13 -10.86 13.51
N SER C 260 23.95 -10.83 12.47
CA SER C 260 24.75 -12.00 12.07
C SER C 260 25.62 -12.48 13.24
N SER C 261 25.78 -13.78 13.35
CA SER C 261 26.70 -14.38 14.35
C SER C 261 28.13 -13.88 14.10
N ARG C 262 28.47 -13.43 12.89
CA ARG C 262 29.80 -12.83 12.57
C ARG C 262 29.98 -11.42 13.15
N VAL C 263 28.91 -10.76 13.52
CA VAL C 263 28.88 -9.36 13.98
C VAL C 263 28.64 -9.28 15.49
N VAL C 264 27.86 -10.17 16.08
CA VAL C 264 27.52 -10.10 17.52
C VAL C 264 28.77 -9.86 18.39
N PRO C 265 29.88 -10.62 18.26
CA PRO C 265 31.01 -10.43 19.19
C PRO C 265 31.60 -9.01 19.15
N ALA C 266 31.72 -8.45 17.94
CA ALA C 266 32.19 -7.05 17.80
C ALA C 266 31.23 -6.12 18.52
N LEU C 267 29.91 -6.32 18.41
CA LEU C 267 28.96 -5.35 19.03
C LEU C 267 29.00 -5.50 20.55
N GLN C 268 29.28 -6.72 21.04
CA GLN C 268 29.45 -6.87 22.51
C GLN C 268 30.69 -6.09 22.99
N GLU C 269 31.79 -6.21 22.28
CA GLU C 269 33.07 -5.52 22.59
C GLU C 269 32.84 -4.01 22.50
N LEU C 270 32.19 -3.52 21.43
CA LEU C 270 31.91 -2.08 21.33
C LEU C 270 31.05 -1.58 22.49
N ARG C 271 30.00 -2.30 22.89
CA ARG C 271 29.16 -1.85 24.01
C ARG C 271 29.98 -1.84 25.29
N LYS C 272 30.80 -2.86 25.50
CA LYS C 272 31.71 -2.91 26.68
C LYS C 272 32.61 -1.68 26.69
N ASN C 273 33.03 -1.16 25.54
CA ASN C 273 33.90 0.04 25.39
C ASN C 273 33.09 1.33 25.38
N GLY C 274 31.77 1.28 25.58
CA GLY C 274 30.96 2.47 25.83
C GLY C 274 30.16 2.92 24.59
N VAL C 275 30.16 2.16 23.50
CA VAL C 275 29.41 2.59 22.28
C VAL C 275 27.99 2.03 22.40
N GLN C 276 26.96 2.87 22.30
CA GLN C 276 25.55 2.37 22.37
C GLN C 276 25.28 1.61 21.06
N ILE C 277 24.55 0.51 21.18
CA ILE C 277 24.20 -0.41 20.06
C ILE C 277 22.69 -0.37 19.97
N ILE C 278 22.18 0.18 18.83
CA ILE C 278 20.73 0.36 18.60
C ILE C 278 20.31 -0.46 17.38
N ARG C 279 19.43 -1.42 17.59
CA ARG C 279 18.96 -2.36 16.53
C ARG C 279 17.74 -1.75 15.84
N SER C 280 17.98 -1.32 14.62
CA SER C 280 16.92 -0.91 13.67
C SER C 280 16.91 -1.97 12.56
N SER C 281 16.26 -1.68 11.43
CA SER C 281 16.15 -2.67 10.35
C SER C 281 16.01 -1.91 9.03
N HIS C 282 16.20 -2.63 7.94
CA HIS C 282 15.80 -2.16 6.59
C HIS C 282 14.51 -2.82 6.17
N VAL C 283 13.61 -3.03 7.11
CA VAL C 283 12.26 -3.56 6.86
C VAL C 283 11.31 -2.44 7.27
N ASN C 284 11.01 -1.54 6.36
CA ASN C 284 10.59 -0.16 6.71
C ASN C 284 9.13 0.14 6.38
N GLN C 285 8.35 -0.78 5.82
CA GLN C 285 6.93 -0.47 5.45
CA GLN C 285 6.94 -0.47 5.45
C GLN C 285 6.01 -0.69 6.63
N GLY C 286 6.41 -1.44 7.67
CA GLY C 286 5.52 -1.64 8.81
C GLY C 286 6.15 -2.50 9.86
N GLY C 287 5.47 -2.63 10.97
CA GLY C 287 5.99 -3.44 12.07
C GLY C 287 7.02 -2.67 12.88
N PHE C 288 7.71 -3.38 13.75
CA PHE C 288 8.74 -2.75 14.59
C PHE C 288 9.71 -3.82 15.07
N VAL C 289 10.84 -3.38 15.60
CA VAL C 289 11.86 -4.25 16.20
C VAL C 289 11.53 -4.44 17.68
N LEU C 290 11.37 -5.70 18.06
CA LEU C 290 10.93 -6.16 19.42
C LEU C 290 12.15 -6.47 20.28
N ARG C 291 12.17 -5.85 21.45
CA ARG C 291 13.25 -6.07 22.43
C ARG C 291 13.30 -7.55 22.83
N ASN C 292 14.50 -8.09 22.89
CA ASN C 292 14.85 -9.45 23.37
C ASN C 292 14.33 -10.54 22.43
N ALA C 293 13.87 -10.21 21.22
CA ALA C 293 13.33 -11.22 20.31
C ALA C 293 14.50 -11.80 19.50
N GLU C 294 15.08 -11.05 18.58
CA GLU C 294 16.16 -11.61 17.74
C GLU C 294 17.49 -11.64 18.50
N GLN C 295 17.70 -10.77 19.49
CA GLN C 295 18.97 -10.73 20.25
C GLN C 295 18.65 -10.47 21.71
N PRO C 296 19.52 -10.95 22.64
CA PRO C 296 19.30 -10.76 24.08
C PRO C 296 19.79 -9.37 24.49
N ASP C 297 18.95 -8.38 24.21
CA ASP C 297 19.27 -6.97 24.46
C ASP C 297 19.58 -6.73 25.93
N ASP C 298 18.80 -7.32 26.85
CA ASP C 298 19.02 -7.13 28.30
C ASP C 298 20.42 -7.64 28.67
N LYS C 299 20.78 -8.82 28.20
CA LYS C 299 22.10 -9.45 28.51
C LYS C 299 23.22 -8.55 27.95
N ASN C 300 23.02 -7.98 26.75
CA ASN C 300 24.10 -7.24 26.01
C ASN C 300 24.09 -5.75 26.31
N ASP C 301 23.05 -5.24 26.98
CA ASP C 301 22.82 -3.82 27.24
C ASP C 301 22.75 -3.06 25.89
N TRP C 302 21.93 -3.61 25.01
CA TRP C 302 21.64 -2.99 23.70
C TRP C 302 20.25 -2.35 23.75
N VAL C 303 19.90 -1.63 22.69
CA VAL C 303 18.63 -0.89 22.58
C VAL C 303 17.98 -1.31 21.28
N VAL C 304 16.66 -1.40 21.27
CA VAL C 304 15.94 -1.54 19.96
C VAL C 304 15.35 -0.20 19.57
N ALA C 305 15.26 0.01 18.25
CA ALA C 305 14.78 1.29 17.68
C ALA C 305 13.26 1.29 17.47
N HIS C 306 12.58 0.27 17.95
CA HIS C 306 11.09 0.19 17.87
C HIS C 306 10.72 0.25 16.38
N ASP C 307 9.88 1.17 15.96
CA ASP C 307 9.45 1.21 14.54
C ASP C 307 10.36 2.12 13.71
N LEU C 308 11.37 2.77 14.31
CA LEU C 308 12.12 3.85 13.66
C LEU C 308 13.11 3.26 12.68
N ASN C 309 13.09 3.75 11.45
CA ASN C 309 14.07 3.33 10.43
C ASN C 309 15.47 3.79 10.84
N PRO C 310 16.52 3.35 10.15
CA PRO C 310 17.86 3.61 10.66
C PRO C 310 18.20 5.11 10.78
N GLN C 311 17.87 5.90 9.76
CA GLN C 311 18.21 7.34 9.75
C GLN C 311 17.39 8.07 10.82
N LYS C 312 16.16 7.66 11.07
CA LYS C 312 15.38 8.23 12.16
C LYS C 312 15.96 7.83 13.49
N ALA C 313 16.33 6.57 13.64
CA ALA C 313 16.91 6.10 14.91
C ALA C 313 18.20 6.87 15.18
N ARG C 314 18.97 7.19 14.15
CA ARG C 314 20.20 7.98 14.34
C ARG C 314 19.86 9.34 14.94
N ILE C 315 18.85 10.01 14.42
CA ILE C 315 18.43 11.33 14.92
C ILE C 315 18.03 11.21 16.41
N LEU C 316 17.19 10.23 16.73
CA LEU C 316 16.75 10.10 18.14
C LEU C 316 17.93 9.74 19.03
N ALA C 317 18.84 8.90 18.58
CA ALA C 317 20.00 8.50 19.40
C ALA C 317 20.87 9.73 19.68
N MET C 318 21.11 10.57 18.68
CA MET C 318 21.90 11.81 18.86
C MET C 318 21.26 12.70 19.91
N VAL C 319 19.97 12.96 19.79
CA VAL C 319 19.29 13.87 20.74
C VAL C 319 19.33 13.21 22.11
N ALA C 320 19.00 11.93 22.19
CA ALA C 320 18.88 11.24 23.49
C ALA C 320 20.24 11.31 24.23
N MET C 321 21.33 11.16 23.52
CA MET C 321 22.66 11.08 24.18
C MET C 321 23.14 12.48 24.58
N THR C 322 22.46 13.55 24.20
CA THR C 322 22.73 14.88 24.84
C THR C 322 22.26 14.84 26.30
N LYS C 323 21.47 13.84 26.70
CA LYS C 323 20.89 13.82 28.08
C LYS C 323 21.43 12.63 28.84
N THR C 324 21.64 11.47 28.24
CA THR C 324 21.89 10.22 28.96
C THR C 324 22.86 9.32 28.22
N GLN C 325 23.62 8.55 28.99
CA GLN C 325 24.35 7.38 28.48
C GLN C 325 23.79 6.11 29.09
N ASP C 326 22.65 6.16 29.77
CA ASP C 326 22.09 4.95 30.39
C ASP C 326 21.25 4.21 29.36
N SER C 327 21.61 3.00 29.00
CA SER C 327 20.90 2.22 27.94
C SER C 327 19.43 2.05 28.30
N LYS C 328 19.07 1.92 29.57
CA LYS C 328 17.64 1.77 29.98
C LYS C 328 16.88 3.06 29.68
N GLU C 329 17.47 4.23 29.91
CA GLU C 329 16.82 5.51 29.59
C GLU C 329 16.75 5.62 28.06
N LEU C 330 17.80 5.23 27.35
CA LEU C 330 17.75 5.31 25.84
C LEU C 330 16.61 4.43 25.34
N GLN C 331 16.41 3.25 25.91
CA GLN C 331 15.31 2.35 25.48
C GLN C 331 13.97 3.02 25.80
N ARG C 332 13.84 3.65 26.96
CA ARG C 332 12.58 4.34 27.30
C ARG C 332 12.30 5.40 26.23
N ILE C 333 13.31 6.20 25.89
CA ILE C 333 13.16 7.28 24.89
C ILE C 333 12.72 6.66 23.55
N PHE C 334 13.31 5.54 23.13
CA PHE C 334 12.95 4.85 21.87
C PHE C 334 11.53 4.29 21.92
N TRP C 335 10.97 4.12 23.13
CA TRP C 335 9.58 3.66 23.30
C TRP C 335 8.59 4.82 23.51
N GLU C 336 9.03 6.06 23.66
CA GLU C 336 8.12 7.18 23.97
C GLU C 336 8.06 8.17 22.80
N TYR C 337 9.12 8.27 21.98
CA TYR C 337 9.26 9.32 20.95
C TYR C 337 9.12 8.71 19.53
N LYS D 8 1.88 -40.14 -11.21
CA LYS D 8 0.64 -39.34 -11.19
C LYS D 8 0.93 -38.01 -10.48
N LEU D 9 1.46 -38.03 -9.26
CA LEU D 9 1.83 -36.78 -8.51
C LEU D 9 3.26 -36.36 -8.89
N ALA D 10 3.55 -35.06 -8.85
CA ALA D 10 4.90 -34.51 -9.11
C ALA D 10 5.86 -34.91 -8.00
N ASN D 11 7.13 -35.01 -8.36
CA ASN D 11 8.21 -35.31 -7.40
C ASN D 11 8.81 -33.97 -7.01
N VAL D 12 8.59 -33.60 -5.77
CA VAL D 12 9.14 -32.32 -5.22
C VAL D 12 10.19 -32.65 -4.18
N VAL D 13 11.32 -31.99 -4.26
CA VAL D 13 12.32 -32.08 -3.19
C VAL D 13 12.31 -30.80 -2.36
N ILE D 14 12.26 -30.94 -1.05
CA ILE D 14 12.38 -29.81 -0.10
C ILE D 14 13.82 -29.77 0.42
N LEU D 15 14.49 -28.68 0.13
CA LEU D 15 15.83 -28.40 0.67
C LEU D 15 15.67 -27.44 1.85
N ALA D 16 16.00 -27.87 3.05
CA ALA D 16 15.85 -27.07 4.26
C ALA D 16 17.16 -26.33 4.55
N THR D 17 17.06 -25.06 4.96
CA THR D 17 18.20 -24.21 5.34
C THR D 17 18.05 -23.68 6.76
N GLY D 18 16.93 -23.86 7.43
CA GLY D 18 16.71 -23.31 8.78
C GLY D 18 15.55 -22.31 8.81
N GLY D 19 15.72 -21.24 9.55
CA GLY D 19 14.71 -20.18 9.63
C GLY D 19 13.68 -20.36 10.70
N THR D 20 12.81 -19.35 10.76
CA THR D 20 11.63 -19.30 11.64
C THR D 20 10.66 -20.42 11.32
N ILE D 21 10.58 -20.82 10.07
CA ILE D 21 9.65 -21.89 9.62
C ILE D 21 10.07 -23.20 10.32
N ALA D 22 11.36 -23.35 10.63
CA ALA D 22 11.93 -24.48 11.41
C ALA D 22 12.17 -24.09 12.86
N GLY D 23 11.49 -23.06 13.38
CA GLY D 23 11.83 -22.50 14.68
C GLY D 23 10.89 -23.01 15.77
N ALA D 24 11.20 -22.64 17.01
CA ALA D 24 10.40 -23.02 18.18
C ALA D 24 10.45 -21.89 19.20
N GLY D 25 9.28 -21.57 19.78
CA GLY D 25 9.13 -20.65 20.91
C GLY D 25 8.73 -21.39 22.15
N ALA D 26 8.71 -20.71 23.28
CA ALA D 26 8.51 -21.34 24.61
C ALA D 26 7.02 -21.69 24.84
N SER D 27 6.09 -21.05 24.14
CA SER D 27 4.64 -21.30 24.33
C SER D 27 3.89 -20.90 23.05
N ALA D 28 2.60 -21.24 22.99
CA ALA D 28 1.72 -20.94 21.84
C ALA D 28 1.62 -19.41 21.65
N ALA D 29 1.75 -18.59 22.70
CA ALA D 29 1.58 -17.11 22.61
C ALA D 29 2.86 -16.48 22.06
N ASN D 30 3.94 -17.25 21.92
CA ASN D 30 5.23 -16.70 21.40
C ASN D 30 5.22 -16.74 19.88
N SER D 31 4.56 -15.78 19.24
CA SER D 31 4.56 -15.64 17.76
C SER D 31 5.82 -14.89 17.27
N ALA D 32 6.53 -14.14 18.12
CA ALA D 32 7.56 -13.17 17.68
C ALA D 32 8.92 -13.43 18.36
N THR D 33 8.91 -14.05 19.54
CA THR D 33 10.13 -14.39 20.33
C THR D 33 10.33 -15.92 20.28
N TYR D 34 11.33 -16.37 19.54
CA TYR D 34 11.54 -17.82 19.28
C TYR D 34 13.01 -18.02 18.93
N GLN D 35 13.41 -19.27 18.78
CA GLN D 35 14.75 -19.65 18.27
C GLN D 35 14.54 -20.22 16.88
N ALA D 36 15.19 -19.65 15.87
CA ALA D 36 15.12 -20.19 14.49
C ALA D 36 15.88 -21.52 14.39
N ALA D 37 15.58 -22.31 13.38
CA ALA D 37 16.47 -23.39 12.87
C ALA D 37 16.66 -24.44 13.99
N LYS D 38 15.57 -24.89 14.57
CA LYS D 38 15.55 -25.94 15.63
C LYS D 38 15.07 -27.26 15.03
N LEU D 39 14.22 -27.26 14.00
CA LEU D 39 13.58 -28.50 13.50
C LEU D 39 14.19 -28.93 12.17
N GLY D 40 14.58 -30.19 12.05
CA GLY D 40 15.14 -30.72 10.81
C GLY D 40 14.08 -30.91 9.75
N VAL D 41 14.51 -31.07 8.52
CA VAL D 41 13.60 -31.12 7.38
C VAL D 41 12.55 -32.24 7.55
N ASP D 42 12.93 -33.39 8.17
CA ASP D 42 11.97 -34.50 8.36
C ASP D 42 10.83 -34.07 9.29
N LYS D 43 11.09 -33.25 10.30
CA LYS D 43 10.02 -32.77 11.21
C LYS D 43 9.13 -31.76 10.48
N LEU D 44 9.70 -30.93 9.60
CA LEU D 44 8.87 -29.98 8.79
C LEU D 44 7.86 -30.78 7.97
N ILE D 45 8.33 -31.80 7.26
CA ILE D 45 7.51 -32.65 6.38
C ILE D 45 6.48 -33.38 7.24
N ALA D 46 6.88 -33.90 8.40
CA ALA D 46 5.96 -34.68 9.28
C ALA D 46 4.85 -33.75 9.81
N GLY D 47 5.14 -32.46 9.99
CA GLY D 47 4.17 -31.46 10.51
C GLY D 47 3.13 -31.05 9.49
N VAL D 48 3.25 -31.43 8.23
CA VAL D 48 2.26 -31.11 7.16
C VAL D 48 1.96 -32.42 6.43
N PRO D 49 1.20 -33.34 7.07
CA PRO D 49 0.91 -34.63 6.44
C PRO D 49 0.14 -34.47 5.12
N GLU D 50 -0.56 -33.35 4.96
CA GLU D 50 -1.37 -33.03 3.77
C GLU D 50 -0.48 -32.88 2.53
N LEU D 51 0.83 -32.70 2.66
CA LEU D 51 1.71 -32.62 1.49
C LEU D 51 1.59 -33.89 0.63
N ALA D 52 1.41 -35.05 1.26
CA ALA D 52 1.31 -36.33 0.52
C ALA D 52 0.11 -36.32 -0.41
N ASP D 53 -0.90 -35.51 -0.15
CA ASP D 53 -2.06 -35.37 -1.06
C ASP D 53 -1.66 -34.66 -2.37
N ILE D 54 -0.64 -33.80 -2.37
CA ILE D 54 -0.42 -32.92 -3.55
C ILE D 54 0.87 -33.23 -4.26
N ALA D 55 1.80 -33.96 -3.64
CA ALA D 55 3.07 -34.29 -4.28
C ALA D 55 3.73 -35.46 -3.58
N ASN D 56 4.68 -36.06 -4.27
CA ASN D 56 5.64 -37.00 -3.67
C ASN D 56 6.83 -36.19 -3.17
N VAL D 57 6.93 -36.02 -1.88
CA VAL D 57 7.93 -35.09 -1.28
C VAL D 57 9.07 -35.89 -0.62
N ARG D 58 10.28 -35.42 -0.79
CA ARG D 58 11.49 -35.91 -0.11
C ARG D 58 12.23 -34.68 0.40
N GLY D 59 12.81 -34.79 1.57
CA GLY D 59 13.53 -33.66 2.18
C GLY D 59 15.01 -33.90 2.32
N GLU D 60 15.81 -32.85 2.15
CA GLU D 60 17.25 -32.86 2.50
C GLU D 60 17.60 -31.62 3.32
N GLN D 61 18.51 -31.77 4.25
CA GLN D 61 19.03 -30.65 5.08
C GLN D 61 20.26 -30.16 4.36
N VAL D 62 20.23 -28.94 3.82
CA VAL D 62 21.42 -28.34 3.16
C VAL D 62 22.25 -27.61 4.21
N MET D 63 21.60 -26.93 5.14
CA MET D 63 22.19 -26.20 6.28
C MET D 63 21.10 -26.03 7.32
N GLN D 64 21.44 -25.49 8.48
CA GLN D 64 20.49 -25.30 9.58
C GLN D 64 20.89 -24.00 10.27
N ILE D 65 20.49 -22.86 9.72
CA ILE D 65 20.95 -21.53 10.19
C ILE D 65 19.78 -20.58 10.35
N ALA D 66 20.01 -19.58 11.17
CA ALA D 66 19.25 -18.33 11.14
C ALA D 66 19.78 -17.56 9.91
N SER D 67 18.87 -17.18 8.99
CA SER D 67 19.31 -16.67 7.69
C SER D 67 20.06 -15.35 7.80
N GLU D 68 19.99 -14.61 8.91
CA GLU D 68 20.80 -13.37 9.06
C GLU D 68 22.30 -13.71 9.07
N SER D 69 22.65 -14.97 9.30
CA SER D 69 24.05 -15.40 9.44
C SER D 69 24.50 -16.19 8.21
N ILE D 70 23.78 -16.13 7.09
CA ILE D 70 24.14 -16.87 5.86
C ILE D 70 25.45 -16.31 5.31
N SER D 71 26.19 -17.17 4.63
CA SER D 71 27.47 -16.77 3.99
C SER D 71 27.38 -17.06 2.50
N ASN D 72 28.33 -16.52 1.73
CA ASN D 72 28.47 -16.82 0.29
C ASN D 72 28.78 -18.31 0.07
N ASP D 73 29.55 -18.94 0.96
CA ASP D 73 29.76 -20.41 0.85
C ASP D 73 28.44 -21.17 0.98
N ASP D 74 27.56 -20.72 1.86
CA ASP D 74 26.21 -21.31 1.99
C ASP D 74 25.44 -21.16 0.68
N LEU D 75 25.44 -19.96 0.09
CA LEU D 75 24.70 -19.73 -1.19
C LEU D 75 25.23 -20.69 -2.25
N LEU D 76 26.55 -20.83 -2.33
CA LEU D 76 27.14 -21.71 -3.36
C LEU D 76 26.73 -23.15 -3.12
N LYS D 77 26.76 -23.62 -1.87
CA LYS D 77 26.37 -25.01 -1.57
C LYS D 77 24.91 -25.23 -1.99
N LEU D 78 24.01 -24.32 -1.59
CA LEU D 78 22.57 -24.44 -1.93
C LEU D 78 22.41 -24.38 -3.44
N GLY D 79 23.05 -23.43 -4.11
CA GLY D 79 22.89 -23.25 -5.55
C GLY D 79 23.36 -24.50 -6.30
N LYS D 80 24.47 -25.06 -5.82
CA LYS D 80 25.01 -26.26 -6.51
C LYS D 80 24.09 -27.45 -6.30
N ARG D 81 23.50 -27.63 -5.12
CA ARG D 81 22.58 -28.75 -4.88
C ARG D 81 21.31 -28.55 -5.70
N VAL D 82 20.81 -27.32 -5.76
CA VAL D 82 19.60 -27.06 -6.58
C VAL D 82 19.89 -27.48 -8.02
N ALA D 83 21.07 -27.12 -8.55
CA ALA D 83 21.43 -27.43 -9.95
C ALA D 83 21.48 -28.97 -10.14
N GLU D 84 22.03 -29.71 -9.19
CA GLU D 84 22.10 -31.21 -9.29
C GLU D 84 20.70 -31.80 -9.33
N LEU D 85 19.79 -31.25 -8.52
CA LEU D 85 18.42 -31.77 -8.48
C LEU D 85 17.70 -31.39 -9.77
N ALA D 86 17.87 -30.16 -10.26
CA ALA D 86 17.20 -29.69 -11.48
C ALA D 86 17.62 -30.55 -12.69
N GLU D 87 18.87 -31.00 -12.73
CA GLU D 87 19.36 -31.88 -13.84
C GLU D 87 18.77 -33.29 -13.76
N SER D 88 18.21 -33.69 -12.64
CA SER D 88 17.71 -35.07 -12.41
C SER D 88 16.34 -35.23 -13.06
N LYS D 89 16.14 -36.29 -13.85
CA LYS D 89 14.82 -36.60 -14.45
C LYS D 89 13.76 -36.93 -13.38
N ASP D 90 14.17 -37.32 -12.19
CA ASP D 90 13.31 -37.79 -11.06
C ASP D 90 12.77 -36.60 -10.25
N VAL D 91 13.17 -35.37 -10.60
CA VAL D 91 12.77 -34.16 -9.82
C VAL D 91 11.91 -33.28 -10.73
N ASP D 92 10.72 -32.89 -10.27
CA ASP D 92 9.82 -32.02 -11.06
C ASP D 92 9.88 -30.57 -10.55
N GLY D 93 10.08 -30.40 -9.25
CA GLY D 93 10.18 -29.05 -8.67
C GLY D 93 10.92 -29.08 -7.37
N ILE D 94 11.34 -27.90 -6.93
CA ILE D 94 12.18 -27.78 -5.73
C ILE D 94 11.61 -26.68 -4.84
N VAL D 95 11.51 -27.00 -3.58
CA VAL D 95 11.14 -26.02 -2.53
C VAL D 95 12.32 -25.83 -1.59
N ILE D 96 12.63 -24.59 -1.26
CA ILE D 96 13.69 -24.28 -0.27
C ILE D 96 13.03 -23.64 0.93
N THR D 97 13.15 -24.23 2.12
CA THR D 97 12.65 -23.61 3.37
C THR D 97 13.78 -22.75 3.94
N HIS D 98 13.46 -21.52 4.34
CA HIS D 98 14.50 -20.50 4.57
C HIS D 98 14.04 -19.50 5.62
N GLY D 99 14.96 -18.97 6.39
CA GLY D 99 14.70 -17.82 7.25
C GLY D 99 14.22 -16.63 6.41
N THR D 100 13.43 -15.75 7.01
CA THR D 100 12.90 -14.55 6.32
C THR D 100 13.99 -13.51 6.07
N ASP D 101 14.93 -13.34 6.98
CA ASP D 101 15.82 -12.16 6.98
C ASP D 101 16.53 -12.01 5.64
N THR D 102 17.07 -13.10 5.09
CA THR D 102 17.81 -13.02 3.78
C THR D 102 17.17 -13.89 2.70
N LEU D 103 15.90 -14.29 2.91
CA LEU D 103 15.15 -15.05 1.91
C LEU D 103 15.18 -14.35 0.55
N GLU D 104 15.04 -13.03 0.53
CA GLU D 104 14.96 -12.27 -0.72
C GLU D 104 16.30 -12.31 -1.44
N GLU D 105 17.41 -12.47 -0.72
CA GLU D 105 18.75 -12.52 -1.32
C GLU D 105 18.95 -13.89 -1.96
N THR D 106 18.64 -14.94 -1.23
CA THR D 106 18.71 -16.30 -1.76
C THR D 106 17.82 -16.43 -2.98
N ALA D 107 16.57 -15.97 -2.92
CA ALA D 107 15.62 -16.16 -4.03
C ALA D 107 16.18 -15.47 -5.28
N PHE D 108 16.75 -14.30 -5.14
CA PHE D 108 17.28 -13.55 -6.30
C PHE D 108 18.54 -14.23 -6.85
N PHE D 109 19.39 -14.69 -5.95
CA PHE D 109 20.61 -15.42 -6.34
C PHE D 109 20.23 -16.64 -7.20
N LEU D 110 19.29 -17.44 -6.74
CA LEU D 110 18.87 -18.65 -7.51
C LEU D 110 18.24 -18.22 -8.83
N ASN D 111 17.49 -17.14 -8.86
CA ASN D 111 16.87 -16.61 -10.10
C ASN D 111 17.92 -16.30 -11.17
N LEU D 112 19.12 -15.93 -10.77
CA LEU D 112 20.20 -15.50 -11.68
C LEU D 112 21.03 -16.69 -12.13
N VAL D 113 21.20 -17.73 -11.31
CA VAL D 113 22.28 -18.73 -11.56
C VAL D 113 21.72 -20.10 -11.89
N GLU D 114 20.41 -20.33 -11.78
CA GLU D 114 19.87 -21.69 -12.04
C GLU D 114 19.28 -21.72 -13.43
N LYS D 115 19.91 -22.42 -14.35
CA LYS D 115 19.47 -22.38 -15.77
C LYS D 115 18.50 -23.52 -15.97
N THR D 116 17.33 -23.44 -15.39
CA THR D 116 16.29 -24.50 -15.45
C THR D 116 14.92 -23.84 -15.55
N ASP D 117 14.01 -24.47 -16.24
CA ASP D 117 12.60 -24.03 -16.24
C ASP D 117 11.83 -24.76 -15.14
N LYS D 118 12.45 -25.70 -14.43
CA LYS D 118 11.74 -26.42 -13.37
C LYS D 118 11.40 -25.43 -12.26
N PRO D 119 10.21 -25.52 -11.65
CA PRO D 119 9.88 -24.60 -10.58
C PRO D 119 10.82 -24.69 -9.39
N ILE D 120 11.22 -23.51 -8.93
CA ILE D 120 12.02 -23.34 -7.71
C ILE D 120 11.28 -22.35 -6.82
N VAL D 121 10.87 -22.78 -5.65
CA VAL D 121 10.06 -21.96 -4.72
C VAL D 121 10.84 -21.81 -3.42
N VAL D 122 10.93 -20.58 -2.89
CA VAL D 122 11.59 -20.31 -1.60
C VAL D 122 10.48 -19.86 -0.66
N VAL D 123 10.47 -20.39 0.53
CA VAL D 123 9.36 -20.13 1.50
C VAL D 123 9.91 -20.08 2.93
N GLY D 124 9.32 -19.20 3.74
CA GLY D 124 9.58 -19.08 5.18
C GLY D 124 8.29 -18.83 5.91
N SER D 125 8.43 -18.39 7.14
CA SER D 125 7.27 -18.08 7.99
C SER D 125 7.67 -16.95 8.92
N MET D 126 6.68 -16.18 9.32
CA MET D 126 6.88 -15.06 10.27
C MET D 126 6.68 -15.53 11.72
N ARG D 127 5.99 -16.65 11.92
CA ARG D 127 5.75 -17.23 13.26
C ARG D 127 6.36 -18.62 13.25
N PRO D 128 6.89 -19.11 14.39
CA PRO D 128 7.31 -20.50 14.46
C PRO D 128 6.13 -21.48 14.55
N GLY D 129 6.35 -22.76 14.21
CA GLY D 129 5.32 -23.80 14.17
C GLY D 129 4.70 -24.06 15.55
N THR D 130 5.36 -23.61 16.61
CA THR D 130 4.89 -23.73 18.00
C THR D 130 3.80 -22.70 18.30
N ALA D 131 3.68 -21.66 17.48
CA ALA D 131 2.83 -20.51 17.80
C ALA D 131 1.38 -20.79 17.42
N MET D 132 0.45 -20.22 18.16
CA MET D 132 -0.96 -20.05 17.75
C MET D 132 -0.96 -19.46 16.33
N SER D 133 -1.79 -19.98 15.45
CA SER D 133 -1.99 -19.39 14.11
C SER D 133 -0.67 -19.31 13.35
N ALA D 134 0.23 -20.26 13.56
CA ALA D 134 1.52 -20.33 12.81
C ALA D 134 1.24 -20.35 11.30
N ASP D 135 1.98 -19.57 10.52
CA ASP D 135 1.76 -19.42 9.07
C ASP D 135 2.54 -20.46 8.27
N GLY D 136 3.52 -21.13 8.87
CA GLY D 136 4.44 -21.96 8.09
C GLY D 136 3.79 -23.18 7.46
N MET D 137 2.78 -23.76 8.10
CA MET D 137 2.20 -25.01 7.56
C MET D 137 1.58 -24.75 6.19
N LEU D 138 0.70 -23.75 6.10
CA LEU D 138 0.07 -23.40 4.82
C LEU D 138 1.08 -22.80 3.85
N ASN D 139 2.07 -22.04 4.32
CA ASN D 139 3.13 -21.55 3.41
C ASN D 139 3.82 -22.76 2.75
N LEU D 140 4.14 -23.78 3.55
CA LEU D 140 4.89 -24.93 2.98
C LEU D 140 3.99 -25.74 2.05
N TYR D 141 2.72 -25.92 2.41
CA TYR D 141 1.75 -26.60 1.54
C TYR D 141 1.64 -25.86 0.20
N ASN D 142 1.51 -24.54 0.27
CA ASN D 142 1.43 -23.73 -0.96
C ASN D 142 2.70 -23.82 -1.76
N ALA D 143 3.87 -23.80 -1.11
CA ALA D 143 5.14 -23.88 -1.85
C ALA D 143 5.18 -25.17 -2.66
N VAL D 144 4.79 -26.27 -2.01
CA VAL D 144 4.76 -27.59 -2.68
C VAL D 144 3.73 -27.57 -3.82
N ALA D 145 2.53 -27.04 -3.58
CA ALA D 145 1.49 -26.88 -4.62
C ALA D 145 2.06 -26.13 -5.81
N VAL D 146 2.70 -25.00 -5.57
CA VAL D 146 3.27 -24.17 -6.67
C VAL D 146 4.41 -24.94 -7.35
N ALA D 147 5.27 -25.61 -6.59
CA ALA D 147 6.43 -26.34 -7.18
C ALA D 147 5.95 -27.53 -8.02
N SER D 148 4.72 -27.98 -7.81
CA SER D 148 4.13 -29.14 -8.51
C SER D 148 3.29 -28.71 -9.70
N ASP D 149 3.09 -27.41 -9.90
CA ASP D 149 2.11 -26.91 -10.89
C ASP D 149 2.85 -26.64 -12.21
N LYS D 150 2.31 -27.13 -13.30
CA LYS D 150 2.85 -26.84 -14.65
C LYS D 150 2.89 -25.34 -14.92
N GLN D 151 1.98 -24.56 -14.34
CA GLN D 151 1.93 -23.11 -14.60
C GLN D 151 3.16 -22.44 -14.03
N SER D 152 3.89 -23.10 -13.14
CA SER D 152 5.09 -22.51 -12.51
C SER D 152 6.32 -22.64 -13.40
N ARG D 153 6.30 -23.54 -14.36
CA ARG D 153 7.47 -23.76 -15.24
C ARG D 153 7.82 -22.49 -15.99
N GLY D 154 9.10 -22.14 -16.05
CA GLY D 154 9.60 -21.00 -16.83
C GLY D 154 9.29 -19.64 -16.21
N LYS D 155 8.81 -19.59 -14.97
CA LYS D 155 8.39 -18.30 -14.35
C LYS D 155 9.48 -17.73 -13.48
N GLY D 156 10.61 -18.41 -13.40
CA GLY D 156 11.70 -17.98 -12.53
C GLY D 156 11.44 -18.40 -11.09
N VAL D 157 12.33 -18.05 -10.20
CA VAL D 157 12.18 -18.43 -8.78
C VAL D 157 10.96 -17.70 -8.21
N LEU D 158 10.18 -18.43 -7.42
CA LEU D 158 8.96 -17.86 -6.80
C LEU D 158 9.07 -17.90 -5.29
N VAL D 159 8.30 -17.03 -4.63
CA VAL D 159 8.18 -17.04 -3.15
C VAL D 159 6.71 -17.14 -2.85
N THR D 160 6.28 -18.05 -1.99
CA THR D 160 4.83 -18.33 -1.80
C THR D 160 4.41 -18.18 -0.33
N MET D 161 4.43 -16.95 0.16
CA MET D 161 3.93 -16.64 1.53
C MET D 161 2.65 -15.79 1.47
N ASN D 162 1.78 -15.81 2.49
CA ASN D 162 0.63 -14.85 2.55
C ASN D 162 -0.31 -15.16 1.34
N ASP D 163 -0.36 -16.43 0.87
CA ASP D 163 -1.27 -16.85 -0.22
C ASP D 163 -0.91 -16.18 -1.53
N GLU D 164 0.28 -15.65 -1.63
CA GLU D 164 0.75 -14.97 -2.84
C GLU D 164 1.82 -15.78 -3.59
N ILE D 165 1.90 -15.51 -4.88
CA ILE D 165 3.03 -15.94 -5.73
C ILE D 165 3.81 -14.66 -6.05
N GLN D 166 4.96 -14.51 -5.42
CA GLN D 166 5.84 -13.35 -5.60
C GLN D 166 7.06 -13.74 -6.42
N SER D 167 7.51 -12.84 -7.28
CA SER D 167 8.78 -13.01 -8.01
C SER D 167 9.96 -12.99 -7.03
N GLY D 168 10.82 -14.02 -7.06
CA GLY D 168 12.07 -14.00 -6.29
C GLY D 168 12.99 -12.87 -6.70
N ARG D 169 12.86 -12.29 -7.89
CA ARG D 169 13.68 -11.14 -8.28
C ARG D 169 13.48 -9.97 -7.33
N ASP D 170 12.25 -9.54 -7.10
CA ASP D 170 12.06 -8.18 -6.50
C ASP D 170 11.14 -8.23 -5.29
N VAL D 171 10.74 -9.39 -4.85
CA VAL D 171 10.07 -9.46 -3.52
C VAL D 171 11.13 -9.15 -2.44
N SER D 172 10.71 -8.45 -1.42
CA SER D 172 11.59 -8.06 -0.31
C SER D 172 10.85 -8.22 1.00
N MET D 173 11.59 -8.42 2.08
CA MET D 173 11.01 -8.37 3.42
C MET D 173 10.81 -6.90 3.75
N ALA D 174 9.55 -6.49 3.74
CA ALA D 174 9.14 -5.08 3.81
C ALA D 174 8.41 -4.75 5.11
N VAL D 175 7.70 -5.69 5.69
CA VAL D 175 6.92 -5.45 6.91
C VAL D 175 7.43 -6.41 7.99
N ASN D 176 7.75 -5.90 9.14
CA ASN D 176 8.20 -6.75 10.25
C ASN D 176 6.97 -7.31 10.95
N ILE D 177 7.16 -8.48 11.59
CA ILE D 177 6.19 -9.17 12.48
C ILE D 177 5.05 -9.80 11.70
N LYS D 178 4.34 -9.04 10.86
CA LYS D 178 3.10 -9.52 10.21
C LYS D 178 3.37 -10.57 9.16
N THR D 179 2.38 -11.41 8.88
CA THR D 179 2.55 -12.49 7.89
C THR D 179 2.60 -11.96 6.46
N GLU D 180 2.17 -10.72 6.18
CA GLU D 180 2.24 -10.08 4.86
C GLU D 180 3.62 -9.44 4.63
N ALA D 181 4.63 -9.86 5.36
CA ALA D 181 5.98 -9.28 5.32
C ALA D 181 6.55 -9.10 3.92
N PHE D 182 6.36 -10.05 3.02
CA PHE D 182 7.06 -10.03 1.71
C PHE D 182 6.22 -9.32 0.66
N LYS D 183 6.78 -8.23 0.15
CA LYS D 183 6.10 -7.40 -0.88
C LYS D 183 7.06 -7.06 -2.01
N SER D 184 6.47 -6.80 -3.18
CA SER D 184 7.22 -6.32 -4.35
C SER D 184 6.64 -4.95 -4.73
N ALA D 185 7.50 -4.03 -5.12
CA ALA D 185 7.08 -2.76 -5.75
C ALA D 185 6.20 -3.00 -6.96
N TRP D 186 6.38 -4.15 -7.62
CA TRP D 186 5.71 -4.41 -8.91
C TRP D 186 4.56 -5.38 -8.72
N GLY D 187 4.17 -5.61 -7.48
CA GLY D 187 2.99 -6.42 -7.16
C GLY D 187 3.29 -7.91 -7.07
N PRO D 188 2.38 -8.66 -6.44
CA PRO D 188 2.41 -10.11 -6.57
C PRO D 188 2.12 -10.49 -8.03
N MET D 189 2.65 -11.61 -8.48
CA MET D 189 2.32 -12.10 -9.84
C MET D 189 1.07 -12.98 -9.82
N GLY D 190 0.72 -13.51 -8.66
CA GLY D 190 -0.44 -14.40 -8.56
C GLY D 190 -0.77 -14.72 -7.15
N MET D 191 -1.69 -15.65 -6.97
CA MET D 191 -2.10 -16.14 -5.66
C MET D 191 -2.18 -17.67 -5.71
N VAL D 192 -2.00 -18.28 -4.57
CA VAL D 192 -2.23 -19.73 -4.43
C VAL D 192 -3.25 -19.92 -3.32
N VAL D 193 -4.34 -20.57 -3.68
CA VAL D 193 -5.51 -20.77 -2.80
C VAL D 193 -6.01 -22.21 -2.96
N GLU D 194 -6.14 -22.93 -1.83
CA GLU D 194 -6.63 -24.35 -1.82
C GLU D 194 -5.87 -25.16 -2.89
N GLY D 195 -4.59 -24.97 -2.93
CA GLY D 195 -3.63 -25.72 -3.77
C GLY D 195 -3.60 -25.29 -5.21
N LYS D 196 -4.38 -24.31 -5.65
CA LYS D 196 -4.51 -23.89 -7.06
C LYS D 196 -3.85 -22.53 -7.23
N SER D 197 -3.14 -22.39 -8.33
CA SER D 197 -2.39 -21.17 -8.65
C SER D 197 -3.20 -20.33 -9.61
N TYR D 198 -3.25 -19.03 -9.36
CA TYR D 198 -3.98 -18.05 -10.18
C TYR D 198 -2.99 -16.95 -10.56
N TRP D 199 -2.70 -16.84 -11.84
CA TRP D 199 -1.69 -15.91 -12.38
C TRP D 199 -2.35 -14.65 -12.91
N PHE D 200 -1.73 -13.50 -12.68
CA PHE D 200 -2.20 -12.17 -13.13
C PHE D 200 -1.11 -11.35 -13.83
N ARG D 201 0.15 -11.71 -13.66
CA ARG D 201 1.27 -11.01 -14.29
C ARG D 201 2.34 -12.05 -14.58
N LEU D 202 3.25 -11.72 -15.50
CA LEU D 202 4.43 -12.52 -15.82
C LEU D 202 5.68 -11.69 -15.61
N PRO D 203 6.83 -12.32 -15.33
CA PRO D 203 8.08 -11.58 -15.22
C PRO D 203 8.45 -10.96 -16.57
N ALA D 204 9.11 -9.82 -16.48
CA ALA D 204 9.66 -9.11 -17.65
C ALA D 204 11.18 -9.25 -17.72
N LYS D 205 11.84 -9.44 -16.60
CA LYS D 205 13.31 -9.36 -16.51
C LYS D 205 13.94 -10.74 -16.73
N ARG D 206 15.21 -10.74 -17.13
CA ARG D 206 15.95 -11.98 -17.45
C ARG D 206 16.08 -12.85 -16.21
N HIS D 207 15.88 -14.16 -16.35
CA HIS D 207 16.02 -15.11 -15.22
C HIS D 207 16.28 -16.51 -15.79
N THR D 208 16.71 -17.35 -14.87
CA THR D 208 16.86 -18.82 -14.99
C THR D 208 17.33 -19.21 -16.39
N VAL D 209 16.44 -19.80 -17.20
CA VAL D 209 16.87 -20.35 -18.52
C VAL D 209 17.42 -19.27 -19.44
N ASN D 210 17.02 -17.99 -19.30
CA ASN D 210 17.49 -16.89 -20.19
C ASN D 210 18.63 -16.09 -19.56
N SER D 211 19.18 -16.55 -18.45
CA SER D 211 20.28 -15.89 -17.75
C SER D 211 21.61 -16.18 -18.45
N GLU D 212 22.50 -15.20 -18.46
CA GLU D 212 23.89 -15.41 -18.94
C GLU D 212 24.73 -16.06 -17.87
N PHE D 213 24.24 -16.19 -16.64
CA PHE D 213 25.01 -16.72 -15.49
C PHE D 213 24.58 -18.15 -15.26
N ASP D 214 25.50 -18.96 -14.74
CA ASP D 214 25.24 -20.38 -14.49
C ASP D 214 26.07 -20.85 -13.31
N ILE D 215 25.42 -21.35 -12.28
CA ILE D 215 26.05 -21.83 -11.03
C ILE D 215 27.08 -22.92 -11.39
N LYS D 216 26.84 -23.66 -12.46
CA LYS D 216 27.76 -24.75 -12.92
C LYS D 216 29.13 -24.16 -13.24
N GLN D 217 29.21 -22.88 -13.63
CA GLN D 217 30.50 -22.20 -13.94
C GLN D 217 30.96 -21.28 -12.81
N ILE D 218 30.31 -21.25 -11.65
CA ILE D 218 30.72 -20.36 -10.52
C ILE D 218 31.29 -21.21 -9.38
N SER D 219 32.58 -21.01 -9.09
CA SER D 219 33.25 -21.73 -7.98
C SER D 219 33.50 -20.79 -6.81
N SER D 220 33.42 -19.47 -7.00
CA SER D 220 33.67 -18.49 -5.93
C SER D 220 32.89 -17.22 -6.26
N LEU D 221 32.62 -16.42 -5.23
CA LEU D 221 31.90 -15.15 -5.41
C LEU D 221 32.81 -14.02 -4.94
N PRO D 222 32.90 -12.95 -5.72
CA PRO D 222 33.64 -11.77 -5.30
C PRO D 222 32.97 -11.15 -4.06
N GLN D 223 33.79 -10.60 -3.21
CA GLN D 223 33.34 -9.91 -1.99
C GLN D 223 32.69 -8.58 -2.40
N VAL D 224 31.46 -8.37 -1.94
CA VAL D 224 30.71 -7.11 -2.17
C VAL D 224 30.13 -6.67 -0.83
N ASP D 225 30.25 -5.39 -0.52
CA ASP D 225 29.76 -4.89 0.77
C ASP D 225 28.81 -3.71 0.53
N ILE D 226 28.12 -3.33 1.60
CA ILE D 226 27.09 -2.26 1.53
C ILE D 226 27.34 -1.19 2.59
N ALA D 227 27.26 0.06 2.20
CA ALA D 227 27.40 1.23 3.10
C ALA D 227 26.17 2.12 2.99
N TYR D 228 25.76 2.69 4.11
CA TYR D 228 24.49 3.44 4.19
C TYR D 228 24.73 4.94 4.07
N GLY D 229 23.81 5.65 3.44
CA GLY D 229 23.76 7.12 3.32
C GLY D 229 22.71 7.73 4.25
N TYR D 230 23.06 8.85 4.88
CA TYR D 230 22.24 9.54 5.89
C TYR D 230 22.88 10.91 6.14
N GLY D 231 22.20 11.78 6.89
CA GLY D 231 22.76 13.07 7.29
C GLY D 231 24.11 12.93 8.00
N ASN D 232 25.09 13.74 7.58
CA ASN D 232 26.43 13.77 8.19
C ASN D 232 27.17 12.45 8.01
N VAL D 233 26.82 11.64 7.03
CA VAL D 233 27.59 10.45 6.71
C VAL D 233 28.99 10.88 6.22
N THR D 234 29.97 10.08 6.55
CA THR D 234 31.38 10.31 6.12
C THR D 234 31.80 9.15 5.25
N ASP D 235 33.01 9.22 4.71
CA ASP D 235 33.54 8.16 3.80
C ASP D 235 34.09 6.96 4.57
N THR D 236 33.98 6.94 5.90
CA THR D 236 34.65 5.94 6.76
C THR D 236 34.23 4.52 6.38
N ALA D 237 32.94 4.23 6.30
CA ALA D 237 32.56 2.81 6.06
C ALA D 237 33.02 2.35 4.68
N TYR D 238 32.89 3.21 3.67
CA TYR D 238 33.22 2.89 2.27
C TYR D 238 34.70 2.49 2.21
N LYS D 239 35.56 3.33 2.78
CA LYS D 239 37.03 3.04 2.76
C LYS D 239 37.35 1.76 3.55
N ALA D 240 36.77 1.60 4.74
CA ALA D 240 37.06 0.44 5.58
C ALA D 240 36.63 -0.83 4.86
N LEU D 241 35.44 -0.82 4.23
CA LEU D 241 34.94 -2.03 3.54
C LEU D 241 35.91 -2.40 2.39
N ALA D 242 36.30 -1.45 1.58
CA ALA D 242 37.27 -1.65 0.47
C ALA D 242 38.61 -2.15 1.04
N GLN D 243 39.08 -1.58 2.15
CA GLN D 243 40.38 -1.95 2.75
C GLN D 243 40.31 -3.41 3.23
N ASN D 244 39.12 -3.94 3.53
CA ASN D 244 38.93 -5.32 4.05
C ASN D 244 38.39 -6.23 2.95
N GLY D 245 38.48 -5.81 1.70
CA GLY D 245 38.40 -6.71 0.54
C GLY D 245 37.24 -6.48 -0.40
N ALA D 246 36.39 -5.48 -0.16
CA ALA D 246 35.21 -5.31 -1.04
C ALA D 246 35.65 -5.04 -2.48
N LYS D 247 35.14 -5.78 -3.45
CA LYS D 247 35.44 -5.55 -4.89
C LYS D 247 34.41 -4.63 -5.53
N ALA D 248 33.26 -4.53 -4.89
CA ALA D 248 32.22 -3.54 -5.26
C ALA D 248 31.60 -3.05 -3.97
N LEU D 249 31.21 -1.81 -3.95
CA LEU D 249 30.43 -1.23 -2.83
C LEU D 249 29.05 -0.90 -3.37
N ILE D 250 28.05 -1.37 -2.66
CA ILE D 250 26.66 -0.90 -2.87
C ILE D 250 26.47 0.30 -1.95
N HIS D 251 26.19 1.44 -2.55
CA HIS D 251 25.84 2.68 -1.82
C HIS D 251 24.32 2.67 -1.60
N ALA D 252 23.89 2.56 -0.35
CA ALA D 252 22.45 2.60 -0.01
C ALA D 252 22.15 4.06 0.27
N GLY D 253 22.00 4.85 -0.79
CA GLY D 253 21.87 6.30 -0.65
C GLY D 253 20.51 6.73 -0.15
N THR D 254 20.46 7.97 0.30
CA THR D 254 19.20 8.69 0.42
C THR D 254 18.59 8.94 -0.97
N GLY D 255 17.29 9.17 -1.05
CA GLY D 255 16.59 9.59 -2.31
C GLY D 255 17.01 8.73 -3.47
N ASN D 256 17.30 9.37 -4.59
CA ASN D 256 17.58 8.67 -5.86
C ASN D 256 19.06 8.29 -5.94
N GLY D 257 19.50 7.46 -4.98
CA GLY D 257 20.89 7.03 -4.80
C GLY D 257 21.86 8.21 -4.61
N SER D 258 21.40 9.29 -4.02
CA SER D 258 22.22 10.51 -3.86
C SER D 258 23.43 10.24 -2.97
N VAL D 259 24.50 10.99 -3.24
CA VAL D 259 25.78 10.85 -2.52
C VAL D 259 26.15 12.20 -1.91
N SER D 260 26.43 12.18 -0.63
CA SER D 260 26.92 13.38 0.10
C SER D 260 28.18 13.95 -0.57
N SER D 261 28.27 15.26 -0.63
CA SER D 261 29.54 15.91 -1.08
C SER D 261 30.72 15.47 -0.21
N ARG D 262 30.52 15.02 1.02
CA ARG D 262 31.57 14.49 1.95
C ARG D 262 32.04 13.11 1.51
N VAL D 263 31.29 12.42 0.64
CA VAL D 263 31.57 11.02 0.26
C VAL D 263 32.02 10.91 -1.20
N VAL D 264 31.57 11.80 -2.05
CA VAL D 264 31.89 11.72 -3.50
C VAL D 264 33.39 11.55 -3.72
N PRO D 265 34.28 12.37 -3.11
CA PRO D 265 35.70 12.23 -3.43
C PRO D 265 36.23 10.84 -3.12
N ALA D 266 35.87 10.25 -1.96
CA ALA D 266 36.32 8.89 -1.61
C ALA D 266 35.81 7.91 -2.66
N LEU D 267 34.55 8.07 -3.15
CA LEU D 267 34.02 7.11 -4.13
C LEU D 267 34.76 7.22 -5.47
N GLN D 268 35.20 8.42 -5.83
CA GLN D 268 36.02 8.61 -7.06
C GLN D 268 37.35 7.91 -6.84
N GLU D 269 37.98 8.11 -5.69
CA GLU D 269 39.29 7.47 -5.39
C GLU D 269 39.13 5.96 -5.36
N LEU D 270 38.03 5.44 -4.75
CA LEU D 270 37.83 3.98 -4.74
C LEU D 270 37.64 3.46 -6.16
N ARG D 271 36.89 4.15 -6.99
CA ARG D 271 36.65 3.72 -8.38
C ARG D 271 37.99 3.67 -9.13
N LYS D 272 38.84 4.66 -8.95
CA LYS D 272 40.16 4.64 -9.64
C LYS D 272 41.00 3.49 -9.12
N ASN D 273 40.82 3.12 -7.85
CA ASN D 273 41.47 1.95 -7.24
C ASN D 273 40.82 0.62 -7.63
N GLY D 274 39.81 0.62 -8.52
CA GLY D 274 39.27 -0.59 -9.10
C GLY D 274 38.01 -1.11 -8.41
N VAL D 275 37.48 -0.36 -7.42
CA VAL D 275 36.25 -0.79 -6.70
C VAL D 275 35.05 -0.33 -7.51
N GLN D 276 34.16 -1.24 -7.87
CA GLN D 276 32.94 -0.82 -8.57
C GLN D 276 32.02 -0.11 -7.57
N ILE D 277 31.39 0.93 -8.02
CA ILE D 277 30.52 1.81 -7.18
C ILE D 277 29.11 1.70 -7.72
N ILE D 278 28.20 1.12 -6.95
CA ILE D 278 26.82 0.87 -7.43
C ILE D 278 25.88 1.66 -6.53
N ARG D 279 25.13 2.58 -7.12
CA ARG D 279 24.20 3.45 -6.39
C ARG D 279 22.82 2.80 -6.33
N SER D 280 22.47 2.35 -5.14
CA SER D 280 21.11 1.90 -4.77
C SER D 280 20.57 2.96 -3.80
N SER D 281 19.55 2.60 -3.03
CA SER D 281 18.95 3.56 -2.10
C SER D 281 18.26 2.82 -0.98
N HIS D 282 17.91 3.54 0.06
CA HIS D 282 16.99 3.02 1.11
C HIS D 282 15.59 3.61 0.93
N VAL D 283 15.19 3.79 -0.30
CA VAL D 283 13.85 4.25 -0.69
C VAL D 283 13.26 3.08 -1.46
N ASN D 284 12.62 2.14 -0.76
CA ASN D 284 12.54 0.77 -1.30
C ASN D 284 11.10 0.36 -1.64
N GLN D 285 10.09 1.22 -1.46
CA GLN D 285 8.68 0.84 -1.72
CA GLN D 285 8.69 0.83 -1.71
C GLN D 285 8.32 1.00 -3.19
N GLY D 286 9.07 1.78 -3.97
CA GLY D 286 8.78 1.91 -5.39
C GLY D 286 9.77 2.84 -6.06
N GLY D 287 9.64 3.00 -7.36
CA GLY D 287 10.54 3.84 -8.17
C GLY D 287 11.87 3.15 -8.40
N PHE D 288 12.87 3.89 -8.88
CA PHE D 288 14.18 3.32 -9.16
C PHE D 288 15.20 4.45 -9.14
N VAL D 289 16.46 4.07 -9.20
CA VAL D 289 17.61 5.01 -9.24
C VAL D 289 18.00 5.22 -10.71
N LEU D 290 17.93 6.48 -11.14
CA LEU D 290 18.11 6.91 -12.55
C LEU D 290 19.57 7.25 -12.83
N ARG D 291 20.14 6.65 -13.86
CA ARG D 291 21.53 6.96 -14.20
C ARG D 291 21.68 8.45 -14.58
N ASN D 292 22.78 9.05 -14.14
CA ASN D 292 23.19 10.43 -14.46
C ASN D 292 22.22 11.47 -13.85
N ALA D 293 21.28 11.11 -12.97
CA ALA D 293 20.37 12.09 -12.35
C ALA D 293 21.03 12.69 -11.12
N GLU D 294 21.22 11.96 -10.05
CA GLU D 294 21.79 12.58 -8.84
C GLU D 294 23.30 12.67 -8.91
N GLN D 295 23.99 11.86 -9.69
CA GLN D 295 25.46 11.89 -9.78
C GLN D 295 25.82 11.63 -11.22
N PRO D 296 26.98 12.15 -11.66
CA PRO D 296 27.40 11.98 -13.05
C PRO D 296 28.09 10.65 -13.26
N ASP D 297 27.27 9.59 -13.35
CA ASP D 297 27.77 8.20 -13.39
C ASP D 297 28.69 7.95 -14.61
N ASP D 298 28.39 8.55 -15.75
CA ASP D 298 29.27 8.41 -16.95
C ASP D 298 30.67 8.98 -16.64
N LYS D 299 30.74 10.17 -16.06
CA LYS D 299 32.03 10.86 -15.78
C LYS D 299 32.80 10.02 -14.77
N ASN D 300 32.12 9.51 -13.73
CA ASN D 300 32.77 8.80 -12.61
C ASN D 300 32.97 7.32 -12.87
N ASP D 301 32.37 6.76 -13.91
CA ASP D 301 32.34 5.31 -14.24
C ASP D 301 31.70 4.53 -13.08
N TRP D 302 30.55 5.02 -12.62
CA TRP D 302 29.75 4.35 -11.59
C TRP D 302 28.58 3.61 -12.27
N VAL D 303 27.80 2.89 -11.47
CA VAL D 303 26.66 2.07 -11.96
C VAL D 303 25.47 2.42 -11.05
N VAL D 304 24.28 2.46 -11.62
CA VAL D 304 23.04 2.54 -10.81
C VAL D 304 22.38 1.18 -10.71
N ALA D 305 21.74 0.95 -9.56
CA ALA D 305 21.14 -0.36 -9.23
C ALA D 305 19.71 -0.45 -9.77
N HIS D 306 19.24 0.56 -10.50
CA HIS D 306 17.86 0.54 -11.05
C HIS D 306 16.87 0.43 -9.89
N ASP D 307 15.95 -0.53 -9.91
CA ASP D 307 14.94 -0.63 -8.82
C ASP D 307 15.45 -1.48 -7.66
N LEU D 308 16.63 -2.07 -7.75
CA LEU D 308 17.06 -3.09 -6.79
C LEU D 308 17.51 -2.45 -5.49
N ASN D 309 16.97 -2.96 -4.38
CA ASN D 309 17.36 -2.48 -3.05
C ASN D 309 18.81 -2.93 -2.80
N PRO D 310 19.43 -2.44 -1.70
CA PRO D 310 20.86 -2.63 -1.55
C PRO D 310 21.31 -4.09 -1.50
N GLN D 311 20.61 -4.89 -0.73
CA GLN D 311 20.95 -6.32 -0.54
C GLN D 311 20.71 -7.08 -1.85
N LYS D 312 19.70 -6.74 -2.65
CA LYS D 312 19.49 -7.34 -3.97
C LYS D 312 20.60 -6.91 -4.92
N ALA D 313 20.98 -5.63 -4.89
CA ALA D 313 22.03 -5.09 -5.78
C ALA D 313 23.33 -5.81 -5.42
N ARG D 314 23.57 -6.08 -4.16
CA ARG D 314 24.80 -6.82 -3.77
C ARG D 314 24.82 -8.20 -4.48
N ILE D 315 23.75 -8.92 -4.42
CA ILE D 315 23.63 -10.26 -5.07
C ILE D 315 23.90 -10.15 -6.57
N LEU D 316 23.25 -9.23 -7.27
CA LEU D 316 23.48 -9.10 -8.73
C LEU D 316 24.93 -8.71 -9.00
N ALA D 317 25.48 -7.79 -8.23
CA ALA D 317 26.87 -7.31 -8.46
C ALA D 317 27.80 -8.53 -8.30
N MET D 318 27.62 -9.31 -7.26
CA MET D 318 28.53 -10.45 -6.95
C MET D 318 28.45 -11.45 -8.10
N VAL D 319 27.25 -11.80 -8.52
CA VAL D 319 27.07 -12.78 -9.63
C VAL D 319 27.67 -12.18 -10.89
N ALA D 320 27.36 -10.91 -11.19
CA ALA D 320 27.80 -10.28 -12.44
C ALA D 320 29.33 -10.27 -12.49
N MET D 321 29.97 -10.00 -11.37
CA MET D 321 31.46 -9.87 -11.33
C MET D 321 32.15 -11.24 -11.41
N THR D 322 31.43 -12.36 -11.39
CA THR D 322 32.02 -13.69 -11.74
C THR D 322 32.36 -13.68 -13.22
N LYS D 323 31.75 -12.80 -14.00
CA LYS D 323 31.87 -12.78 -15.46
C LYS D 323 32.58 -11.51 -15.97
N THR D 324 32.31 -10.33 -15.42
CA THR D 324 32.78 -9.06 -15.98
C THR D 324 33.09 -8.06 -14.88
N GLN D 325 34.08 -7.22 -15.10
CA GLN D 325 34.37 -6.04 -14.27
C GLN D 325 34.22 -4.77 -15.09
N ASP D 326 33.67 -4.87 -16.28
CA ASP D 326 33.43 -3.71 -17.15
C ASP D 326 32.20 -2.95 -16.66
N SER D 327 32.37 -1.69 -16.25
CA SER D 327 31.24 -0.92 -15.64
C SER D 327 30.08 -0.79 -16.62
N LYS D 328 30.33 -0.67 -17.93
CA LYS D 328 29.23 -0.56 -18.91
C LYS D 328 28.46 -1.88 -18.94
N GLU D 329 29.14 -3.01 -18.87
CA GLU D 329 28.49 -4.34 -18.89
C GLU D 329 27.70 -4.49 -17.60
N LEU D 330 28.28 -4.06 -16.48
CA LEU D 330 27.54 -4.16 -15.20
C LEU D 330 26.27 -3.30 -15.28
N GLN D 331 26.33 -2.11 -15.86
CA GLN D 331 25.12 -1.28 -15.99
C GLN D 331 24.09 -2.00 -16.86
N ARG D 332 24.50 -2.60 -17.98
CA ARG D 332 23.56 -3.39 -18.80
C ARG D 332 22.88 -4.46 -17.94
N ILE D 333 23.66 -5.21 -17.18
CA ILE D 333 23.16 -6.30 -16.32
C ILE D 333 22.12 -5.69 -15.35
N PHE D 334 22.43 -4.54 -14.75
CA PHE D 334 21.51 -3.91 -13.76
C PHE D 334 20.23 -3.46 -14.46
N TRP D 335 20.23 -3.29 -15.79
CA TRP D 335 19.05 -2.89 -16.58
C TRP D 335 18.31 -4.07 -17.19
N GLU D 336 18.89 -5.27 -17.16
CA GLU D 336 18.22 -6.46 -17.77
C GLU D 336 17.73 -7.49 -16.77
N TYR D 337 18.30 -7.55 -15.55
CA TYR D 337 17.99 -8.60 -14.56
C TYR D 337 17.21 -8.01 -13.38
N ASP E . -15.48 13.77 -13.11
CA ASP E . -14.38 14.17 -14.03
C ASP E . -14.48 13.26 -15.25
O ASP E . -14.60 13.67 -16.43
CB ASP E . -13.05 14.01 -13.27
CG ASP E . -11.86 14.46 -14.09
OD1 ASP E . -11.39 13.69 -14.89
OXT ASP E . -14.47 11.99 -15.02
N ASP F . -19.02 -14.63 4.97
CA ASP F . -18.40 -14.95 6.29
C ASP F . -19.13 -14.09 7.34
O ASP F . -19.04 -12.83 7.10
CB ASP F . -16.90 -14.68 6.19
CG ASP F . -16.15 -15.13 7.45
OD1 ASP F . -16.19 -14.37 8.41
OXT ASP F . -19.78 -14.52 8.33
N ASP G . 18.70 15.36 -3.70
CA ASP G . 17.75 16.51 -3.68
C ASP G . 17.82 17.12 -2.28
O ASP G . 18.12 18.31 -2.08
CB ASP G . 16.36 16.00 -4.06
CG ASP G . 15.33 17.09 -4.13
OD1 ASP G . 14.85 17.51 -3.12
OXT ASP G . 17.56 16.33 -1.32
N ASP H . 15.81 -14.40 11.84
CA ASP H . 15.05 -15.62 11.39
C ASP H . 15.76 -16.18 10.16
O ASP H . 16.21 -17.34 10.10
CB ASP H . 13.58 -15.23 11.10
CG ASP H . 12.69 -16.38 10.71
OD1 ASP H . 12.76 -16.79 9.59
OXT ASP H . 15.88 -15.41 9.16
#